data_4EXB
#
_entry.id   4EXB
#
_cell.length_a   94.331
_cell.length_b   119.036
_cell.length_c   150.854
_cell.angle_alpha   90.00
_cell.angle_beta   90.00
_cell.angle_gamma   90.00
#
_symmetry.space_group_name_H-M   'P 21 21 21'
#
loop_
_entity.id
_entity.type
_entity.pdbx_description
1 polymer 'Putative uncharacterized protein'
2 water water
#
_entity_poly.entity_id   1
_entity_poly.type   'polypeptide(L)'
_entity_poly.pdbx_seq_one_letter_code
;MHHHHHHSSGVDLGTENLYFQSMIRDTLHDLHRPLGDTGLAVSPLGLGTVKFGRDQGVKYPSGFTIPDDREAADLLALAR
DLGINLIDTAPAYGRSEERLGPLLRGQREHWVIVSKVGEEFVDGQSVFDFSAAHTRRSVERSLKRLETDRIELVLVHSDG
NDLDILENSEVYPTLAALKREGLIGAYGLSGKTVEGGLRALREGDCAMVTYNLNERAERPVIEYAAAHAKGILVKKALAS
GHACLGAGQDPVRASFELVFDQPGVAAAIVGTINPLHLAHNVAMAAQALKKA
;
_entity_poly.pdbx_strand_id   A,B,C,D,E,F
#
# COMPACT_ATOMS: atom_id res chain seq x y z
N PHE A 20 13.44 20.28 -56.40
CA PHE A 20 12.01 20.16 -55.99
C PHE A 20 11.76 18.93 -55.14
N GLN A 21 12.83 18.18 -54.86
CA GLN A 21 12.69 16.89 -54.17
C GLN A 21 12.60 17.07 -52.63
N SER A 22 11.85 18.09 -52.19
CA SER A 22 11.33 18.17 -50.83
C SER A 22 9.79 18.14 -50.94
N MET A 23 9.35 17.02 -51.51
CA MET A 23 8.00 16.49 -51.44
C MET A 23 7.91 15.52 -50.23
N ILE A 24 9.06 15.24 -49.63
CA ILE A 24 9.14 14.58 -48.35
C ILE A 24 9.16 15.65 -47.27
N ARG A 25 8.21 16.56 -47.37
CA ARG A 25 8.06 17.70 -46.46
C ARG A 25 7.55 17.25 -45.06
N ASP A 26 6.49 16.44 -45.03
CA ASP A 26 5.97 15.91 -43.77
C ASP A 26 6.67 14.62 -43.39
N THR A 27 7.34 14.63 -42.24
CA THR A 27 8.04 13.46 -41.73
C THR A 27 7.64 13.16 -40.29
N LEU A 28 8.17 12.08 -39.73
CA LEU A 28 7.81 11.62 -38.40
C LEU A 28 8.90 11.86 -37.36
N HIS A 29 9.91 12.66 -37.70
CA HIS A 29 11.09 12.83 -36.82
C HIS A 29 10.75 13.28 -35.39
N ASP A 30 9.78 14.18 -35.27
CA ASP A 30 9.42 14.75 -33.98
C ASP A 30 8.19 14.11 -33.34
N LEU A 31 7.82 12.93 -33.83
CA LEU A 31 6.63 12.24 -33.35
C LEU A 31 6.97 10.90 -32.70
N HIS A 32 8.25 10.60 -32.49
CA HIS A 32 8.63 9.35 -31.81
C HIS A 32 7.94 9.23 -30.45
N ARG A 33 7.62 8.00 -30.06
CA ARG A 33 6.85 7.71 -28.85
C ARG A 33 7.46 6.50 -28.18
N PRO A 34 7.36 6.42 -26.84
CA PRO A 34 7.89 5.22 -26.18
C PRO A 34 6.99 4.00 -26.36
N LEU A 35 7.60 2.82 -26.47
CA LEU A 35 6.90 1.55 -26.63
C LEU A 35 6.75 0.92 -25.25
N GLY A 36 5.67 1.30 -24.57
CA GLY A 36 5.40 0.87 -23.20
C GLY A 36 6.53 1.26 -22.27
N ASP A 37 6.88 0.34 -21.37
CA ASP A 37 7.96 0.56 -20.42
C ASP A 37 9.25 -0.10 -20.84
N THR A 38 9.43 -0.36 -22.14
CA THR A 38 10.64 -1.06 -22.63
C THR A 38 11.87 -0.17 -22.71
N GLY A 39 11.66 1.15 -22.67
CA GLY A 39 12.74 2.11 -22.88
C GLY A 39 13.13 2.32 -24.33
N LEU A 40 12.34 1.75 -25.26
CA LEU A 40 12.55 1.96 -26.68
C LEU A 40 11.64 3.07 -27.14
N ALA A 41 12.16 3.97 -27.96
CA ALA A 41 11.38 5.06 -28.58
C ALA A 41 11.22 4.74 -30.06
N VAL A 42 10.01 4.84 -30.57
CA VAL A 42 9.73 4.39 -31.93
C VAL A 42 8.89 5.39 -32.69
N SER A 43 9.15 5.49 -33.99
CA SER A 43 8.29 6.22 -34.89
C SER A 43 6.90 5.60 -34.88
N PRO A 44 5.85 6.43 -35.03
CA PRO A 44 4.46 5.94 -35.05
C PRO A 44 4.13 5.07 -36.23
N LEU A 45 4.99 5.05 -37.25
CA LEU A 45 4.88 4.04 -38.31
C LEU A 45 6.15 3.22 -38.31
N GLY A 46 5.97 1.93 -38.55
CA GLY A 46 7.05 0.98 -38.66
C GLY A 46 6.98 0.37 -40.04
N LEU A 47 8.11 -0.05 -40.57
CA LEU A 47 8.16 -0.60 -41.88
C LEU A 47 7.99 -2.04 -41.79
N GLY A 48 7.17 -2.61 -42.63
CA GLY A 48 6.97 -4.03 -42.61
C GLY A 48 7.70 -4.67 -43.73
N THR A 49 8.23 -5.83 -43.52
CA THR A 49 9.05 -6.38 -44.55
C THR A 49 8.73 -7.74 -44.89
N VAL A 50 7.45 -8.05 -44.97
CA VAL A 50 6.93 -9.30 -45.48
C VAL A 50 7.23 -9.44 -46.95
N LYS A 51 6.96 -8.42 -47.71
CA LYS A 51 7.20 -8.44 -49.11
C LYS A 51 8.64 -8.47 -49.47
N PHE A 52 9.53 -8.37 -48.51
CA PHE A 52 10.93 -8.47 -48.79
C PHE A 52 11.38 -9.92 -48.91
N GLY A 53 10.59 -10.83 -48.43
CA GLY A 53 10.93 -12.24 -48.45
C GLY A 53 9.76 -13.15 -48.66
N ARG A 54 8.58 -12.55 -48.81
CA ARG A 54 7.36 -13.03 -49.45
C ARG A 54 6.67 -14.28 -48.88
N ASP A 55 6.13 -14.13 -47.67
CA ASP A 55 5.69 -15.20 -46.71
C ASP A 55 6.04 -16.65 -47.10
N THR A 65 4.93 -9.10 -56.09
CA THR A 65 6.30 -9.05 -56.59
C THR A 65 7.29 -8.50 -55.53
N ILE A 66 8.50 -9.05 -55.53
CA ILE A 66 9.49 -8.80 -54.49
C ILE A 66 10.49 -7.76 -54.92
N PRO A 67 10.83 -6.82 -54.02
CA PRO A 67 11.83 -5.80 -54.36
C PRO A 67 13.25 -6.34 -54.62
N ASP A 68 13.78 -5.90 -55.77
CA ASP A 68 15.20 -5.81 -56.06
C ASP A 68 16.03 -5.25 -54.89
N ASP A 69 17.22 -5.81 -54.66
CA ASP A 69 18.13 -5.32 -53.60
C ASP A 69 18.26 -3.79 -53.65
N ARG A 70 18.16 -3.25 -54.86
CA ARG A 70 18.26 -1.82 -55.09
C ARG A 70 17.01 -1.14 -54.53
N GLU A 71 15.85 -1.63 -54.96
CA GLU A 71 14.56 -1.12 -54.52
C GLU A 71 14.38 -1.20 -53.01
N ALA A 72 14.91 -2.27 -52.41
CA ALA A 72 14.83 -2.48 -50.97
C ALA A 72 15.71 -1.50 -50.20
N ALA A 73 16.93 -1.26 -50.69
CA ALA A 73 17.84 -0.31 -50.04
C ALA A 73 17.28 1.11 -50.12
N ASP A 74 16.61 1.39 -51.22
CA ASP A 74 16.00 2.69 -51.46
C ASP A 74 14.81 2.91 -50.54
N LEU A 75 14.02 1.87 -50.31
CA LEU A 75 12.85 1.94 -49.43
C LEU A 75 13.27 2.20 -47.97
N LEU A 76 14.34 1.54 -47.54
CA LEU A 76 14.92 1.76 -46.22
C LEU A 76 15.48 3.18 -46.11
N ALA A 77 16.19 3.62 -47.14
CA ALA A 77 16.80 4.94 -47.13
C ALA A 77 15.72 6.04 -47.07
N LEU A 78 14.65 5.87 -47.84
CA LEU A 78 13.55 6.80 -47.81
C LEU A 78 12.82 6.76 -46.45
N ALA A 79 12.62 5.55 -45.90
CA ALA A 79 11.95 5.39 -44.61
C ALA A 79 12.67 6.20 -43.56
N ARG A 80 13.99 6.09 -43.57
CA ARG A 80 14.85 6.77 -42.63
C ARG A 80 14.69 8.30 -42.69
N ASP A 81 14.78 8.85 -43.90
CA ASP A 81 14.59 10.27 -44.13
C ASP A 81 13.15 10.72 -43.88
N LEU A 82 12.23 9.77 -43.83
CA LEU A 82 10.83 10.06 -43.49
C LEU A 82 10.60 10.04 -41.95
N GLY A 83 11.66 9.75 -41.20
CA GLY A 83 11.60 9.66 -39.74
C GLY A 83 11.24 8.31 -39.16
N ILE A 84 11.21 7.25 -39.99
CA ILE A 84 10.92 5.91 -39.50
C ILE A 84 12.20 5.29 -38.91
N ASN A 85 12.07 4.67 -37.72
CA ASN A 85 13.16 3.91 -37.12
C ASN A 85 12.72 2.54 -36.61
N LEU A 86 11.53 2.11 -37.05
CA LEU A 86 10.94 0.84 -36.60
C LEU A 86 10.79 -0.07 -37.80
N ILE A 87 11.26 -1.31 -37.64
CA ILE A 87 11.17 -2.28 -38.73
C ILE A 87 10.68 -3.65 -38.17
N ASP A 88 9.81 -4.30 -38.93
CA ASP A 88 9.14 -5.51 -38.47
C ASP A 88 9.46 -6.64 -39.40
N THR A 89 9.90 -7.77 -38.86
CA THR A 89 10.19 -8.94 -39.69
C THR A 89 9.84 -10.24 -38.96
N ALA A 90 10.12 -11.36 -39.59
CA ALA A 90 9.85 -12.66 -39.01
C ALA A 90 10.52 -13.78 -39.79
N PRO A 91 10.87 -14.87 -39.10
CA PRO A 91 11.34 -16.10 -39.77
C PRO A 91 10.36 -16.57 -40.83
N ALA A 92 9.07 -16.43 -40.58
CA ALA A 92 8.02 -16.88 -41.52
C ALA A 92 7.94 -16.06 -42.81
N TYR A 93 8.48 -14.84 -42.83
CA TYR A 93 8.37 -13.99 -44.02
C TYR A 93 9.44 -14.35 -45.04
N GLY A 94 9.50 -15.63 -45.41
CA GLY A 94 10.46 -16.09 -46.40
C GLY A 94 11.85 -15.73 -45.96
N ARG A 95 12.52 -14.91 -46.76
CA ARG A 95 13.89 -14.51 -46.52
C ARG A 95 14.02 -13.09 -46.11
N SER A 96 12.97 -12.51 -45.64
CA SER A 96 13.03 -11.17 -45.14
C SER A 96 14.21 -11.06 -44.20
N GLU A 97 14.24 -11.88 -43.15
CA GLU A 97 15.34 -11.83 -42.16
C GLU A 97 16.71 -11.88 -42.83
N GLU A 98 16.92 -12.91 -43.63
CA GLU A 98 18.19 -13.14 -44.28
C GLU A 98 18.68 -11.94 -45.13
N ARG A 99 17.76 -11.33 -45.87
CA ARG A 99 18.07 -10.14 -46.70
C ARG A 99 18.39 -8.88 -45.85
N LEU A 100 17.73 -8.75 -44.72
CA LEU A 100 17.84 -7.53 -43.94
C LEU A 100 19.24 -7.33 -43.34
N GLY A 101 19.91 -8.43 -43.01
CA GLY A 101 21.24 -8.36 -42.42
C GLY A 101 22.19 -7.51 -43.24
N PRO A 102 22.44 -7.90 -44.50
CA PRO A 102 23.24 -7.14 -45.46
C PRO A 102 22.71 -5.74 -45.72
N LEU A 103 21.40 -5.62 -45.91
CA LEU A 103 20.77 -4.34 -46.20
C LEU A 103 20.90 -3.33 -45.07
N LEU A 104 21.01 -3.82 -43.82
CA LEU A 104 21.11 -2.94 -42.66
C LEU A 104 22.56 -2.66 -42.23
N ARG A 105 23.52 -3.34 -42.85
CA ARG A 105 24.94 -3.04 -42.60
C ARG A 105 25.22 -1.55 -42.69
N GLY A 106 25.85 -1.01 -41.66
CA GLY A 106 26.20 0.41 -41.65
C GLY A 106 25.13 1.30 -41.08
N GLN A 107 23.93 0.76 -40.82
CA GLN A 107 22.84 1.55 -40.21
C GLN A 107 22.04 0.84 -39.13
N ARG A 108 22.40 -0.38 -38.76
CA ARG A 108 21.62 -1.14 -37.78
C ARG A 108 21.26 -0.31 -36.55
N GLU A 109 22.21 0.49 -36.06
CA GLU A 109 22.01 1.28 -34.86
C GLU A 109 20.83 2.24 -34.97
N HIS A 110 20.45 2.64 -36.18
CA HIS A 110 19.28 3.51 -36.37
C HIS A 110 17.98 2.80 -35.99
N TRP A 111 17.93 1.49 -36.20
CA TRP A 111 16.68 0.74 -36.22
C TRP A 111 16.35 0.00 -34.95
N VAL A 112 15.09 0.13 -34.52
CA VAL A 112 14.47 -0.77 -33.57
C VAL A 112 13.90 -1.94 -34.34
N ILE A 113 14.48 -3.13 -34.19
CA ILE A 113 14.02 -4.30 -34.96
C ILE A 113 13.05 -5.18 -34.16
N VAL A 114 11.90 -5.50 -34.76
CA VAL A 114 10.97 -6.45 -34.20
C VAL A 114 11.00 -7.71 -35.02
N SER A 115 11.20 -8.84 -34.37
CA SER A 115 11.07 -10.14 -35.06
C SER A 115 10.22 -11.10 -34.22
N LYS A 116 10.10 -12.34 -34.68
CA LYS A 116 9.13 -13.25 -34.10
C LYS A 116 9.71 -14.65 -33.98
N VAL A 117 9.08 -15.46 -33.15
CA VAL A 117 9.41 -16.88 -33.03
C VAL A 117 8.14 -17.70 -33.10
N GLY A 118 8.25 -18.88 -33.70
CA GLY A 118 7.20 -19.90 -33.56
C GLY A 118 6.57 -20.36 -34.86
N GLU A 119 6.56 -19.51 -35.87
CA GLU A 119 5.99 -19.90 -37.16
C GLU A 119 7.12 -20.08 -38.14
N GLU A 120 6.98 -21.06 -39.03
CA GLU A 120 8.10 -21.48 -39.87
C GLU A 120 7.66 -21.72 -41.33
N ASP A 123 7.34 -26.34 -46.25
CA ASP A 123 7.47 -26.00 -47.67
C ASP A 123 6.22 -25.32 -48.25
N GLY A 124 5.08 -26.04 -48.27
CA GLY A 124 3.81 -25.48 -48.77
C GLY A 124 3.24 -24.55 -47.72
N GLN A 125 3.32 -25.00 -46.46
CA GLN A 125 2.45 -24.50 -45.40
C GLN A 125 3.18 -23.99 -44.16
N SER A 126 2.39 -23.32 -43.31
CA SER A 126 2.73 -23.04 -41.93
C SER A 126 3.26 -24.28 -41.23
N VAL A 127 4.18 -24.04 -40.31
CA VAL A 127 4.52 -25.01 -39.27
C VAL A 127 4.82 -24.24 -37.97
N PHE A 128 4.24 -24.69 -36.85
CA PHE A 128 4.43 -24.01 -35.57
C PHE A 128 5.16 -24.88 -34.54
N ASP A 129 6.07 -24.26 -33.81
CA ASP A 129 6.85 -24.95 -32.78
C ASP A 129 7.13 -23.93 -31.67
N PHE A 130 6.54 -24.18 -30.51
CA PHE A 130 6.72 -23.28 -29.39
C PHE A 130 7.59 -23.86 -28.28
N SER A 131 8.39 -24.86 -28.64
CA SER A 131 9.32 -25.48 -27.71
C SER A 131 10.43 -24.51 -27.40
N ALA A 132 11.02 -24.67 -26.20
CA ALA A 132 12.16 -23.87 -25.74
C ALA A 132 13.33 -24.07 -26.68
N ALA A 133 13.58 -25.33 -27.07
CA ALA A 133 14.66 -25.66 -28.00
C ALA A 133 14.55 -24.85 -29.29
N HIS A 134 13.35 -24.85 -29.89
CA HIS A 134 13.13 -24.10 -31.13
C HIS A 134 13.16 -22.60 -30.91
N THR A 135 12.58 -22.11 -29.81
CA THR A 135 12.59 -20.70 -29.50
C THR A 135 14.01 -20.17 -29.49
N ARG A 136 14.85 -20.87 -28.75
CA ARG A 136 16.24 -20.50 -28.59
C ARG A 136 17.01 -20.66 -29.90
N ARG A 137 16.65 -21.66 -30.67
CA ARG A 137 17.34 -21.93 -31.94
C ARG A 137 16.98 -20.88 -32.99
N SER A 138 15.73 -20.41 -32.97
CA SER A 138 15.20 -19.42 -33.90
C SER A 138 15.81 -18.05 -33.65
N VAL A 139 15.88 -17.66 -32.38
CA VAL A 139 16.42 -16.36 -32.01
C VAL A 139 17.91 -16.26 -32.30
N GLU A 140 18.63 -17.34 -32.04
CA GLU A 140 20.06 -17.42 -32.40
C GLU A 140 20.23 -17.20 -33.91
N ARG A 141 19.40 -17.90 -34.68
CA ARG A 141 19.44 -17.81 -36.14
C ARG A 141 19.04 -16.42 -36.63
N SER A 142 18.08 -15.78 -35.96
CA SER A 142 17.64 -14.43 -36.33
C SER A 142 18.76 -13.41 -36.13
N LEU A 143 19.45 -13.53 -35.00
CA LEU A 143 20.62 -12.68 -34.70
C LEU A 143 21.72 -12.86 -35.74
N LYS A 144 21.90 -14.10 -36.17
CA LYS A 144 22.92 -14.46 -37.16
C LYS A 144 22.56 -13.86 -38.50
N ARG A 145 21.33 -14.10 -38.94
CA ARG A 145 20.80 -13.56 -40.20
C ARG A 145 20.83 -12.03 -40.27
N LEU A 146 20.48 -11.38 -39.17
CA LEU A 146 20.47 -9.92 -39.09
C LEU A 146 21.85 -9.31 -38.79
N GLU A 147 22.87 -10.15 -38.57
CA GLU A 147 24.25 -9.70 -38.35
C GLU A 147 24.30 -8.73 -37.20
N THR A 148 23.83 -9.20 -36.05
CA THR A 148 23.71 -8.35 -34.87
C THR A 148 23.68 -9.20 -33.59
N ASP A 149 24.07 -8.59 -32.47
CA ASP A 149 24.21 -9.33 -31.21
C ASP A 149 22.95 -9.26 -30.37
N ARG A 150 21.93 -8.54 -30.85
CA ARG A 150 20.69 -8.39 -30.09
C ARG A 150 19.54 -7.83 -30.93
N ILE A 151 18.30 -8.22 -30.59
CA ILE A 151 17.09 -7.76 -31.27
C ILE A 151 16.21 -7.05 -30.25
N GLU A 152 15.72 -5.87 -30.60
CA GLU A 152 14.98 -5.05 -29.62
C GLU A 152 13.71 -5.72 -29.11
N LEU A 153 12.94 -6.31 -30.00
CA LEU A 153 11.69 -6.93 -29.61
C LEU A 153 11.46 -8.24 -30.35
N VAL A 154 11.17 -9.30 -29.63
CA VAL A 154 10.79 -10.55 -30.28
C VAL A 154 9.41 -10.96 -29.79
N LEU A 155 8.49 -11.14 -30.73
CA LEU A 155 7.10 -11.47 -30.42
C LEU A 155 6.81 -12.93 -30.77
N VAL A 156 6.02 -13.59 -29.93
CA VAL A 156 5.49 -14.93 -30.21
C VAL A 156 4.55 -14.88 -31.42
N HIS A 157 4.81 -15.73 -32.40
CA HIS A 157 4.04 -15.71 -33.65
C HIS A 157 2.90 -16.75 -33.59
N SER A 158 1.75 -16.33 -33.10
CA SER A 158 0.66 -17.25 -32.74
C SER A 158 -0.06 -17.87 -33.93
N ASP A 159 -0.53 -19.10 -33.77
CA ASP A 159 -1.38 -19.76 -34.77
C ASP A 159 -2.84 -19.39 -34.60
N GLY A 160 -3.14 -18.65 -33.53
CA GLY A 160 -4.50 -18.24 -33.18
C GLY A 160 -4.82 -18.69 -31.77
N ASN A 161 -4.18 -19.77 -31.35
CA ASN A 161 -4.43 -20.35 -30.05
C ASN A 161 -3.58 -19.67 -28.97
N ASP A 162 -3.70 -18.35 -28.89
CA ASP A 162 -2.81 -17.54 -28.05
C ASP A 162 -2.68 -18.07 -26.63
N LEU A 163 -3.82 -18.19 -25.97
CA LEU A 163 -3.85 -18.43 -24.55
C LEU A 163 -3.22 -19.77 -24.20
N ASP A 164 -3.49 -20.78 -25.02
CA ASP A 164 -2.92 -22.11 -24.79
C ASP A 164 -1.41 -22.10 -24.98
N ILE A 165 -0.96 -21.38 -26.00
CA ILE A 165 0.48 -21.23 -26.24
C ILE A 165 1.16 -20.53 -25.07
N LEU A 166 0.60 -19.43 -24.62
CA LEU A 166 1.20 -18.68 -23.50
C LEU A 166 1.19 -19.47 -22.18
N GLU A 167 0.25 -20.41 -22.03
CA GLU A 167 0.10 -21.11 -20.76
C GLU A 167 0.80 -22.46 -20.71
N ASN A 168 0.69 -23.24 -21.78
CA ASN A 168 1.09 -24.65 -21.77
C ASN A 168 2.31 -24.99 -22.66
N SER A 169 2.99 -23.97 -23.16
CA SER A 169 4.21 -24.14 -23.93
C SER A 169 5.39 -23.43 -23.24
N GLU A 170 6.57 -23.69 -23.76
CA GLU A 170 7.79 -23.25 -23.10
C GLU A 170 8.25 -21.86 -23.64
N VAL A 171 7.61 -21.37 -24.71
CA VAL A 171 8.08 -20.17 -25.45
C VAL A 171 8.23 -18.88 -24.61
N TYR A 172 7.23 -18.54 -23.80
CA TYR A 172 7.26 -17.26 -23.09
C TYR A 172 8.34 -17.23 -21.99
N PRO A 173 8.44 -18.31 -21.17
CA PRO A 173 9.56 -18.34 -20.22
C PRO A 173 10.93 -18.37 -20.89
N THR A 174 11.06 -19.04 -22.04
CA THR A 174 12.32 -19.02 -22.79
C THR A 174 12.66 -17.60 -23.24
N LEU A 175 11.69 -16.91 -23.85
CA LEU A 175 11.90 -15.51 -24.25
C LEU A 175 12.33 -14.65 -23.05
N ALA A 176 11.72 -14.89 -21.89
CA ALA A 176 12.08 -14.19 -20.64
C ALA A 176 13.56 -14.42 -20.29
N ALA A 177 14.03 -15.65 -20.47
CA ALA A 177 15.43 -16.00 -20.23
C ALA A 177 16.33 -15.27 -21.21
N LEU A 178 15.99 -15.35 -22.50
CA LEU A 178 16.72 -14.67 -23.56
C LEU A 178 16.81 -13.16 -23.32
N LYS A 179 15.79 -12.59 -22.68
CA LYS A 179 15.81 -11.18 -22.31
C LYS A 179 16.86 -10.91 -21.24
N ARG A 180 16.88 -11.75 -20.19
CA ARG A 180 17.88 -11.68 -19.13
C ARG A 180 19.28 -11.86 -19.68
N GLU A 181 19.42 -12.78 -20.62
CA GLU A 181 20.71 -13.06 -21.22
C GLU A 181 21.21 -11.95 -22.14
N GLY A 182 20.35 -10.98 -22.43
CA GLY A 182 20.73 -9.82 -23.25
C GLY A 182 20.60 -10.02 -24.76
N LEU A 183 20.22 -11.21 -25.19
CA LEU A 183 20.01 -11.50 -26.61
C LEU A 183 18.79 -10.79 -27.20
N ILE A 184 17.78 -10.50 -26.38
CA ILE A 184 16.68 -9.66 -26.85
C ILE A 184 16.40 -8.56 -25.85
N GLY A 185 15.85 -7.45 -26.32
CA GLY A 185 15.60 -6.30 -25.47
C GLY A 185 14.25 -6.35 -24.76
N ALA A 186 13.27 -6.98 -25.40
CA ALA A 186 11.90 -7.12 -24.87
C ALA A 186 11.20 -8.28 -25.57
N TYR A 187 10.09 -8.76 -25.00
CA TYR A 187 9.31 -9.82 -25.65
C TYR A 187 7.83 -9.58 -25.55
N GLY A 188 7.08 -10.36 -26.31
CA GLY A 188 5.64 -10.20 -26.37
C GLY A 188 4.94 -11.18 -27.30
N LEU A 189 3.71 -10.82 -27.67
CA LEU A 189 2.84 -11.68 -28.49
C LEU A 189 2.38 -10.91 -29.73
N SER A 190 2.40 -11.57 -30.88
CA SER A 190 1.63 -11.12 -32.04
C SER A 190 0.45 -12.03 -32.11
N GLY A 191 -0.64 -11.60 -31.50
CA GLY A 191 -1.78 -12.48 -31.24
C GLY A 191 -2.92 -12.26 -32.19
N LYS A 192 -3.97 -13.05 -31.97
CA LYS A 192 -5.22 -12.93 -32.71
C LYS A 192 -6.43 -12.82 -31.83
N THR A 193 -6.29 -13.02 -30.53
CA THR A 193 -7.45 -13.05 -29.63
C THR A 193 -7.29 -12.05 -28.51
N VAL A 194 -8.39 -11.56 -27.98
CA VAL A 194 -8.32 -10.52 -26.95
C VAL A 194 -7.79 -11.09 -25.64
N GLU A 195 -8.13 -12.35 -25.38
CA GLU A 195 -7.71 -12.99 -24.15
C GLU A 195 -6.20 -13.25 -24.18
N GLY A 196 -5.68 -13.55 -25.36
CA GLY A 196 -4.26 -13.81 -25.51
C GLY A 196 -3.45 -12.55 -25.34
N GLY A 197 -3.91 -11.47 -25.97
CA GLY A 197 -3.26 -10.17 -25.85
C GLY A 197 -3.17 -9.71 -24.41
N LEU A 198 -4.19 -10.01 -23.63
CA LEU A 198 -4.23 -9.61 -22.23
C LEU A 198 -3.21 -10.38 -21.41
N ARG A 199 -3.08 -11.69 -21.64
CA ARG A 199 -2.09 -12.50 -20.93
C ARG A 199 -0.67 -12.09 -21.27
N ALA A 200 -0.42 -11.84 -22.55
CA ALA A 200 0.91 -11.46 -23.00
C ALA A 200 1.44 -10.26 -22.21
N LEU A 201 0.52 -9.38 -21.84
CA LEU A 201 0.85 -8.13 -21.15
C LEU A 201 0.97 -8.27 -19.63
N ARG A 202 0.59 -9.39 -19.08
CA ARG A 202 0.71 -9.62 -17.66
C ARG A 202 2.13 -9.92 -17.27
N GLU A 203 2.81 -10.75 -18.04
CA GLU A 203 4.24 -11.01 -17.80
C GLU A 203 5.14 -10.32 -18.83
N GLY A 204 4.68 -10.27 -20.08
CA GLY A 204 5.49 -9.74 -21.17
C GLY A 204 5.38 -8.25 -21.32
N ASP A 205 6.06 -7.74 -22.35
CA ASP A 205 6.29 -6.31 -22.52
C ASP A 205 5.34 -5.67 -23.50
N CYS A 206 4.82 -6.43 -24.44
CA CYS A 206 4.20 -5.82 -25.60
C CYS A 206 3.26 -6.76 -26.35
N ALA A 207 2.22 -6.20 -26.97
CA ALA A 207 1.31 -6.98 -27.80
C ALA A 207 1.12 -6.32 -29.15
N MET A 208 1.24 -7.10 -30.21
CA MET A 208 0.94 -6.65 -31.56
C MET A 208 -0.47 -7.13 -31.91
N VAL A 209 -1.37 -6.20 -32.14
CA VAL A 209 -2.79 -6.50 -32.25
C VAL A 209 -3.31 -5.96 -33.57
N THR A 210 -4.38 -6.58 -34.09
CA THR A 210 -5.09 -6.09 -35.27
C THR A 210 -6.07 -5.02 -34.85
N TYR A 211 -6.08 -3.91 -35.58
CA TYR A 211 -7.00 -2.81 -35.29
C TYR A 211 -7.16 -1.93 -36.51
N ASN A 212 -8.34 -1.96 -37.11
CA ASN A 212 -8.62 -1.21 -38.32
C ASN A 212 -10.11 -0.92 -38.39
N LEU A 213 -10.56 -0.29 -39.48
CA LEU A 213 -11.94 0.19 -39.57
C LEU A 213 -12.95 -0.95 -39.50
N ASN A 214 -12.61 -2.10 -40.07
CA ASN A 214 -13.45 -3.32 -40.04
C ASN A 214 -13.33 -4.18 -38.76
N GLU A 215 -12.19 -4.15 -38.10
CA GLU A 215 -11.90 -5.10 -37.02
C GLU A 215 -11.43 -4.37 -35.76
N ARG A 216 -12.27 -4.34 -34.73
CA ARG A 216 -11.96 -3.60 -33.51
C ARG A 216 -12.11 -4.42 -32.23
N ALA A 217 -12.20 -5.74 -32.39
CA ALA A 217 -12.37 -6.64 -31.25
C ALA A 217 -11.26 -6.57 -30.20
N GLU A 218 -10.04 -6.24 -30.64
CA GLU A 218 -8.87 -6.23 -29.76
C GLU A 218 -8.65 -4.88 -29.04
N ARG A 219 -9.66 -4.02 -29.09
CA ARG A 219 -9.60 -2.73 -28.39
C ARG A 219 -9.29 -2.83 -26.89
N PRO A 220 -9.89 -3.80 -26.18
CA PRO A 220 -9.59 -3.96 -24.77
C PRO A 220 -8.12 -4.15 -24.46
N VAL A 221 -7.41 -4.86 -25.33
CA VAL A 221 -5.97 -5.08 -25.14
C VAL A 221 -5.24 -3.75 -25.20
N ILE A 222 -5.70 -2.87 -26.08
CA ILE A 222 -5.08 -1.55 -26.22
C ILE A 222 -5.38 -0.72 -24.99
N GLU A 223 -6.62 -0.79 -24.52
CA GLU A 223 -7.06 -0.02 -23.35
C GLU A 223 -6.31 -0.46 -22.09
N TYR A 224 -6.19 -1.77 -21.89
CA TYR A 224 -5.43 -2.33 -20.77
C TYR A 224 -3.97 -1.88 -20.79
N ALA A 225 -3.33 -1.95 -21.96
CA ALA A 225 -1.94 -1.52 -22.12
C ALA A 225 -1.76 -0.05 -21.76
N ALA A 226 -2.69 0.77 -22.23
CA ALA A 226 -2.73 2.20 -21.91
C ALA A 226 -2.74 2.46 -20.40
N ALA A 227 -3.51 1.64 -19.68
CA ALA A 227 -3.61 1.76 -18.21
C ALA A 227 -2.37 1.26 -17.46
N HIS A 228 -1.60 0.34 -18.03
CA HIS A 228 -0.48 -0.26 -17.30
C HIS A 228 0.88 -0.09 -17.96
N ALA A 229 1.08 1.01 -18.69
CA ALA A 229 2.39 1.35 -19.27
C ALA A 229 2.99 0.17 -20.04
N LYS A 230 2.21 -0.36 -20.98
CA LYS A 230 2.62 -1.53 -21.79
C LYS A 230 2.57 -1.25 -23.29
N GLY A 231 3.42 -1.91 -24.06
CA GLY A 231 3.56 -1.64 -25.50
C GLY A 231 2.48 -2.25 -26.40
N ILE A 232 1.97 -1.44 -27.32
CA ILE A 232 1.04 -1.91 -28.33
C ILE A 232 1.53 -1.52 -29.72
N LEU A 233 1.66 -2.52 -30.58
CA LEU A 233 1.92 -2.29 -32.01
C LEU A 233 0.65 -2.75 -32.72
N VAL A 234 0.19 -1.96 -33.67
CA VAL A 234 -0.97 -2.33 -34.46
C VAL A 234 -0.54 -2.88 -35.84
N LYS A 235 -1.09 -4.04 -36.19
CA LYS A 235 -0.91 -4.62 -37.50
C LYS A 235 -2.21 -4.49 -38.28
N LYS A 236 -2.12 -4.56 -39.59
CA LYS A 236 -3.26 -4.47 -40.49
C LYS A 236 -4.06 -3.20 -40.31
N ALA A 237 -3.42 -2.07 -40.02
CA ALA A 237 -4.15 -0.80 -39.84
C ALA A 237 -4.93 -0.38 -41.08
N LEU A 238 -4.41 -0.73 -42.26
CA LEU A 238 -4.98 -0.29 -43.53
C LEU A 238 -5.65 -1.43 -44.32
N ALA A 239 -6.82 -1.87 -43.88
CA ALA A 239 -7.60 -2.90 -44.60
C ALA A 239 -9.10 -2.67 -44.36
N SER A 240 -9.87 -2.47 -45.44
CA SER A 240 -11.18 -1.81 -45.29
C SER A 240 -12.35 -2.21 -46.26
N GLY A 241 -13.57 -1.77 -45.91
CA GLY A 241 -14.79 -2.03 -46.69
C GLY A 241 -15.93 -1.10 -46.31
N GLN A 249 -10.81 13.31 -46.82
CA GLN A 249 -11.64 12.09 -46.69
C GLN A 249 -10.88 10.83 -47.15
N ASP A 250 -9.56 10.88 -47.01
CA ASP A 250 -8.61 9.86 -47.46
C ASP A 250 -8.76 8.62 -46.57
N PRO A 251 -8.81 7.41 -47.16
CA PRO A 251 -8.98 6.21 -46.35
C PRO A 251 -7.82 5.96 -45.39
N VAL A 252 -6.60 6.23 -45.84
CA VAL A 252 -5.41 6.09 -45.01
C VAL A 252 -5.47 7.04 -43.81
N ARG A 253 -5.88 8.27 -44.04
CA ARG A 253 -5.99 9.24 -42.97
C ARG A 253 -7.08 8.84 -41.97
N ALA A 254 -8.20 8.33 -42.47
CA ALA A 254 -9.28 7.87 -41.61
C ALA A 254 -8.82 6.70 -40.74
N SER A 255 -8.07 5.79 -41.36
CA SER A 255 -7.51 4.66 -40.64
C SER A 255 -6.55 5.09 -39.54
N PHE A 256 -5.66 6.01 -39.87
CA PHE A 256 -4.71 6.48 -38.87
C PHE A 256 -5.37 7.31 -37.79
N GLU A 257 -6.46 8.01 -38.13
CA GLU A 257 -7.20 8.77 -37.11
C GLU A 257 -7.80 7.84 -36.07
N LEU A 258 -8.39 6.74 -36.55
CA LEU A 258 -8.96 5.72 -35.66
C LEU A 258 -7.89 5.13 -34.76
N VAL A 259 -6.80 4.67 -35.37
CA VAL A 259 -5.73 4.00 -34.65
C VAL A 259 -5.09 4.91 -33.59
N PHE A 260 -4.71 6.12 -33.97
CA PHE A 260 -4.04 7.02 -33.03
C PHE A 260 -4.96 7.79 -32.08
N ASP A 261 -6.27 7.65 -32.25
CA ASP A 261 -7.21 8.04 -31.20
C ASP A 261 -7.12 7.15 -29.94
N GLN A 262 -6.64 5.92 -30.09
CA GLN A 262 -6.34 5.09 -28.93
C GLN A 262 -4.99 5.50 -28.31
N PRO A 263 -5.01 5.97 -27.04
CA PRO A 263 -3.75 6.40 -26.42
C PRO A 263 -2.74 5.27 -26.24
N GLY A 264 -3.23 4.04 -26.18
CA GLY A 264 -2.36 2.88 -26.01
C GLY A 264 -1.39 2.57 -27.14
N VAL A 265 -1.66 3.05 -28.35
CA VAL A 265 -0.90 2.61 -29.51
C VAL A 265 0.39 3.35 -29.66
N ALA A 266 1.49 2.61 -29.81
CA ALA A 266 2.82 3.18 -30.00
C ALA A 266 3.09 3.36 -31.48
N ALA A 267 2.90 2.30 -32.27
CA ALA A 267 3.16 2.38 -33.69
C ALA A 267 2.25 1.46 -34.48
N ALA A 268 2.00 1.82 -35.73
CA ALA A 268 1.28 0.98 -36.66
C ALA A 268 2.27 0.51 -37.73
N ILE A 269 2.29 -0.79 -38.03
CA ILE A 269 3.19 -1.32 -39.06
C ILE A 269 2.47 -1.23 -40.41
N VAL A 270 3.16 -0.70 -41.42
CA VAL A 270 2.59 -0.57 -42.77
C VAL A 270 3.34 -1.46 -43.75
N GLY A 271 2.61 -2.08 -44.66
CA GLY A 271 3.19 -3.07 -45.55
C GLY A 271 3.69 -2.59 -46.89
N THR A 272 3.62 -1.30 -47.16
CA THR A 272 3.85 -0.81 -48.51
C THR A 272 5.31 -0.86 -48.96
N ILE A 273 5.54 -1.18 -50.22
CA ILE A 273 6.87 -1.09 -50.82
C ILE A 273 6.96 0.01 -51.89
N ASN A 274 5.85 0.67 -52.20
CA ASN A 274 5.85 1.78 -53.17
C ASN A 274 6.27 3.08 -52.50
N PRO A 275 7.45 3.62 -52.86
CA PRO A 275 7.98 4.76 -52.13
C PRO A 275 7.04 5.95 -52.05
N LEU A 276 6.27 6.18 -53.10
CA LEU A 276 5.31 7.27 -53.12
C LEU A 276 4.18 7.02 -52.11
N HIS A 277 3.66 5.78 -52.05
CA HIS A 277 2.64 5.43 -51.04
C HIS A 277 3.24 5.53 -49.63
N LEU A 278 4.52 5.24 -49.47
CA LEU A 278 5.16 5.32 -48.15
C LEU A 278 5.24 6.76 -47.69
N ALA A 279 5.66 7.65 -48.60
CA ALA A 279 5.74 9.07 -48.30
C ALA A 279 4.35 9.62 -47.95
N HIS A 280 3.37 9.19 -48.72
CA HIS A 280 1.98 9.58 -48.49
C HIS A 280 1.46 9.06 -47.15
N ASN A 281 1.69 7.77 -46.87
CA ASN A 281 1.32 7.19 -45.59
C ASN A 281 1.92 8.02 -44.44
N VAL A 282 3.19 8.36 -44.56
CA VAL A 282 3.85 9.12 -43.51
C VAL A 282 3.22 10.48 -43.33
N ALA A 283 2.88 11.13 -44.43
CA ALA A 283 2.23 12.44 -44.40
C ALA A 283 0.90 12.37 -43.67
N MET A 284 0.09 11.38 -44.01
CA MET A 284 -1.22 11.21 -43.38
C MET A 284 -1.09 10.92 -41.89
N ALA A 285 -0.06 10.18 -41.51
CA ALA A 285 0.13 9.85 -40.10
C ALA A 285 0.51 11.09 -39.29
N ALA A 286 1.32 11.95 -39.89
CA ALA A 286 1.71 13.20 -39.26
C ALA A 286 0.49 14.10 -39.06
N GLN A 287 -0.37 14.14 -40.08
CA GLN A 287 -1.59 14.93 -40.03
C GLN A 287 -2.58 14.42 -38.98
N ALA A 288 -2.69 13.09 -38.87
CA ALA A 288 -3.57 12.47 -37.89
C ALA A 288 -3.12 12.76 -36.46
N LEU A 289 -1.82 12.90 -36.24
CA LEU A 289 -1.27 13.17 -34.92
C LEU A 289 -1.15 14.68 -34.59
N LYS A 290 -1.38 15.54 -35.58
CA LYS A 290 -1.23 17.01 -35.47
C LYS A 290 -0.23 17.44 -34.42
N PHE B 20 18.41 6.56 -55.20
CA PHE B 20 18.04 7.79 -54.46
C PHE B 20 16.49 7.98 -54.51
N GLN B 21 16.00 9.14 -54.98
CA GLN B 21 14.54 9.40 -55.01
C GLN B 21 13.90 9.49 -56.42
N SER B 22 13.60 8.31 -56.95
CA SER B 22 12.65 8.14 -58.07
C SER B 22 11.35 7.55 -57.49
N MET B 23 10.63 8.47 -56.85
CA MET B 23 9.23 8.31 -56.46
C MET B 23 8.37 8.72 -57.65
N ILE B 24 8.98 9.43 -58.60
CA ILE B 24 8.29 9.91 -59.79
C ILE B 24 8.43 8.93 -60.97
N ARG B 25 8.15 7.66 -60.68
CA ARG B 25 8.24 6.57 -61.64
C ARG B 25 7.15 6.71 -62.70
N ASP B 26 5.91 6.91 -62.26
CA ASP B 26 4.77 7.00 -63.17
C ASP B 26 4.60 8.44 -63.63
N THR B 27 4.67 8.64 -64.94
CA THR B 27 4.48 9.97 -65.54
C THR B 27 3.46 9.90 -66.68
N LEU B 28 3.15 11.05 -67.27
CA LEU B 28 2.14 11.15 -68.32
C LEU B 28 2.73 11.35 -69.71
N HIS B 29 4.03 11.18 -69.86
CA HIS B 29 4.72 11.49 -71.12
C HIS B 29 4.12 10.82 -72.35
N ASP B 30 3.74 9.55 -72.20
CA ASP B 30 3.22 8.76 -73.31
C ASP B 30 1.69 8.66 -73.36
N LEU B 31 1.00 9.57 -72.68
CA LEU B 31 -0.45 9.58 -72.61
C LEU B 31 -1.07 10.85 -73.16
N HIS B 32 -0.28 11.70 -73.81
CA HIS B 32 -0.80 12.93 -74.43
C HIS B 32 -1.93 12.60 -75.42
N ARG B 33 -2.91 13.49 -75.53
CA ARG B 33 -4.12 13.24 -76.30
C ARG B 33 -4.46 14.52 -77.01
N PRO B 34 -5.09 14.45 -78.20
CA PRO B 34 -5.50 15.69 -78.86
C PRO B 34 -6.72 16.35 -78.19
N LEU B 35 -6.76 17.68 -78.19
CA LEU B 35 -7.86 18.44 -77.64
C LEU B 35 -8.79 18.79 -78.78
N GLY B 36 -9.74 17.90 -79.03
CA GLY B 36 -10.68 18.04 -80.15
C GLY B 36 -9.97 18.14 -81.48
N ASP B 37 -10.47 19.03 -82.34
CA ASP B 37 -9.86 19.29 -83.65
C ASP B 37 -9.00 20.55 -83.65
N THR B 38 -8.48 20.97 -82.51
CA THR B 38 -7.65 22.18 -82.44
C THR B 38 -6.22 21.98 -82.92
N GLY B 39 -5.79 20.74 -83.02
CA GLY B 39 -4.39 20.43 -83.35
C GLY B 39 -3.42 20.56 -82.18
N LEU B 40 -3.95 20.77 -80.97
CA LEU B 40 -3.15 20.81 -79.77
C LEU B 40 -3.17 19.42 -79.12
N ALA B 41 -1.99 18.96 -78.70
CA ALA B 41 -1.84 17.72 -77.95
C ALA B 41 -1.60 18.08 -76.50
N VAL B 42 -2.34 17.46 -75.59
CA VAL B 42 -2.25 17.81 -74.18
C VAL B 42 -2.11 16.58 -73.27
N SER B 43 -1.38 16.75 -72.18
CA SER B 43 -1.37 15.78 -71.12
C SER B 43 -2.77 15.64 -70.53
N PRO B 44 -3.14 14.43 -70.09
CA PRO B 44 -4.47 14.22 -69.49
C PRO B 44 -4.69 14.94 -68.18
N LEU B 45 -3.62 15.44 -67.58
CA LEU B 45 -3.77 16.36 -66.45
C LEU B 45 -3.17 17.70 -66.84
N GLY B 46 -3.84 18.75 -66.39
CA GLY B 46 -3.35 20.09 -66.56
C GLY B 46 -3.18 20.74 -65.20
N LEU B 47 -2.23 21.62 -65.10
CA LEU B 47 -1.99 22.30 -63.87
C LEU B 47 -2.84 23.53 -63.76
N GLY B 48 -3.53 23.68 -62.66
CA GLY B 48 -4.35 24.84 -62.49
C GLY B 48 -3.63 25.85 -61.68
N THR B 49 -3.82 27.12 -61.93
CA THR B 49 -3.07 28.04 -61.13
C THR B 49 -3.91 29.08 -60.51
N VAL B 50 -4.98 28.69 -59.87
CA VAL B 50 -5.77 29.58 -59.09
C VAL B 50 -5.04 30.01 -57.85
N LYS B 51 -4.39 29.06 -57.21
CA LYS B 51 -3.68 29.30 -55.95
C LYS B 51 -2.36 30.05 -56.14
N PHE B 52 -1.96 30.31 -57.36
CA PHE B 52 -0.82 31.18 -57.58
C PHE B 52 -1.16 32.65 -57.31
N GLY B 53 -2.45 32.98 -57.29
CA GLY B 53 -2.90 34.37 -57.14
C GLY B 53 -3.97 34.65 -56.08
N ARG B 54 -4.82 33.66 -55.81
CA ARG B 54 -5.91 33.76 -54.83
C ARG B 54 -6.18 35.21 -54.41
N THR B 65 -2.92 29.29 -48.60
CA THR B 65 -1.60 29.94 -48.69
C THR B 65 -0.96 29.83 -50.08
N ILE B 66 -0.29 30.91 -50.47
CA ILE B 66 0.22 31.09 -51.83
C ILE B 66 1.68 30.67 -51.95
N PRO B 67 2.03 29.95 -53.02
CA PRO B 67 3.42 29.60 -53.23
C PRO B 67 4.37 30.80 -53.44
N ASP B 68 5.44 30.78 -52.66
CA ASP B 68 6.71 31.42 -52.97
C ASP B 68 7.22 31.23 -54.40
N ASP B 69 7.75 32.30 -55.03
CA ASP B 69 8.26 32.21 -56.40
C ASP B 69 9.11 30.95 -56.60
N ARG B 70 9.78 30.52 -55.54
CA ARG B 70 10.63 29.33 -55.55
C ARG B 70 9.75 28.11 -55.68
N GLU B 71 8.77 27.99 -54.78
CA GLU B 71 7.82 26.88 -54.74
C GLU B 71 7.05 26.76 -56.06
N ALA B 72 6.75 27.89 -56.68
CA ALA B 72 6.01 27.91 -57.92
C ALA B 72 6.86 27.41 -59.07
N ALA B 73 8.11 27.85 -59.13
CA ALA B 73 9.05 27.40 -60.19
C ALA B 73 9.32 25.90 -60.10
N ASP B 74 9.34 25.40 -58.86
CA ASP B 74 9.57 23.99 -58.57
C ASP B 74 8.36 23.15 -58.99
N LEU B 75 7.16 23.69 -58.80
CA LEU B 75 5.92 22.98 -59.15
C LEU B 75 5.79 22.86 -60.67
N LEU B 76 6.14 23.93 -61.39
CA LEU B 76 6.20 23.90 -62.84
C LEU B 76 7.25 22.91 -63.33
N ALA B 77 8.42 22.94 -62.72
CA ALA B 77 9.52 22.07 -63.10
C ALA B 77 9.18 20.62 -62.94
N LEU B 78 8.55 20.29 -61.81
CA LEU B 78 8.09 18.94 -61.52
C LEU B 78 6.93 18.51 -62.45
N ALA B 79 6.01 19.43 -62.73
CA ALA B 79 4.90 19.15 -63.65
C ALA B 79 5.45 18.74 -65.00
N ARG B 80 6.45 19.47 -65.47
CA ARG B 80 7.07 19.23 -66.75
C ARG B 80 7.67 17.81 -66.82
N ASP B 81 8.50 17.46 -65.83
CA ASP B 81 9.12 16.13 -65.73
C ASP B 81 8.12 15.03 -65.45
N LEU B 82 6.90 15.41 -65.08
CA LEU B 82 5.81 14.47 -64.89
C LEU B 82 5.00 14.30 -66.18
N GLY B 83 5.40 15.00 -67.23
CA GLY B 83 4.74 14.90 -68.53
C GLY B 83 3.58 15.83 -68.74
N ILE B 84 3.39 16.81 -67.88
CA ILE B 84 2.32 17.78 -68.04
C ILE B 84 2.77 18.92 -68.97
N ASN B 85 1.93 19.28 -69.94
CA ASN B 85 2.19 20.42 -70.82
C ASN B 85 0.98 21.34 -70.97
N LEU B 86 0.04 21.20 -70.05
CA LEU B 86 -1.18 21.99 -70.05
C LEU B 86 -1.24 22.79 -68.78
N ILE B 87 -1.53 24.09 -68.91
CA ILE B 87 -1.62 24.99 -67.76
C ILE B 87 -2.84 25.92 -67.91
N ASP B 88 -3.57 26.12 -66.81
CA ASP B 88 -4.87 26.80 -66.82
C ASP B 88 -4.80 28.03 -65.92
N THR B 89 -5.21 29.18 -66.41
CA THR B 89 -5.19 30.38 -65.62
C THR B 89 -6.36 31.27 -65.98
N ALA B 90 -6.44 32.44 -65.35
CA ALA B 90 -7.49 33.42 -65.63
C ALA B 90 -7.12 34.78 -65.05
N PRO B 91 -7.59 35.88 -65.69
CA PRO B 91 -7.58 37.20 -65.08
C PRO B 91 -8.15 37.20 -63.66
N ALA B 92 -9.23 36.47 -63.44
CA ALA B 92 -9.89 36.43 -62.14
C ALA B 92 -9.06 35.78 -61.01
N TYR B 93 -8.05 34.98 -61.36
CA TYR B 93 -7.25 34.27 -60.34
C TYR B 93 -6.17 35.19 -59.77
N GLY B 94 -6.60 36.34 -59.25
CA GLY B 94 -5.67 37.29 -58.66
C GLY B 94 -4.57 37.62 -59.64
N ARG B 95 -3.34 37.30 -59.27
CA ARG B 95 -2.21 37.60 -60.13
C ARG B 95 -1.59 36.43 -60.81
N SER B 96 -2.31 35.33 -60.81
CA SER B 96 -1.83 34.16 -61.44
C SER B 96 -1.22 34.52 -62.80
N GLU B 97 -1.99 35.20 -63.64
CA GLU B 97 -1.51 35.60 -64.97
C GLU B 97 -0.18 36.35 -64.87
N GLU B 98 -0.17 37.42 -64.07
CA GLU B 98 1.00 38.28 -63.96
C GLU B 98 2.27 37.53 -63.56
N ARG B 99 2.13 36.63 -62.58
CA ARG B 99 3.23 35.81 -62.08
C ARG B 99 3.75 34.82 -63.13
N LEU B 100 2.84 34.27 -63.93
CA LEU B 100 3.21 33.20 -64.85
C LEU B 100 4.16 33.66 -65.95
N GLY B 101 4.05 34.93 -66.35
CA GLY B 101 4.89 35.44 -67.44
C GLY B 101 6.37 35.19 -67.18
N PRO B 102 6.90 35.80 -66.08
CA PRO B 102 8.25 35.59 -65.60
C PRO B 102 8.61 34.11 -65.36
N LEU B 103 7.72 33.40 -64.67
CA LEU B 103 7.94 32.01 -64.33
C LEU B 103 8.07 31.12 -65.58
N LEU B 104 7.42 31.50 -66.68
CA LEU B 104 7.44 30.69 -67.90
C LEU B 104 8.52 31.11 -68.89
N ARG B 105 9.22 32.22 -68.60
CA ARG B 105 10.39 32.62 -69.39
C ARG B 105 11.38 31.48 -69.60
N GLY B 106 11.72 31.24 -70.85
CA GLY B 106 12.65 30.16 -71.21
C GLY B 106 11.98 28.83 -71.52
N GLN B 107 10.69 28.69 -71.18
CA GLN B 107 9.99 27.42 -71.39
C GLN B 107 8.60 27.57 -71.99
N ARG B 108 8.16 28.78 -72.32
CA ARG B 108 6.79 29.00 -72.82
C ARG B 108 6.39 28.02 -73.93
N GLU B 109 7.32 27.73 -74.81
CA GLU B 109 7.05 26.83 -75.92
C GLU B 109 6.60 25.43 -75.51
N HIS B 110 7.02 24.97 -74.33
CA HIS B 110 6.56 23.68 -73.81
C HIS B 110 5.05 23.65 -73.58
N TRP B 111 4.48 24.78 -73.18
CA TRP B 111 3.15 24.83 -72.57
C TRP B 111 2.01 25.23 -73.50
N VAL B 112 0.93 24.47 -73.40
CA VAL B 112 -0.36 24.86 -73.92
C VAL B 112 -1.02 25.68 -72.81
N ILE B 113 -1.24 26.97 -73.05
CA ILE B 113 -1.84 27.83 -72.04
C ILE B 113 -3.33 28.01 -72.29
N VAL B 114 -4.13 27.81 -71.26
CA VAL B 114 -5.53 28.16 -71.29
C VAL B 114 -5.75 29.37 -70.38
N SER B 115 -6.43 30.40 -70.91
CA SER B 115 -6.87 31.51 -70.07
C SER B 115 -8.31 31.87 -70.37
N LYS B 116 -8.82 32.91 -69.75
CA LYS B 116 -10.24 33.20 -69.79
C LYS B 116 -10.52 34.70 -69.91
N VAL B 117 -11.73 35.04 -70.34
CA VAL B 117 -12.19 36.43 -70.41
C VAL B 117 -13.53 36.56 -69.77
N GLY B 118 -13.75 37.68 -69.11
CA GLY B 118 -15.10 38.06 -68.69
C GLY B 118 -15.32 38.21 -67.22
N GLU B 119 -14.53 37.55 -66.39
CA GLU B 119 -14.65 37.69 -64.95
C GLU B 119 -13.45 38.46 -64.43
N GLU B 120 -13.68 39.34 -63.46
CA GLU B 120 -12.67 40.31 -63.07
C GLU B 120 -12.33 40.46 -61.59
N PHE B 121 -13.18 40.15 -60.63
CA PHE B 121 -12.73 40.23 -59.20
C PHE B 121 -12.03 41.56 -58.79
N VAL B 122 -12.82 42.61 -58.54
CA VAL B 122 -12.29 43.98 -58.38
C VAL B 122 -11.94 44.37 -56.94
N ASP B 123 -12.93 44.65 -56.10
CA ASP B 123 -12.64 45.05 -54.72
C ASP B 123 -12.74 43.81 -53.86
N GLY B 124 -13.98 43.53 -53.53
CA GLY B 124 -14.42 42.41 -52.72
C GLY B 124 -14.83 41.25 -53.61
N GLN B 125 -15.49 41.59 -54.73
CA GLN B 125 -16.37 40.66 -55.44
C GLN B 125 -16.00 40.46 -56.91
N SER B 126 -16.49 39.37 -57.48
CA SER B 126 -16.39 39.16 -58.92
C SER B 126 -17.26 40.17 -59.69
N VAL B 127 -16.75 40.62 -60.84
CA VAL B 127 -17.40 41.55 -61.75
C VAL B 127 -17.32 40.93 -63.14
N PHE B 128 -18.40 40.99 -63.92
CA PHE B 128 -18.44 40.41 -65.27
C PHE B 128 -18.67 41.43 -66.36
N ASP B 129 -17.95 41.29 -67.46
CA ASP B 129 -18.08 42.19 -68.60
C ASP B 129 -17.83 41.37 -69.85
N PHE B 130 -18.86 41.21 -70.68
CA PHE B 130 -18.73 40.42 -71.90
C PHE B 130 -18.81 41.26 -73.15
N SER B 131 -18.50 42.55 -73.00
CA SER B 131 -18.42 43.45 -74.13
C SER B 131 -17.22 43.14 -74.99
N ALA B 132 -17.30 43.50 -76.27
CA ALA B 132 -16.20 43.31 -77.23
C ALA B 132 -15.00 44.11 -76.77
N ALA B 133 -15.25 45.35 -76.34
CA ALA B 133 -14.19 46.24 -75.82
C ALA B 133 -13.37 45.59 -74.71
N HIS B 134 -14.07 45.02 -73.74
CA HIS B 134 -13.41 44.36 -72.62
C HIS B 134 -12.78 43.03 -73.00
N THR B 135 -13.43 42.25 -73.86
CA THR B 135 -12.86 41.00 -74.33
C THR B 135 -11.50 41.24 -74.98
N ARG B 136 -11.45 42.23 -75.86
CA ARG B 136 -10.24 42.57 -76.60
C ARG B 136 -9.18 43.17 -75.66
N ARG B 137 -9.63 43.91 -74.67
CA ARG B 137 -8.74 44.57 -73.74
C ARG B 137 -8.12 43.54 -72.80
N SER B 138 -8.89 42.54 -72.42
CA SER B 138 -8.45 41.49 -71.51
C SER B 138 -7.44 40.54 -72.13
N VAL B 139 -7.70 40.12 -73.35
CA VAL B 139 -6.80 39.23 -74.07
C VAL B 139 -5.48 39.93 -74.42
N GLU B 140 -5.52 41.20 -74.79
CA GLU B 140 -4.31 42.01 -74.97
C GLU B 140 -3.48 42.01 -73.69
N ARG B 141 -4.14 42.29 -72.57
CA ARG B 141 -3.49 42.31 -71.26
C ARG B 141 -2.95 40.94 -70.82
N SER B 142 -3.67 39.88 -71.16
CA SER B 142 -3.24 38.52 -70.85
C SER B 142 -1.97 38.14 -71.61
N LEU B 143 -1.91 38.49 -72.89
CA LEU B 143 -0.69 38.30 -73.71
C LEU B 143 0.49 39.08 -73.13
N LYS B 144 0.22 40.31 -72.67
CA LYS B 144 1.24 41.18 -72.10
C LYS B 144 1.77 40.54 -70.81
N ARG B 145 0.86 40.22 -69.90
CA ARG B 145 1.19 39.60 -68.62
C ARG B 145 1.97 38.29 -68.78
N LEU B 146 1.57 37.48 -69.77
CA LEU B 146 2.21 36.20 -70.01
C LEU B 146 3.45 36.32 -70.88
N GLU B 147 3.77 37.53 -71.36
CA GLU B 147 5.00 37.76 -72.14
C GLU B 147 5.06 36.84 -73.32
N THR B 148 4.03 36.91 -74.15
CA THR B 148 3.87 36.05 -75.30
C THR B 148 2.93 36.69 -76.34
N ASP B 149 3.04 36.24 -77.59
CA ASP B 149 2.31 36.86 -78.71
C ASP B 149 1.01 36.14 -79.03
N ARG B 150 0.66 35.10 -78.30
CA ARG B 150 -0.51 34.28 -78.57
C ARG B 150 -0.81 33.24 -77.48
N ILE B 151 -2.07 32.98 -77.18
CA ILE B 151 -2.53 32.06 -76.15
C ILE B 151 -3.29 30.94 -76.83
N GLU B 152 -2.96 29.70 -76.50
CA GLU B 152 -3.52 28.55 -77.22
C GLU B 152 -5.05 28.51 -77.14
N LEU B 153 -5.60 28.71 -75.94
CA LEU B 153 -7.03 28.62 -75.73
C LEU B 153 -7.54 29.69 -74.78
N VAL B 154 -8.56 30.43 -75.20
CA VAL B 154 -9.19 31.37 -74.28
C VAL B 154 -10.67 31.02 -74.13
N LEU B 155 -11.09 30.80 -72.88
CA LEU B 155 -12.46 30.38 -72.58
C LEU B 155 -13.28 31.51 -71.96
N VAL B 156 -14.54 31.62 -72.38
CA VAL B 156 -15.48 32.58 -71.77
C VAL B 156 -15.70 32.19 -70.31
N HIS B 157 -15.51 33.14 -69.40
CA HIS B 157 -15.59 32.85 -67.96
C HIS B 157 -16.98 33.17 -67.39
N SER B 158 -17.90 32.21 -67.48
CA SER B 158 -19.33 32.48 -67.28
C SER B 158 -19.74 32.78 -65.84
N ASP B 159 -20.74 33.63 -65.67
CA ASP B 159 -21.35 33.87 -64.36
C ASP B 159 -22.42 32.85 -64.03
N GLY B 160 -22.68 31.95 -64.97
CA GLY B 160 -23.70 30.90 -64.80
C GLY B 160 -24.73 30.99 -65.90
N ASN B 161 -24.93 32.20 -66.41
CA ASN B 161 -25.91 32.49 -67.44
C ASN B 161 -25.33 32.23 -68.84
N ASP B 162 -24.85 31.02 -69.03
CA ASP B 162 -24.08 30.71 -70.23
C ASP B 162 -24.77 31.12 -71.52
N LEU B 163 -25.99 30.64 -71.67
CA LEU B 163 -26.70 30.72 -72.94
C LEU B 163 -26.99 32.16 -73.32
N ASP B 164 -27.35 32.97 -72.33
CA ASP B 164 -27.62 34.38 -72.59
C ASP B 164 -26.35 35.13 -73.01
N ILE B 165 -25.24 34.85 -72.32
CA ILE B 165 -23.94 35.40 -72.68
C ILE B 165 -23.54 34.99 -74.10
N LEU B 166 -23.63 33.71 -74.43
CA LEU B 166 -23.26 33.26 -75.77
C LEU B 166 -24.16 33.77 -76.88
N GLU B 167 -25.39 34.19 -76.55
CA GLU B 167 -26.35 34.64 -77.56
C GLU B 167 -26.47 36.17 -77.70
N ASN B 168 -26.50 36.87 -76.57
CA ASN B 168 -26.82 38.29 -76.56
C ASN B 168 -25.69 39.23 -76.17
N SER B 169 -24.47 38.72 -76.09
CA SER B 169 -23.31 39.55 -75.79
C SER B 169 -22.34 39.46 -76.94
N GLU B 170 -21.28 40.26 -76.89
CA GLU B 170 -20.37 40.42 -78.02
C GLU B 170 -19.13 39.49 -77.89
N VAL B 171 -18.99 38.83 -76.73
CA VAL B 171 -17.77 38.06 -76.41
C VAL B 171 -17.37 36.96 -77.40
N TYR B 172 -18.32 36.12 -77.80
CA TYR B 172 -17.99 34.95 -78.61
C TYR B 172 -17.54 35.38 -80.02
N PRO B 173 -18.28 36.27 -80.67
CA PRO B 173 -17.79 36.77 -81.97
C PRO B 173 -16.44 37.51 -81.90
N THR B 174 -16.22 38.26 -80.81
CA THR B 174 -14.93 38.91 -80.57
C THR B 174 -13.78 37.90 -80.41
N LEU B 175 -14.01 36.83 -79.65
CA LEU B 175 -13.05 35.75 -79.57
C LEU B 175 -12.78 35.14 -80.94
N ALA B 176 -13.83 34.97 -81.74
CA ALA B 176 -13.68 34.44 -83.10
C ALA B 176 -12.73 35.32 -83.95
N ALA B 177 -12.88 36.64 -83.78
CA ALA B 177 -12.04 37.60 -84.51
C ALA B 177 -10.60 37.48 -84.04
N LEU B 178 -10.43 37.49 -82.73
CA LEU B 178 -9.13 37.32 -82.13
C LEU B 178 -8.45 36.03 -82.58
N LYS B 179 -9.24 35.00 -82.91
CA LYS B 179 -8.69 33.75 -83.43
C LYS B 179 -8.16 33.95 -84.84
N ARG B 180 -8.94 34.62 -85.67
CA ARG B 180 -8.54 34.95 -87.04
C ARG B 180 -7.30 35.81 -87.06
N GLU B 181 -7.26 36.78 -86.14
CA GLU B 181 -6.12 37.68 -86.04
C GLU B 181 -4.83 37.00 -85.55
N GLY B 182 -4.94 35.78 -85.03
CA GLY B 182 -3.78 35.01 -84.58
C GLY B 182 -3.37 35.20 -83.13
N LEU B 183 -4.06 36.11 -82.43
CA LEU B 183 -3.81 36.37 -81.00
C LEU B 183 -4.19 35.20 -80.10
N ILE B 184 -5.19 34.41 -80.50
CA ILE B 184 -5.50 33.18 -79.77
C ILE B 184 -5.60 32.00 -80.73
N GLY B 185 -5.32 30.80 -80.23
CA GLY B 185 -5.28 29.61 -81.06
C GLY B 185 -6.64 29.01 -81.21
N ALA B 186 -7.46 29.13 -80.16
CA ALA B 186 -8.80 28.53 -80.12
C ALA B 186 -9.64 29.24 -79.06
N TYR B 187 -10.94 29.06 -79.09
CA TYR B 187 -11.82 29.67 -78.07
C TYR B 187 -12.95 28.72 -77.62
N GLY B 188 -13.60 29.09 -76.52
CA GLY B 188 -14.61 28.23 -75.94
C GLY B 188 -15.25 28.82 -74.72
N LEU B 189 -15.89 27.96 -73.95
CA LEU B 189 -16.66 28.35 -72.76
C LEU B 189 -16.21 27.57 -71.54
N SER B 190 -16.03 28.25 -70.41
CA SER B 190 -15.96 27.57 -69.12
C SER B 190 -17.30 27.79 -68.47
N GLY B 191 -18.20 26.86 -68.74
CA GLY B 191 -19.61 27.03 -68.40
C GLY B 191 -20.05 26.36 -67.10
N LYS B 192 -21.32 26.53 -66.79
CA LYS B 192 -21.93 25.87 -65.65
C LYS B 192 -23.19 25.08 -66.00
N THR B 193 -23.69 25.22 -67.22
CA THR B 193 -24.98 24.66 -67.59
C THR B 193 -24.81 23.80 -68.83
N VAL B 194 -25.66 22.77 -68.97
CA VAL B 194 -25.51 21.82 -70.07
C VAL B 194 -25.87 22.48 -71.38
N GLU B 195 -26.84 23.39 -71.34
CA GLU B 195 -27.32 24.05 -72.53
C GLU B 195 -26.27 25.01 -73.06
N GLY B 196 -25.51 25.61 -72.15
CA GLY B 196 -24.45 26.53 -72.52
C GLY B 196 -23.28 25.80 -73.15
N GLY B 197 -22.90 24.70 -72.54
CA GLY B 197 -21.81 23.89 -73.04
C GLY B 197 -22.07 23.42 -74.44
N LEU B 198 -23.34 23.12 -74.73
CA LEU B 198 -23.73 22.65 -76.06
C LEU B 198 -23.63 23.75 -77.13
N ARG B 199 -24.08 24.96 -76.80
CA ARG B 199 -23.94 26.10 -77.70
C ARG B 199 -22.49 26.45 -77.97
N ALA B 200 -21.67 26.46 -76.93
CA ALA B 200 -20.27 26.81 -77.06
C ALA B 200 -19.61 25.96 -78.13
N LEU B 201 -20.05 24.71 -78.24
CA LEU B 201 -19.47 23.74 -79.17
C LEU B 201 -20.02 23.85 -80.59
N ARG B 202 -21.12 24.56 -80.76
CA ARG B 202 -21.74 24.76 -82.07
C ARG B 202 -20.82 25.60 -82.97
N GLU B 203 -20.37 26.73 -82.44
CA GLU B 203 -19.47 27.64 -83.16
C GLU B 203 -18.02 27.54 -82.66
N GLY B 204 -17.86 27.37 -81.35
CA GLY B 204 -16.57 27.39 -80.69
C GLY B 204 -15.90 26.04 -80.68
N ASP B 205 -14.71 26.01 -80.08
CA ASP B 205 -13.78 24.89 -80.22
C ASP B 205 -13.80 23.95 -79.07
N CYS B 206 -14.20 24.45 -77.90
CA CYS B 206 -13.97 23.70 -76.66
C CYS B 206 -14.87 24.12 -75.52
N ALA B 207 -15.19 23.18 -74.62
CA ALA B 207 -15.95 23.49 -73.41
C ALA B 207 -15.25 22.93 -72.20
N MET B 208 -15.10 23.75 -71.17
CA MET B 208 -14.59 23.29 -69.88
C MET B 208 -15.79 23.06 -68.98
N VAL B 209 -15.96 21.83 -68.52
CA VAL B 209 -17.18 21.41 -67.85
C VAL B 209 -16.85 20.77 -66.52
N THR B 210 -17.78 20.85 -65.57
CA THR B 210 -17.64 20.17 -64.28
C THR B 210 -18.04 18.72 -64.42
N TYR B 211 -17.23 17.81 -63.90
CA TYR B 211 -17.54 16.38 -63.95
C TYR B 211 -16.74 15.66 -62.86
N ASN B 212 -17.47 15.16 -61.85
CA ASN B 212 -16.88 14.48 -60.72
C ASN B 212 -17.90 13.52 -60.11
N LEU B 213 -17.50 12.78 -59.08
CA LEU B 213 -18.33 11.71 -58.52
C LEU B 213 -19.69 12.22 -58.02
N ASN B 214 -19.74 13.45 -57.51
CA ASN B 214 -20.98 14.09 -57.05
C ASN B 214 -21.81 14.78 -58.15
N GLU B 215 -21.18 15.26 -59.21
CA GLU B 215 -21.85 16.15 -60.18
C GLU B 215 -21.63 15.68 -61.60
N ARG B 216 -22.66 15.15 -62.23
CA ARG B 216 -22.54 14.55 -63.55
C ARG B 216 -23.56 15.09 -64.56
N ALA B 217 -24.21 16.20 -64.20
CA ALA B 217 -25.23 16.81 -65.08
C ALA B 217 -24.71 17.21 -66.47
N GLU B 218 -23.40 17.53 -66.59
CA GLU B 218 -22.84 18.03 -67.85
C GLU B 218 -22.31 16.92 -68.75
N ARG B 219 -22.69 15.67 -68.44
CA ARG B 219 -22.30 14.52 -69.24
C ARG B 219 -22.67 14.63 -70.71
N PRO B 220 -23.88 15.13 -71.03
CA PRO B 220 -24.30 15.33 -72.42
C PRO B 220 -23.35 16.18 -73.24
N VAL B 221 -22.77 17.22 -72.64
CA VAL B 221 -21.82 18.08 -73.33
C VAL B 221 -20.58 17.27 -73.73
N ILE B 222 -20.18 16.35 -72.86
CA ILE B 222 -19.02 15.53 -73.14
C ILE B 222 -19.36 14.57 -74.26
N GLU B 223 -20.55 13.99 -74.20
CA GLU B 223 -20.98 13.01 -75.19
C GLU B 223 -21.11 13.67 -76.57
N TYR B 224 -21.70 14.85 -76.61
CA TYR B 224 -21.81 15.62 -77.86
C TYR B 224 -20.44 15.91 -78.45
N ALA B 225 -19.52 16.37 -77.61
CA ALA B 225 -18.16 16.69 -78.07
C ALA B 225 -17.50 15.47 -78.68
N ALA B 226 -17.63 14.34 -78.01
CA ALA B 226 -17.09 13.06 -78.46
C ALA B 226 -17.58 12.71 -79.85
N ALA B 227 -18.84 13.02 -80.14
CA ALA B 227 -19.45 12.74 -81.44
C ALA B 227 -18.98 13.68 -82.55
N HIS B 228 -18.63 14.91 -82.22
CA HIS B 228 -18.30 15.91 -83.25
C HIS B 228 -16.86 16.48 -83.19
N ALA B 229 -15.90 15.67 -82.74
CA ALA B 229 -14.49 16.06 -82.71
C ALA B 229 -14.26 17.42 -82.04
N LYS B 230 -14.79 17.61 -80.83
CA LYS B 230 -14.69 18.88 -80.12
C LYS B 230 -13.98 18.69 -78.77
N GLY B 231 -13.31 19.74 -78.32
CA GLY B 231 -12.50 19.70 -77.09
C GLY B 231 -13.30 19.77 -75.79
N ILE B 232 -12.96 18.90 -74.85
CA ILE B 232 -13.51 18.94 -73.50
C ILE B 232 -12.38 18.97 -72.45
N LEU B 233 -12.41 19.97 -71.58
CA LEU B 233 -11.58 20.01 -70.40
C LEU B 233 -12.50 19.86 -69.20
N VAL B 234 -12.11 19.03 -68.25
CA VAL B 234 -12.90 18.85 -67.05
C VAL B 234 -12.30 19.60 -65.89
N LYS B 235 -13.12 20.41 -65.23
CA LYS B 235 -12.73 21.09 -64.01
C LYS B 235 -13.38 20.40 -62.82
N LYS B 236 -12.81 20.62 -61.63
CA LYS B 236 -13.32 20.06 -60.39
C LYS B 236 -13.44 18.54 -60.42
N ALA B 237 -12.51 17.86 -61.06
CA ALA B 237 -12.56 16.39 -61.12
C ALA B 237 -12.49 15.75 -59.74
N LEU B 238 -11.77 16.39 -58.82
CA LEU B 238 -11.52 15.84 -57.50
C LEU B 238 -12.26 16.60 -56.38
N ALA B 239 -13.57 16.43 -56.27
CA ALA B 239 -14.27 16.78 -55.03
C ALA B 239 -15.19 15.62 -54.74
N SER B 240 -15.73 15.53 -53.52
CA SER B 240 -16.35 14.27 -53.10
C SER B 240 -17.28 14.25 -51.87
N GLY B 241 -18.07 13.16 -51.81
CA GLY B 241 -18.84 12.77 -50.63
C GLY B 241 -19.28 11.28 -50.78
N HIS B 242 -18.52 10.35 -50.17
CA HIS B 242 -18.78 8.86 -50.22
C HIS B 242 -18.10 8.04 -49.08
N GLN B 249 -9.29 1.84 -53.94
CA GLN B 249 -10.41 2.59 -53.36
C GLN B 249 -9.99 4.05 -53.05
N ASP B 250 -8.86 4.50 -53.63
CA ASP B 250 -8.34 5.86 -53.49
C ASP B 250 -9.37 6.79 -54.14
N PRO B 251 -9.77 7.87 -53.44
CA PRO B 251 -10.77 8.77 -54.01
C PRO B 251 -10.32 9.45 -55.30
N VAL B 252 -9.04 9.82 -55.37
CA VAL B 252 -8.49 10.42 -56.57
C VAL B 252 -8.53 9.44 -57.74
N ARG B 253 -8.23 8.18 -57.48
CA ARG B 253 -8.27 7.18 -58.53
C ARG B 253 -9.69 6.91 -59.01
N ALA B 254 -10.62 6.87 -58.07
CA ALA B 254 -12.03 6.70 -58.41
C ALA B 254 -12.53 7.86 -59.26
N SER B 255 -12.13 9.08 -58.89
CA SER B 255 -12.49 10.27 -59.64
C SER B 255 -11.94 10.20 -61.05
N PHE B 256 -10.67 9.86 -61.18
CA PHE B 256 -10.08 9.82 -62.51
C PHE B 256 -10.63 8.69 -63.35
N GLU B 257 -11.03 7.59 -62.70
CA GLU B 257 -11.67 6.47 -63.44
C GLU B 257 -12.99 6.92 -64.06
N LEU B 258 -13.79 7.65 -63.29
CA LEU B 258 -15.05 8.20 -63.78
C LEU B 258 -14.84 9.13 -64.95
N VAL B 259 -13.94 10.10 -64.78
CA VAL B 259 -13.66 11.13 -65.79
C VAL B 259 -13.12 10.53 -67.09
N PHE B 260 -12.12 9.67 -67.00
CA PHE B 260 -11.53 9.10 -68.20
C PHE B 260 -12.28 7.91 -68.80
N ASP B 261 -13.35 7.46 -68.15
CA ASP B 261 -14.30 6.57 -68.80
C ASP B 261 -15.10 7.27 -69.89
N GLN B 262 -15.20 8.59 -69.82
CA GLN B 262 -15.80 9.34 -70.91
C GLN B 262 -14.76 9.56 -72.02
N PRO B 263 -15.03 9.02 -73.24
CA PRO B 263 -14.07 9.17 -74.32
C PRO B 263 -13.86 10.63 -74.73
N GLY B 264 -14.87 11.46 -74.52
CA GLY B 264 -14.79 12.87 -74.89
C GLY B 264 -13.76 13.73 -74.17
N VAL B 265 -13.29 13.30 -73.00
CA VAL B 265 -12.42 14.12 -72.18
C VAL B 265 -10.97 14.09 -72.66
N ALA B 266 -10.39 15.28 -72.85
CA ALA B 266 -8.99 15.42 -73.22
C ALA B 266 -8.12 15.54 -71.98
N ALA B 267 -8.47 16.44 -71.07
CA ALA B 267 -7.69 16.63 -69.84
C ALA B 267 -8.55 17.06 -68.66
N ALA B 268 -8.09 16.73 -67.45
CA ALA B 268 -8.68 17.25 -66.22
C ALA B 268 -7.72 18.21 -65.57
N ILE B 269 -8.21 19.39 -65.18
CA ILE B 269 -7.37 20.39 -64.54
C ILE B 269 -7.36 20.12 -63.05
N VAL B 270 -6.19 20.04 -62.44
CA VAL B 270 -6.08 19.80 -60.99
C VAL B 270 -5.53 21.03 -60.28
N GLY B 271 -6.05 21.32 -59.09
CA GLY B 271 -5.72 22.55 -58.40
C GLY B 271 -4.60 22.49 -57.39
N THR B 272 -3.91 21.37 -57.28
CA THR B 272 -2.98 21.16 -56.16
C THR B 272 -1.66 21.92 -56.28
N ILE B 273 -1.17 22.44 -55.16
CA ILE B 273 0.16 23.05 -55.13
C ILE B 273 1.17 22.22 -54.32
N ASN B 274 0.69 21.16 -53.66
CA ASN B 274 1.57 20.27 -52.89
C ASN B 274 2.26 19.26 -53.80
N PRO B 275 3.59 19.39 -53.98
CA PRO B 275 4.30 18.55 -54.96
C PRO B 275 4.07 17.07 -54.79
N LEU B 276 3.93 16.61 -53.54
CA LEU B 276 3.68 15.21 -53.29
C LEU B 276 2.29 14.82 -53.78
N HIS B 277 1.28 15.64 -53.51
CA HIS B 277 -0.08 15.38 -54.00
C HIS B 277 -0.13 15.44 -55.54
N LEU B 278 0.71 16.28 -56.15
CA LEU B 278 0.76 16.37 -57.62
C LEU B 278 1.33 15.09 -58.21
N ALA B 279 2.41 14.59 -57.63
CA ALA B 279 3.03 13.35 -58.11
C ALA B 279 2.07 12.19 -57.93
N HIS B 280 1.38 12.19 -56.81
CA HIS B 280 0.35 11.20 -56.54
C HIS B 280 -0.80 11.29 -57.54
N ASN B 281 -1.36 12.48 -57.70
CA ASN B 281 -2.42 12.70 -58.70
C ASN B 281 -1.99 12.14 -60.06
N VAL B 282 -0.77 12.45 -60.48
CA VAL B 282 -0.27 11.97 -61.77
C VAL B 282 -0.18 10.46 -61.82
N ALA B 283 0.24 9.85 -60.73
CA ALA B 283 0.33 8.39 -60.67
C ALA B 283 -1.04 7.75 -60.85
N MET B 284 -2.02 8.27 -60.12
CA MET B 284 -3.36 7.73 -60.19
C MET B 284 -3.96 7.91 -61.58
N ALA B 285 -3.64 9.02 -62.24
CA ALA B 285 -4.17 9.27 -63.56
C ALA B 285 -3.60 8.28 -64.59
N ALA B 286 -2.33 7.96 -64.44
CA ALA B 286 -1.65 6.99 -65.31
C ALA B 286 -2.25 5.59 -65.12
N GLN B 287 -2.56 5.27 -63.86
CA GLN B 287 -3.20 4.00 -63.51
C GLN B 287 -4.64 3.89 -64.03
N ALA B 288 -5.38 4.99 -63.97
CA ALA B 288 -6.75 5.02 -64.48
C ALA B 288 -6.80 4.85 -65.99
N LEU B 289 -5.77 5.31 -66.70
CA LEU B 289 -5.71 5.20 -68.15
C LEU B 289 -5.05 3.89 -68.66
N LYS B 290 -4.42 3.14 -67.74
CA LYS B 290 -3.66 1.90 -68.06
C LYS B 290 -3.02 1.87 -69.45
N PHE C 20 -7.50 13.93 11.40
CA PHE C 20 -8.72 13.23 11.93
C PHE C 20 -9.83 14.26 11.87
N GLN C 21 -11.03 13.77 11.74
CA GLN C 21 -12.25 14.45 11.90
C GLN C 21 -12.31 15.58 12.90
N SER C 22 -12.05 15.27 14.15
CA SER C 22 -12.33 16.19 15.21
C SER C 22 -11.38 17.31 15.47
N MET C 23 -10.37 17.44 14.67
CA MET C 23 -9.53 18.65 14.74
C MET C 23 -9.87 19.70 13.67
N ILE C 24 -10.76 19.35 12.75
CA ILE C 24 -11.37 20.34 11.88
C ILE C 24 -12.82 20.53 12.31
N ARG C 25 -13.00 20.65 13.63
CA ARG C 25 -14.33 20.78 14.25
C ARG C 25 -14.97 22.17 14.03
N ASP C 26 -14.24 23.26 14.27
CA ASP C 26 -14.81 24.60 13.99
C ASP C 26 -14.71 24.92 12.50
N THR C 27 -15.85 25.12 11.84
CA THR C 27 -15.88 25.46 10.44
C THR C 27 -16.76 26.70 10.21
N LEU C 28 -16.84 27.13 8.97
CA LEU C 28 -17.56 28.35 8.61
C LEU C 28 -18.89 28.10 7.90
N HIS C 29 -19.34 26.85 7.87
CA HIS C 29 -20.52 26.46 7.05
C HIS C 29 -21.76 27.28 7.31
N ASP C 30 -21.99 27.60 8.59
CA ASP C 30 -23.20 28.33 9.02
C ASP C 30 -22.95 29.82 9.23
N LEU C 31 -21.85 30.36 8.68
CA LEU C 31 -21.51 31.77 8.86
C LEU C 31 -21.44 32.50 7.52
N HIS C 32 -21.89 31.89 6.43
CA HIS C 32 -21.93 32.58 5.14
C HIS C 32 -22.75 33.89 5.22
N ARG C 33 -22.36 34.89 4.44
CA ARG C 33 -22.91 36.25 4.52
C ARG C 33 -23.02 36.77 3.12
N PRO C 34 -24.01 37.64 2.85
CA PRO C 34 -24.11 38.20 1.50
C PRO C 34 -23.04 39.28 1.22
N LEU C 35 -22.56 39.30 -0.02
CA LEU C 35 -21.58 40.28 -0.46
C LEU C 35 -22.32 41.47 -1.08
N GLY C 36 -22.69 42.42 -0.23
CA GLY C 36 -23.46 43.59 -0.63
C GLY C 36 -24.79 43.19 -1.26
N ASP C 37 -25.16 43.88 -2.33
CA ASP C 37 -26.38 43.58 -3.07
C ASP C 37 -26.11 42.78 -4.34
N THR C 38 -25.02 42.00 -4.38
CA THR C 38 -24.69 41.23 -5.60
C THR C 38 -25.51 39.95 -5.72
N GLY C 39 -26.11 39.52 -4.62
CA GLY C 39 -26.79 38.23 -4.57
C GLY C 39 -25.87 37.02 -4.38
N LEU C 40 -24.57 37.28 -4.12
CA LEU C 40 -23.61 36.22 -3.83
C LEU C 40 -23.51 36.07 -2.30
N ALA C 41 -23.51 34.83 -1.83
CA ALA C 41 -23.28 34.53 -0.42
C ALA C 41 -21.86 33.95 -0.34
N VAL C 42 -21.08 34.42 0.64
CA VAL C 42 -19.69 34.03 0.75
C VAL C 42 -19.30 33.72 2.18
N SER C 43 -18.41 32.75 2.36
CA SER C 43 -17.79 32.50 3.65
C SER C 43 -17.01 33.75 4.13
N PRO C 44 -16.96 33.99 5.43
CA PRO C 44 -16.23 35.13 5.98
C PRO C 44 -14.71 35.07 5.80
N LEU C 45 -14.19 33.92 5.40
CA LEU C 45 -12.81 33.84 4.94
C LEU C 45 -12.82 33.35 3.51
N GLY C 46 -11.91 33.91 2.71
CA GLY C 46 -11.72 33.53 1.35
C GLY C 46 -10.29 33.07 1.21
N LEU C 47 -10.06 32.17 0.27
CA LEU C 47 -8.76 31.59 0.07
C LEU C 47 -8.01 32.43 -0.94
N GLY C 48 -6.88 32.95 -0.56
CA GLY C 48 -6.07 33.67 -1.48
C GLY C 48 -5.12 32.76 -2.17
N THR C 49 -4.89 33.00 -3.44
CA THR C 49 -4.03 32.14 -4.19
C THR C 49 -2.89 32.86 -4.84
N VAL C 50 -2.24 33.76 -4.15
CA VAL C 50 -1.12 34.43 -4.73
C VAL C 50 0.02 33.49 -4.79
N LYS C 51 0.17 32.71 -3.76
CA LYS C 51 1.29 31.78 -3.62
C LYS C 51 1.17 30.56 -4.51
N PHE C 52 0.06 30.44 -5.23
CA PHE C 52 -0.07 29.36 -6.23
C PHE C 52 0.82 29.65 -7.44
N GLY C 53 1.44 30.84 -7.52
CA GLY C 53 2.34 31.17 -8.62
C GLY C 53 3.63 31.93 -8.30
N ARG C 54 3.53 33.07 -7.62
CA ARG C 54 4.61 34.10 -7.59
C ARG C 54 5.51 34.11 -8.83
N THR C 65 7.99 29.56 -1.42
CA THR C 65 7.90 28.29 -2.16
C THR C 65 6.46 27.94 -2.58
N ILE C 66 6.33 27.39 -3.77
CA ILE C 66 5.04 27.19 -4.44
C ILE C 66 4.51 25.79 -4.23
N PRO C 67 3.22 25.67 -3.91
CA PRO C 67 2.66 24.34 -3.77
C PRO C 67 2.68 23.47 -5.03
N ASP C 68 3.19 22.26 -4.85
CA ASP C 68 2.89 21.10 -5.66
C ASP C 68 1.39 20.94 -6.03
N ASP C 69 1.10 20.51 -7.25
CA ASP C 69 -0.31 20.30 -7.67
C ASP C 69 -1.09 19.49 -6.65
N ARG C 70 -0.39 18.59 -5.96
CA ARG C 70 -0.96 17.75 -4.92
C ARG C 70 -1.35 18.64 -3.73
N GLU C 71 -0.36 19.39 -3.23
CA GLU C 71 -0.52 20.29 -2.09
C GLU C 71 -1.63 21.30 -2.33
N ALA C 72 -1.76 21.76 -3.57
CA ALA C 72 -2.77 22.75 -3.95
C ALA C 72 -4.16 22.15 -3.94
N ALA C 73 -4.31 20.95 -4.49
CA ALA C 73 -5.60 20.25 -4.49
C ALA C 73 -6.06 19.90 -3.07
N ASP C 74 -5.10 19.59 -2.21
CA ASP C 74 -5.36 19.30 -0.79
C ASP C 74 -5.81 20.56 -0.05
N LEU C 75 -5.21 21.71 -0.38
CA LEU C 75 -5.55 22.97 0.27
C LEU C 75 -6.96 23.37 -0.11
N LEU C 76 -7.33 23.18 -1.37
CA LEU C 76 -8.69 23.46 -1.83
C LEU C 76 -9.71 22.53 -1.17
N ALA C 77 -9.38 21.25 -1.09
CA ALA C 77 -10.25 20.26 -0.50
C ALA C 77 -10.47 20.55 0.99
N LEU C 78 -9.40 20.88 1.70
CA LEU C 78 -9.49 21.26 3.12
C LEU C 78 -10.27 22.56 3.34
N ALA C 79 -10.07 23.54 2.45
CA ALA C 79 -10.79 24.79 2.49
C ALA C 79 -12.29 24.53 2.39
N ARG C 80 -12.65 23.66 1.47
CA ARG C 80 -14.03 23.31 1.25
C ARG C 80 -14.69 22.72 2.50
N ASP C 81 -14.05 21.70 3.08
CA ASP C 81 -14.54 21.05 4.31
C ASP C 81 -14.47 21.97 5.51
N LEU C 82 -13.74 23.08 5.38
CA LEU C 82 -13.67 24.10 6.44
C LEU C 82 -14.78 25.15 6.25
N GLY C 83 -15.57 25.00 5.19
CA GLY C 83 -16.70 25.88 4.92
C GLY C 83 -16.38 27.09 4.08
N ILE C 84 -15.21 27.12 3.45
CA ILE C 84 -14.82 28.23 2.56
C ILE C 84 -15.36 27.98 1.15
N ASN C 85 -15.99 29.00 0.58
CA ASN C 85 -16.46 28.94 -0.81
C ASN C 85 -16.05 30.16 -1.63
N LEU C 86 -15.08 30.91 -1.11
CA LEU C 86 -14.60 32.11 -1.75
C LEU C 86 -13.13 31.91 -2.11
N ILE C 87 -12.78 32.26 -3.34
CA ILE C 87 -11.41 32.14 -3.78
C ILE C 87 -11.04 33.39 -4.57
N ASP C 88 -9.82 33.87 -4.36
CA ASP C 88 -9.34 35.15 -4.90
C ASP C 88 -8.12 34.89 -5.77
N THR C 89 -8.10 35.45 -6.98
CA THR C 89 -6.93 35.30 -7.85
C THR C 89 -6.73 36.52 -8.71
N ALA C 90 -5.74 36.47 -9.59
CA ALA C 90 -5.45 37.58 -10.49
C ALA C 90 -4.54 37.15 -11.62
N PRO C 91 -4.63 37.82 -12.79
CA PRO C 91 -3.64 37.68 -13.87
C PRO C 91 -2.23 37.94 -13.37
N ALA C 92 -2.09 38.93 -12.49
CA ALA C 92 -0.78 39.32 -11.96
C ALA C 92 -0.13 38.27 -11.06
N TYR C 93 -0.90 37.33 -10.52
CA TYR C 93 -0.34 36.32 -9.59
C TYR C 93 0.31 35.15 -10.37
N GLY C 94 1.25 35.49 -11.23
CA GLY C 94 1.97 34.49 -12.01
C GLY C 94 0.98 33.61 -12.74
N ARG C 95 0.96 32.33 -12.41
CA ARG C 95 0.05 31.41 -13.07
C ARG C 95 -1.07 30.89 -12.24
N SER C 96 -1.32 31.58 -11.14
CA SER C 96 -2.42 31.23 -10.29
C SER C 96 -3.67 30.91 -11.15
N GLU C 97 -4.07 31.84 -12.01
CA GLU C 97 -5.25 31.65 -12.87
C GLU C 97 -5.14 30.37 -13.66
N GLU C 98 -4.04 30.22 -14.38
CA GLU C 98 -3.84 29.08 -15.26
C GLU C 98 -3.95 27.73 -14.54
N ARG C 99 -3.36 27.64 -13.35
CA ARG C 99 -3.39 26.42 -12.53
C ARG C 99 -4.78 26.12 -11.98
N LEU C 100 -5.54 27.15 -11.65
CA LEU C 100 -6.82 26.97 -10.95
C LEU C 100 -7.85 26.28 -11.82
N GLY C 101 -7.78 26.51 -13.13
CA GLY C 101 -8.74 25.90 -14.06
C GLY C 101 -8.84 24.40 -13.87
N PRO C 102 -7.74 23.69 -14.13
CA PRO C 102 -7.62 22.25 -13.88
C PRO C 102 -7.95 21.83 -12.45
N LEU C 103 -7.41 22.56 -11.48
CA LEU C 103 -7.63 22.24 -10.08
C LEU C 103 -9.09 22.34 -9.64
N LEU C 104 -9.85 23.21 -10.30
CA LEU C 104 -11.26 23.42 -9.96
C LEU C 104 -12.26 22.57 -10.78
N ARG C 105 -11.74 21.84 -11.77
CA ARG C 105 -12.55 20.87 -12.53
C ARG C 105 -13.31 19.97 -11.60
N GLY C 106 -14.61 19.89 -11.80
CA GLY C 106 -15.47 19.02 -11.00
C GLY C 106 -16.05 19.70 -9.77
N GLN C 107 -15.53 20.88 -9.42
CA GLN C 107 -16.06 21.63 -8.26
C GLN C 107 -16.33 23.11 -8.47
N ARG C 108 -16.09 23.62 -9.67
CA ARG C 108 -16.24 25.05 -9.90
C ARG C 108 -17.52 25.63 -9.30
N GLU C 109 -18.62 24.89 -9.43
CA GLU C 109 -19.90 25.37 -8.92
C GLU C 109 -19.91 25.66 -7.41
N HIS C 110 -19.03 25.02 -6.65
CA HIS C 110 -18.90 25.32 -5.23
C HIS C 110 -18.44 26.77 -4.99
N TRP C 111 -17.58 27.27 -5.89
CA TRP C 111 -16.76 28.46 -5.63
C TRP C 111 -17.28 29.77 -6.21
N VAL C 112 -17.27 30.80 -5.35
CA VAL C 112 -17.35 32.19 -5.79
C VAL C 112 -15.95 32.67 -6.13
N ILE C 113 -15.66 32.89 -7.41
CA ILE C 113 -14.31 33.29 -7.81
C ILE C 113 -14.19 34.80 -7.98
N VAL C 114 -13.17 35.37 -7.37
CA VAL C 114 -12.85 36.78 -7.59
C VAL C 114 -11.57 36.85 -8.37
N SER C 115 -11.58 37.62 -9.46
CA SER C 115 -10.34 37.88 -10.19
C SER C 115 -10.20 39.37 -10.52
N LYS C 116 -9.17 39.75 -11.27
CA LYS C 116 -8.87 41.15 -11.43
C LYS C 116 -8.40 41.48 -12.85
N VAL C 117 -8.44 42.76 -13.19
CA VAL C 117 -7.97 43.23 -14.49
C VAL C 117 -7.09 44.44 -14.29
N GLY C 118 -6.04 44.54 -15.10
CA GLY C 118 -5.32 45.77 -15.22
C GLY C 118 -3.84 45.66 -14.91
N GLU C 119 -3.47 44.73 -14.05
CA GLU C 119 -2.06 44.57 -13.71
C GLU C 119 -1.55 43.32 -14.40
N GLU C 120 -0.32 43.36 -14.86
CA GLU C 120 0.20 42.30 -15.75
C GLU C 120 1.65 41.87 -15.42
N GLY C 124 10.24 41.61 -15.50
CA GLY C 124 10.75 42.00 -14.19
C GLY C 124 9.65 42.54 -13.33
N GLN C 125 8.83 43.40 -13.94
CA GLN C 125 8.02 44.38 -13.20
C GLN C 125 6.53 44.37 -13.54
N SER C 126 5.79 45.10 -12.69
CA SER C 126 4.38 45.38 -12.90
C SER C 126 4.18 46.23 -14.17
N VAL C 127 3.15 45.88 -14.93
CA VAL C 127 2.70 46.70 -16.06
C VAL C 127 1.17 46.89 -15.98
N PHE C 128 0.71 48.13 -16.14
CA PHE C 128 -0.73 48.42 -16.02
C PHE C 128 -1.35 48.91 -17.32
N ASP C 129 -2.55 48.41 -17.62
CA ASP C 129 -3.27 48.79 -18.84
C ASP C 129 -4.74 48.76 -18.50
N PHE C 130 -5.38 49.92 -18.53
CA PHE C 130 -6.79 50.03 -18.18
C PHE C 130 -7.65 50.35 -19.38
N SER C 131 -7.14 50.04 -20.57
CA SER C 131 -7.90 50.21 -21.82
C SER C 131 -9.03 49.19 -21.93
N ALA C 132 -10.08 49.55 -22.65
CA ALA C 132 -11.22 48.68 -22.86
C ALA C 132 -10.78 47.42 -23.58
N ALA C 133 -9.89 47.59 -24.57
CA ALA C 133 -9.33 46.46 -25.34
C ALA C 133 -8.69 45.43 -24.40
N HIS C 134 -7.80 45.92 -23.52
CA HIS C 134 -7.13 45.04 -22.60
C HIS C 134 -8.08 44.45 -21.56
N THR C 135 -9.00 45.26 -21.03
CA THR C 135 -9.95 44.79 -20.02
C THR C 135 -10.70 43.60 -20.57
N ARG C 136 -11.20 43.74 -21.78
CA ARG C 136 -12.00 42.72 -22.43
C ARG C 136 -11.15 41.50 -22.78
N ARG C 137 -9.90 41.75 -23.18
CA ARG C 137 -8.98 40.69 -23.58
C ARG C 137 -8.54 39.86 -22.35
N SER C 138 -8.37 40.54 -21.22
CA SER C 138 -7.97 39.89 -19.96
C SER C 138 -9.08 39.01 -19.37
N VAL C 139 -10.30 39.52 -19.37
CA VAL C 139 -11.44 38.76 -18.83
C VAL C 139 -11.75 37.55 -19.69
N GLU C 140 -11.62 37.69 -21.00
CA GLU C 140 -11.78 36.56 -21.90
C GLU C 140 -10.75 35.48 -21.54
N ARG C 141 -9.50 35.90 -21.41
CA ARG C 141 -8.41 35.00 -21.07
C ARG C 141 -8.58 34.37 -19.67
N SER C 142 -9.13 35.14 -18.74
CA SER C 142 -9.38 34.63 -17.39
C SER C 142 -10.44 33.52 -17.37
N LEU C 143 -11.49 33.71 -18.15
CA LEU C 143 -12.54 32.70 -18.34
C LEU C 143 -11.99 31.43 -19.01
N LYS C 144 -11.08 31.63 -19.96
CA LYS C 144 -10.44 30.53 -20.69
C LYS C 144 -9.57 29.73 -19.72
N ARG C 145 -8.68 30.45 -19.02
CA ARG C 145 -7.77 29.85 -18.05
C ARG C 145 -8.47 29.09 -16.94
N LEU C 146 -9.59 29.64 -16.47
CA LEU C 146 -10.36 29.04 -15.38
C LEU C 146 -11.36 27.98 -15.88
N GLU C 147 -11.44 27.81 -17.20
CA GLU C 147 -12.31 26.79 -17.78
C GLU C 147 -13.74 26.97 -17.30
N THR C 148 -14.28 28.15 -17.57
CA THR C 148 -15.61 28.53 -17.12
C THR C 148 -16.20 29.65 -17.98
N ASP C 149 -17.52 29.78 -17.97
CA ASP C 149 -18.22 30.72 -18.86
C ASP C 149 -18.49 32.05 -18.18
N ARG C 150 -18.13 32.14 -16.89
CA ARG C 150 -18.37 33.35 -16.13
C ARG C 150 -17.59 33.41 -14.80
N ILE C 151 -17.27 34.63 -14.37
CA ILE C 151 -16.55 34.86 -13.12
C ILE C 151 -17.41 35.74 -12.20
N GLU C 152 -17.59 35.32 -10.95
CA GLU C 152 -18.53 36.01 -10.07
C GLU C 152 -18.18 37.49 -9.86
N LEU C 153 -16.91 37.78 -9.62
CA LEU C 153 -16.50 39.14 -9.33
C LEU C 153 -15.17 39.46 -9.98
N VAL C 154 -15.12 40.54 -10.74
CA VAL C 154 -13.87 41.02 -11.30
C VAL C 154 -13.54 42.43 -10.79
N LEU C 155 -12.40 42.57 -10.12
CA LEU C 155 -11.99 43.83 -9.50
C LEU C 155 -10.88 44.53 -10.30
N VAL C 156 -10.96 45.86 -10.38
CA VAL C 156 -9.92 46.67 -11.03
C VAL C 156 -8.66 46.60 -10.16
N HIS C 157 -7.54 46.25 -10.76
CA HIS C 157 -6.30 46.02 -10.00
C HIS C 157 -5.48 47.30 -10.03
N SER C 158 -5.72 48.20 -9.10
CA SER C 158 -5.15 49.55 -9.17
C SER C 158 -3.65 49.65 -8.93
N ASP C 159 -2.99 50.60 -9.58
CA ASP C 159 -1.57 50.93 -9.31
C ASP C 159 -1.41 51.90 -8.13
N GLY C 160 -2.55 52.33 -7.57
CA GLY C 160 -2.54 53.27 -6.45
C GLY C 160 -3.31 54.53 -6.83
N ASN C 161 -3.32 54.83 -8.12
CA ASN C 161 -4.00 55.99 -8.65
C ASN C 161 -5.50 55.69 -8.93
N ASP C 162 -6.20 55.27 -7.88
CA ASP C 162 -7.57 54.75 -8.03
C ASP C 162 -8.51 55.69 -8.78
N LEU C 163 -8.58 56.91 -8.27
CA LEU C 163 -9.58 57.85 -8.69
C LEU C 163 -9.38 58.24 -10.14
N ASP C 164 -8.13 58.41 -10.56
CA ASP C 164 -7.83 58.76 -11.96
C ASP C 164 -8.19 57.62 -12.89
N ILE C 165 -7.90 56.38 -12.48
CA ILE C 165 -8.25 55.18 -13.27
C ILE C 165 -9.76 55.07 -13.43
N LEU C 166 -10.50 55.20 -12.32
CA LEU C 166 -11.97 55.09 -12.36
C LEU C 166 -12.64 56.20 -13.16
N GLU C 167 -11.98 57.35 -13.29
CA GLU C 167 -12.58 58.53 -13.95
C GLU C 167 -12.15 58.69 -15.42
N ASN C 168 -10.88 58.49 -15.70
CA ASN C 168 -10.30 58.86 -17.00
C ASN C 168 -9.81 57.68 -17.84
N SER C 169 -10.18 56.47 -17.46
CA SER C 169 -9.85 55.29 -18.25
C SER C 169 -11.12 54.56 -18.61
N GLU C 170 -10.99 53.55 -19.47
CA GLU C 170 -12.16 52.88 -20.07
C GLU C 170 -12.58 51.64 -19.26
N VAL C 171 -11.77 51.25 -18.25
CA VAL C 171 -11.95 49.97 -17.52
C VAL C 171 -13.34 49.75 -16.88
N TYR C 172 -13.79 50.73 -16.10
CA TYR C 172 -15.01 50.55 -15.29
C TYR C 172 -16.25 50.42 -16.18
N PRO C 173 -16.42 51.32 -17.17
CA PRO C 173 -17.51 51.09 -18.12
C PRO C 173 -17.44 49.76 -18.90
N THR C 174 -16.23 49.34 -19.27
CA THR C 174 -16.04 48.05 -19.93
C THR C 174 -16.44 46.87 -19.04
N LEU C 175 -16.06 46.91 -17.77
CA LEU C 175 -16.54 45.93 -16.82
C LEU C 175 -18.09 45.95 -16.75
N ALA C 176 -18.67 47.15 -16.73
CA ALA C 176 -20.12 47.26 -16.67
C ALA C 176 -20.78 46.54 -17.87
N ALA C 177 -20.16 46.66 -19.03
CA ALA C 177 -20.63 46.03 -20.23
C ALA C 177 -20.51 44.52 -20.08
N LEU C 178 -19.33 44.07 -19.67
CA LEU C 178 -19.09 42.66 -19.44
C LEU C 178 -20.08 42.07 -18.46
N LYS C 179 -20.57 42.88 -17.52
CA LYS C 179 -21.58 42.44 -16.54
C LYS C 179 -22.93 42.23 -17.21
N ARG C 180 -23.32 43.17 -18.06
CA ARG C 180 -24.54 43.04 -18.85
C ARG C 180 -24.48 41.82 -19.75
N GLU C 181 -23.33 41.62 -20.38
CA GLU C 181 -23.13 40.51 -21.31
C GLU C 181 -23.15 39.14 -20.63
N GLY C 182 -23.10 39.11 -19.30
CA GLY C 182 -23.15 37.85 -18.53
C GLY C 182 -21.81 37.18 -18.26
N LEU C 183 -20.74 37.71 -18.86
CA LEU C 183 -19.37 37.21 -18.65
C LEU C 183 -18.87 37.38 -17.20
N ILE C 184 -19.28 38.44 -16.51
CA ILE C 184 -18.98 38.55 -15.08
C ILE C 184 -20.26 38.82 -14.28
N GLY C 185 -20.27 38.40 -13.01
CA GLY C 185 -21.43 38.52 -12.15
C GLY C 185 -21.50 39.86 -11.44
N ALA C 186 -20.34 40.46 -11.18
CA ALA C 186 -20.25 41.76 -10.50
C ALA C 186 -18.86 42.37 -10.77
N TYR C 187 -18.71 43.66 -10.51
CA TYR C 187 -17.41 44.30 -10.68
C TYR C 187 -17.10 45.24 -9.54
N GLY C 188 -15.85 45.68 -9.48
CA GLY C 188 -15.41 46.54 -8.39
C GLY C 188 -13.95 46.93 -8.47
N LEU C 189 -13.43 47.42 -7.35
CA LEU C 189 -12.05 47.94 -7.28
C LEU C 189 -11.28 47.25 -6.18
N SER C 190 -10.04 46.87 -6.45
CA SER C 190 -9.08 46.52 -5.40
C SER C 190 -8.14 47.70 -5.25
N GLY C 191 -8.54 48.63 -4.42
CA GLY C 191 -7.90 49.93 -4.37
C GLY C 191 -6.86 50.10 -3.30
N LYS C 192 -6.28 51.29 -3.24
CA LYS C 192 -5.34 51.65 -2.19
C LYS C 192 -5.68 52.96 -1.48
N THR C 193 -6.70 53.67 -1.93
CA THR C 193 -7.01 54.99 -1.41
C THR C 193 -8.46 55.03 -0.99
N VAL C 194 -8.78 55.87 -0.03
CA VAL C 194 -10.15 55.93 0.48
C VAL C 194 -11.06 56.55 -0.55
N GLU C 195 -10.53 57.53 -1.27
CA GLU C 195 -11.32 58.26 -2.25
C GLU C 195 -11.68 57.35 -3.41
N GLY C 196 -10.77 56.43 -3.74
CA GLY C 196 -11.00 55.48 -4.82
C GLY C 196 -12.03 54.45 -4.44
N GLY C 197 -11.92 53.93 -3.24
CA GLY C 197 -12.86 52.96 -2.72
C GLY C 197 -14.27 53.51 -2.73
N LEU C 198 -14.41 54.80 -2.44
CA LEU C 198 -15.72 55.44 -2.40
C LEU C 198 -16.35 55.59 -3.79
N ARG C 199 -15.54 55.95 -4.78
CA ARG C 199 -16.02 56.02 -6.17
C ARG C 199 -16.42 54.66 -6.71
N ALA C 200 -15.62 53.65 -6.42
CA ALA C 200 -15.89 52.32 -6.91
C ALA C 200 -17.30 51.90 -6.52
N LEU C 201 -17.73 52.34 -5.36
CA LEU C 201 -19.02 51.93 -4.80
C LEU C 201 -20.20 52.76 -5.32
N ARG C 202 -19.90 53.88 -5.96
CA ARG C 202 -20.93 54.75 -6.53
C ARG C 202 -21.62 54.08 -7.69
N GLU C 203 -20.82 53.55 -8.62
CA GLU C 203 -21.36 52.82 -9.79
C GLU C 203 -21.20 51.28 -9.69
N GLY C 204 -20.07 50.85 -9.12
CA GLY C 204 -19.73 49.44 -9.01
C GLY C 204 -20.31 48.76 -7.79
N ASP C 205 -19.97 47.48 -7.66
CA ASP C 205 -20.66 46.59 -6.73
C ASP C 205 -19.90 46.36 -5.45
N CYS C 206 -18.58 46.51 -5.50
CA CYS C 206 -17.74 46.03 -4.42
C CYS C 206 -16.36 46.65 -4.35
N ALA C 207 -15.82 46.78 -3.14
CA ALA C 207 -14.45 47.28 -2.95
C ALA C 207 -13.64 46.33 -2.10
N MET C 208 -12.44 46.00 -2.56
CA MET C 208 -11.49 45.24 -1.76
C MET C 208 -10.51 46.26 -1.14
N VAL C 209 -10.47 46.28 0.18
CA VAL C 209 -9.77 47.33 0.92
C VAL C 209 -8.83 46.72 1.92
N THR C 210 -7.75 47.43 2.24
CA THR C 210 -6.81 47.00 3.27
C THR C 210 -7.37 47.39 4.63
N TYR C 211 -7.32 46.48 5.60
CA TYR C 211 -7.81 46.78 6.93
C TYR C 211 -7.23 45.79 7.94
N ASN C 212 -6.33 46.29 8.77
CA ASN C 212 -5.64 45.47 9.75
C ASN C 212 -5.22 46.32 10.95
N LEU C 213 -4.57 45.71 11.93
CA LEU C 213 -4.26 46.39 13.20
C LEU C 213 -3.38 47.62 13.01
N ASN C 214 -2.48 47.59 12.03
CA ASN C 214 -1.60 48.73 11.68
C ASN C 214 -2.22 49.75 10.72
N GLU C 215 -3.16 49.35 9.87
CA GLU C 215 -3.63 50.21 8.79
C GLU C 215 -5.16 50.27 8.79
N ARG C 216 -5.71 51.44 9.14
CA ARG C 216 -7.15 51.60 9.25
C ARG C 216 -7.71 52.80 8.48
N ALA C 217 -6.90 53.37 7.59
CA ALA C 217 -7.32 54.54 6.84
C ALA C 217 -8.56 54.32 5.96
N GLU C 218 -8.78 53.09 5.50
CA GLU C 218 -9.89 52.80 4.56
C GLU C 218 -11.20 52.45 5.27
N ARG C 219 -11.26 52.72 6.57
CA ARG C 219 -12.48 52.49 7.35
C ARG C 219 -13.72 53.19 6.79
N PRO C 220 -13.59 54.44 6.33
CA PRO C 220 -14.73 55.12 5.74
C PRO C 220 -15.38 54.39 4.56
N VAL C 221 -14.58 53.72 3.74
CA VAL C 221 -15.11 52.93 2.63
C VAL C 221 -15.99 51.79 3.16
N ILE C 222 -15.58 51.20 4.28
CA ILE C 222 -16.32 50.10 4.87
C ILE C 222 -17.62 50.62 5.47
N GLU C 223 -17.54 51.79 6.11
CA GLU C 223 -18.71 52.40 6.73
C GLU C 223 -19.74 52.84 5.69
N TYR C 224 -19.27 53.41 4.58
CA TYR C 224 -20.13 53.79 3.46
C TYR C 224 -20.83 52.59 2.85
N ALA C 225 -20.08 51.51 2.62
CA ALA C 225 -20.64 50.27 2.06
C ALA C 225 -21.72 49.71 2.96
N ALA C 226 -21.45 49.69 4.26
CA ALA C 226 -22.42 49.26 5.29
C ALA C 226 -23.73 50.03 5.18
N ALA C 227 -23.65 51.33 4.90
CA ALA C 227 -24.83 52.19 4.80
C ALA C 227 -25.61 51.98 3.51
N HIS C 228 -24.96 51.55 2.43
CA HIS C 228 -25.62 51.47 1.11
C HIS C 228 -25.63 50.06 0.49
N ALA C 229 -25.68 49.02 1.31
CA ALA C 229 -25.79 47.63 0.83
C ALA C 229 -24.79 47.34 -0.30
N LYS C 230 -23.50 47.56 -0.01
CA LYS C 230 -22.43 47.35 -0.97
C LYS C 230 -21.37 46.39 -0.42
N GLY C 231 -20.69 45.68 -1.32
CA GLY C 231 -19.73 44.64 -0.94
C GLY C 231 -18.35 45.11 -0.52
N ILE C 232 -17.86 44.58 0.58
CA ILE C 232 -16.51 44.85 1.04
C ILE C 232 -15.77 43.52 1.26
N LEU C 233 -14.61 43.40 0.62
CA LEU C 233 -13.69 42.31 0.91
C LEU C 233 -12.48 42.98 1.53
N VAL C 234 -11.94 42.39 2.60
CA VAL C 234 -10.74 42.91 3.23
C VAL C 234 -9.51 42.12 2.83
N LYS C 235 -8.49 42.80 2.33
CA LYS C 235 -7.18 42.19 2.07
C LYS C 235 -6.18 42.59 3.15
N LYS C 236 -5.13 41.80 3.29
CA LYS C 236 -4.08 42.03 4.29
C LYS C 236 -4.57 42.09 5.73
N ALA C 237 -5.59 41.30 6.07
CA ALA C 237 -6.14 41.35 7.44
C ALA C 237 -5.12 40.95 8.49
N LEU C 238 -4.17 40.09 8.12
CA LEU C 238 -3.21 39.54 9.08
C LEU C 238 -1.80 40.11 8.90
N ALA C 239 -1.58 41.27 9.49
CA ALA C 239 -0.27 41.91 9.56
C ALA C 239 -0.31 42.75 10.81
N SER C 240 0.55 42.42 11.78
CA SER C 240 0.69 43.20 13.02
C SER C 240 2.15 43.63 13.34
N GLY C 241 2.24 44.70 14.15
CA GLY C 241 3.48 45.24 14.76
C GLY C 241 3.14 45.84 16.11
N ASP C 250 -4.29 35.76 20.89
CA ASP C 250 -3.81 35.29 19.59
C ASP C 250 -3.88 36.44 18.61
N PRO C 251 -2.79 36.72 17.88
CA PRO C 251 -2.79 37.84 16.93
C PRO C 251 -3.82 37.69 15.82
N VAL C 252 -3.98 36.46 15.33
CA VAL C 252 -4.99 36.20 14.30
C VAL C 252 -6.39 36.50 14.83
N ARG C 253 -6.66 36.09 16.06
CA ARG C 253 -7.97 36.33 16.64
C ARG C 253 -8.24 37.82 16.84
N ALA C 254 -7.20 38.54 17.28
CA ALA C 254 -7.29 39.98 17.48
C ALA C 254 -7.59 40.67 16.14
N SER C 255 -6.89 40.24 15.11
CA SER C 255 -7.08 40.79 13.78
C SER C 255 -8.48 40.55 13.30
N PHE C 256 -8.97 39.33 13.44
CA PHE C 256 -10.31 39.01 12.99
C PHE C 256 -11.37 39.69 13.85
N GLU C 257 -11.09 39.95 15.12
CA GLU C 257 -12.03 40.70 15.96
C GLU C 257 -12.19 42.12 15.45
N LEU C 258 -11.07 42.76 15.14
CA LEU C 258 -11.09 44.09 14.57
C LEU C 258 -11.90 44.15 13.28
N VAL C 259 -11.54 43.28 12.33
CA VAL C 259 -12.17 43.24 11.01
C VAL C 259 -13.67 43.00 11.08
N PHE C 260 -14.08 41.99 11.83
CA PHE C 260 -15.50 41.65 11.86
C PHE C 260 -16.35 42.50 12.81
N ASP C 261 -15.71 43.36 13.59
CA ASP C 261 -16.44 44.41 14.29
C ASP C 261 -17.03 45.46 13.35
N GLN C 262 -16.47 45.57 12.15
CA GLN C 262 -17.10 46.40 11.12
C GLN C 262 -18.25 45.62 10.46
N PRO C 263 -19.48 46.15 10.56
CA PRO C 263 -20.61 45.46 9.95
C PRO C 263 -20.51 45.38 8.42
N GLY C 264 -19.78 46.32 7.84
CA GLY C 264 -19.63 46.36 6.38
C GLY C 264 -18.87 45.21 5.72
N VAL C 265 -18.07 44.49 6.49
CA VAL C 265 -17.18 43.49 5.90
C VAL C 265 -17.90 42.17 5.62
N ALA C 266 -17.79 41.69 4.39
CA ALA C 266 -18.35 40.38 4.01
C ALA C 266 -17.31 39.28 4.25
N ALA C 267 -16.10 39.46 3.74
CA ALA C 267 -15.06 38.45 3.91
C ALA C 267 -13.68 39.07 4.03
N ALA C 268 -12.77 38.35 4.68
CA ALA C 268 -11.35 38.68 4.67
C ALA C 268 -10.64 37.62 3.86
N ILE C 269 -9.76 38.02 2.94
CA ILE C 269 -8.96 37.06 2.15
C ILE C 269 -7.68 36.74 2.91
N VAL C 270 -7.39 35.45 3.09
CA VAL C 270 -6.17 35.02 3.79
C VAL C 270 -5.19 34.35 2.84
N GLY C 271 -3.91 34.63 3.02
CA GLY C 271 -2.90 34.19 2.06
C GLY C 271 -2.19 32.88 2.35
N THR C 272 -2.60 32.17 3.40
CA THR C 272 -1.83 31.03 3.90
C THR C 272 -1.96 29.79 3.00
N ILE C 273 -0.86 29.07 2.81
CA ILE C 273 -0.87 27.77 2.13
C ILE C 273 -0.57 26.60 3.09
N ASN C 274 -0.28 26.88 4.36
CA ASN C 274 -0.05 25.83 5.36
C ASN C 274 -1.39 25.33 5.93
N PRO C 275 -1.76 24.07 5.63
CA PRO C 275 -3.10 23.59 6.00
C PRO C 275 -3.42 23.76 7.46
N LEU C 276 -2.43 23.58 8.33
CA LEU C 276 -2.64 23.74 9.77
C LEU C 276 -2.95 25.20 10.13
N HIS C 277 -2.20 26.15 9.56
CA HIS C 277 -2.51 27.57 9.75
C HIS C 277 -3.88 27.93 9.17
N LEU C 278 -4.30 27.27 8.10
CA LEU C 278 -5.62 27.53 7.51
C LEU C 278 -6.71 27.08 8.44
N ALA C 279 -6.59 25.89 9.00
CA ALA C 279 -7.60 25.36 9.92
C ALA C 279 -7.66 26.23 11.17
N HIS C 280 -6.50 26.68 11.62
CA HIS C 280 -6.40 27.59 12.75
C HIS C 280 -7.07 28.92 12.42
N ASN C 281 -6.70 29.52 11.29
CA ASN C 281 -7.31 30.78 10.88
C ASN C 281 -8.84 30.66 10.92
N VAL C 282 -9.36 29.58 10.35
CA VAL C 282 -10.80 29.36 10.27
C VAL C 282 -11.40 29.24 11.66
N ALA C 283 -10.70 28.57 12.56
CA ALA C 283 -11.16 28.42 13.92
C ALA C 283 -11.29 29.80 14.59
N MET C 284 -10.25 30.61 14.48
CA MET C 284 -10.23 31.93 15.09
C MET C 284 -11.30 32.83 14.52
N ALA C 285 -11.60 32.69 13.22
CA ALA C 285 -12.64 33.50 12.57
C ALA C 285 -14.03 33.14 13.07
N ALA C 286 -14.26 31.84 13.30
CA ALA C 286 -15.51 31.36 13.86
C ALA C 286 -15.70 31.89 15.29
N GLN C 287 -14.61 31.89 16.06
CA GLN C 287 -14.62 32.40 17.44
C GLN C 287 -14.87 33.90 17.51
N ALA C 288 -14.28 34.65 16.58
CA ALA C 288 -14.48 36.10 16.49
C ALA C 288 -15.92 36.46 16.14
N LEU C 289 -16.59 35.63 15.36
CA LEU C 289 -17.97 35.88 14.95
C LEU C 289 -19.02 35.29 15.93
N LYS C 290 -18.57 34.48 16.89
CA LYS C 290 -19.44 33.77 17.86
C LYS C 290 -20.83 33.46 17.31
N TYR D 19 -1.68 -28.27 53.07
CA TYR D 19 -0.57 -27.32 52.73
C TYR D 19 0.47 -28.01 51.86
N PHE D 20 0.30 -29.31 51.60
CA PHE D 20 1.15 -30.01 50.63
C PHE D 20 0.92 -29.47 49.22
N GLN D 21 -0.26 -28.90 48.97
CA GLN D 21 -0.68 -28.55 47.60
C GLN D 21 0.04 -27.26 47.16
N SER D 22 1.36 -27.28 47.30
CA SER D 22 2.24 -26.48 46.48
C SER D 22 3.22 -27.49 45.84
N MET D 23 2.59 -28.58 45.44
CA MET D 23 3.00 -29.40 44.34
C MET D 23 2.67 -28.69 43.04
N ILE D 24 2.21 -27.44 43.11
CA ILE D 24 2.08 -26.60 41.93
C ILE D 24 3.12 -25.47 42.03
N ARG D 25 4.31 -25.88 42.46
CA ARG D 25 5.45 -25.01 42.75
C ARG D 25 6.03 -24.36 41.48
N ASP D 26 6.41 -25.19 40.51
CA ASP D 26 6.93 -24.70 39.22
C ASP D 26 5.77 -24.23 38.37
N THR D 27 5.79 -22.95 38.00
CA THR D 27 4.74 -22.38 37.16
C THR D 27 5.37 -21.66 35.97
N LEU D 28 4.53 -21.11 35.09
CA LEU D 28 4.98 -20.46 33.87
C LEU D 28 4.87 -18.93 33.91
N HIS D 29 4.59 -18.36 35.06
CA HIS D 29 4.29 -16.93 35.18
C HIS D 29 5.33 -16.01 34.56
N ASP D 30 6.61 -16.37 34.74
CA ASP D 30 7.74 -15.54 34.28
C ASP D 30 8.37 -16.04 32.97
N LEU D 31 7.62 -16.84 32.21
CA LEU D 31 8.11 -17.40 30.96
C LEU D 31 7.25 -16.99 29.76
N HIS D 32 6.34 -16.02 29.97
CA HIS D 32 5.50 -15.54 28.87
C HIS D 32 6.37 -15.00 27.72
N ARG D 33 5.93 -15.20 26.48
CA ARG D 33 6.71 -14.90 25.28
C ARG D 33 5.76 -14.25 24.27
N PRO D 34 6.28 -13.38 23.40
CA PRO D 34 5.40 -12.81 22.39
C PRO D 34 5.10 -13.81 21.26
N LEU D 35 3.87 -13.73 20.73
CA LEU D 35 3.45 -14.56 19.62
C LEU D 35 3.68 -13.77 18.32
N GLY D 36 4.88 -13.92 17.76
CA GLY D 36 5.26 -13.18 16.56
C GLY D 36 5.10 -11.68 16.77
N ASP D 37 4.68 -10.98 15.71
CA ASP D 37 4.47 -9.53 15.77
C ASP D 37 3.03 -9.15 16.02
N THR D 38 2.26 -10.01 16.68
CA THR D 38 0.85 -9.73 16.96
C THR D 38 0.64 -8.81 18.13
N GLY D 39 1.66 -8.67 18.97
CA GLY D 39 1.52 -7.90 20.22
C GLY D 39 0.82 -8.65 21.36
N LEU D 40 0.59 -9.95 21.16
CA LEU D 40 0.05 -10.81 22.20
C LEU D 40 1.21 -11.52 22.91
N ALA D 41 1.14 -11.57 24.25
CA ALA D 41 2.11 -12.30 25.07
C ALA D 41 1.44 -13.55 25.64
N VAL D 42 2.07 -14.71 25.46
CA VAL D 42 1.43 -15.98 25.78
C VAL D 42 2.34 -16.88 26.60
N SER D 43 1.75 -17.63 27.51
CA SER D 43 2.47 -18.71 28.20
C SER D 43 2.97 -19.73 27.19
N PRO D 44 4.12 -20.37 27.44
CA PRO D 44 4.68 -21.38 26.53
C PRO D 44 3.87 -22.66 26.43
N LEU D 45 2.91 -22.84 27.34
CA LEU D 45 1.91 -23.88 27.17
C LEU D 45 0.56 -23.22 27.08
N GLY D 46 -0.28 -23.79 26.22
CA GLY D 46 -1.68 -23.38 26.08
C GLY D 46 -2.58 -24.55 26.36
N LEU D 47 -3.76 -24.26 26.82
CA LEU D 47 -4.68 -25.27 27.21
C LEU D 47 -5.62 -25.57 26.09
N GLY D 48 -5.62 -26.81 25.63
CA GLY D 48 -6.48 -27.22 24.57
C GLY D 48 -7.75 -27.81 25.06
N THR D 49 -8.80 -27.70 24.26
CA THR D 49 -10.13 -27.89 24.76
C THR D 49 -10.95 -28.80 23.93
N VAL D 50 -10.33 -29.69 23.19
CA VAL D 50 -11.05 -30.64 22.39
C VAL D 50 -11.88 -31.52 23.24
N LYS D 51 -11.32 -31.92 24.36
CA LYS D 51 -12.01 -32.86 25.25
C LYS D 51 -13.13 -32.22 26.03
N PHE D 52 -13.27 -30.91 25.96
CA PHE D 52 -14.42 -30.24 26.57
C PHE D 52 -15.74 -30.49 25.80
N GLY D 53 -15.65 -30.75 24.51
CA GLY D 53 -16.81 -31.13 23.69
C GLY D 53 -16.37 -32.43 23.11
N ARG D 54 -16.98 -32.89 22.04
CA ARG D 54 -16.45 -34.08 21.38
C ARG D 54 -16.39 -35.29 22.33
N THR D 65 -13.56 -39.64 27.80
CA THR D 65 -14.62 -39.10 28.67
C THR D 65 -14.48 -37.58 28.91
N ILE D 66 -15.64 -36.90 28.96
CA ILE D 66 -15.73 -35.44 28.93
C ILE D 66 -15.82 -34.90 30.33
N PRO D 67 -15.10 -33.82 30.63
CA PRO D 67 -15.22 -33.22 31.95
C PRO D 67 -16.60 -32.64 32.29
N ASP D 68 -17.10 -33.03 33.45
CA ASP D 68 -18.06 -32.28 34.25
C ASP D 68 -17.80 -30.77 34.37
N ASP D 69 -18.85 -29.94 34.28
CA ASP D 69 -18.71 -28.47 34.41
C ASP D 69 -17.83 -28.08 35.58
N ARG D 70 -17.85 -28.92 36.61
CA ARG D 70 -17.05 -28.73 37.81
C ARG D 70 -15.57 -29.01 37.50
N GLU D 71 -15.32 -30.17 36.91
CA GLU D 71 -13.98 -30.57 36.51
C GLU D 71 -13.34 -29.56 35.54
N ALA D 72 -14.16 -28.99 34.66
CA ALA D 72 -13.69 -28.06 33.67
C ALA D 72 -13.34 -26.71 34.26
N ALA D 73 -14.15 -26.22 35.19
CA ALA D 73 -13.87 -24.96 35.89
C ALA D 73 -12.62 -25.09 36.77
N ASP D 74 -12.41 -26.29 37.32
CA ASP D 74 -11.23 -26.59 38.13
C ASP D 74 -9.97 -26.65 37.29
N LEU D 75 -10.08 -27.18 36.07
CA LEU D 75 -8.94 -27.29 35.15
C LEU D 75 -8.49 -25.90 34.70
N LEU D 76 -9.45 -25.02 34.43
CA LEU D 76 -9.14 -23.64 34.07
C LEU D 76 -8.51 -22.89 35.24
N ALA D 77 -9.06 -23.09 36.43
CA ALA D 77 -8.58 -22.41 37.63
C ALA D 77 -7.15 -22.82 37.94
N LEU D 78 -6.87 -24.12 37.82
CA LEU D 78 -5.53 -24.65 38.03
C LEU D 78 -4.57 -24.16 36.94
N ALA D 79 -5.04 -24.13 35.70
CA ALA D 79 -4.21 -23.66 34.58
C ALA D 79 -3.75 -22.23 34.86
N ARG D 80 -4.69 -21.43 35.34
CA ARG D 80 -4.44 -20.04 35.64
C ARG D 80 -3.33 -19.87 36.70
N ASP D 81 -3.50 -20.54 37.84
CA ASP D 81 -2.49 -20.53 38.93
C ASP D 81 -1.17 -21.17 38.50
N LEU D 82 -1.19 -21.94 37.42
CA LEU D 82 0.03 -22.55 36.86
C LEU D 82 0.71 -21.58 35.87
N GLY D 83 0.13 -20.41 35.68
CA GLY D 83 0.69 -19.39 34.79
C GLY D 83 0.28 -19.48 33.33
N ILE D 84 -0.72 -20.31 33.02
CA ILE D 84 -1.19 -20.44 31.64
C ILE D 84 -2.22 -19.35 31.38
N ASN D 85 -2.07 -18.66 30.24
CA ASN D 85 -3.06 -17.67 29.79
C ASN D 85 -3.50 -17.88 28.33
N LEU D 86 -3.20 -19.03 27.78
CA LEU D 86 -3.48 -19.35 26.40
C LEU D 86 -4.45 -20.51 26.36
N ILE D 87 -5.51 -20.36 25.58
CA ILE D 87 -6.51 -21.41 25.44
C ILE D 87 -6.90 -21.61 23.97
N ASP D 88 -7.06 -22.86 23.57
CA ASP D 88 -7.21 -23.24 22.16
C ASP D 88 -8.52 -23.97 21.97
N THR D 89 -9.32 -23.55 21.01
CA THR D 89 -10.61 -24.19 20.77
C THR D 89 -10.97 -24.12 19.29
N ALA D 90 -12.13 -24.66 18.95
CA ALA D 90 -12.58 -24.69 17.56
C ALA D 90 -14.06 -25.07 17.45
N PRO D 91 -14.75 -24.54 16.43
CA PRO D 91 -16.08 -24.99 16.11
C PRO D 91 -16.18 -26.48 15.98
N ALA D 92 -15.18 -27.10 15.38
CA ALA D 92 -15.16 -28.55 15.18
C ALA D 92 -15.04 -29.39 16.48
N TYR D 93 -14.61 -28.79 17.59
CA TYR D 93 -14.44 -29.54 18.82
C TYR D 93 -15.77 -29.66 19.55
N GLY D 94 -16.78 -30.18 18.85
CA GLY D 94 -18.08 -30.40 19.46
C GLY D 94 -18.57 -29.11 20.04
N ARG D 95 -18.79 -29.09 21.34
CA ARG D 95 -19.30 -27.91 22.01
C ARG D 95 -18.32 -27.17 22.85
N SER D 96 -17.05 -27.48 22.65
CA SER D 96 -16.03 -26.80 23.36
C SER D 96 -16.36 -25.31 23.40
N GLU D 97 -16.53 -24.69 22.23
CA GLU D 97 -16.82 -23.23 22.15
C GLU D 97 -17.99 -22.82 23.03
N GLU D 98 -19.11 -23.50 22.84
CA GLU D 98 -20.33 -23.22 23.56
C GLU D 98 -20.16 -23.25 25.08
N ARG D 99 -19.46 -24.28 25.57
CA ARG D 99 -19.21 -24.45 27.00
C ARG D 99 -18.28 -23.39 27.57
N LEU D 100 -17.32 -22.95 26.77
CA LEU D 100 -16.28 -22.03 27.25
C LEU D 100 -16.84 -20.66 27.61
N GLY D 101 -17.88 -20.23 26.91
CA GLY D 101 -18.45 -18.90 27.16
C GLY D 101 -18.79 -18.69 28.61
N PRO D 102 -19.70 -19.53 29.14
CA PRO D 102 -20.08 -19.57 30.57
C PRO D 102 -18.90 -19.80 31.51
N LEU D 103 -18.06 -20.76 31.19
CA LEU D 103 -16.92 -21.10 32.02
C LEU D 103 -15.95 -19.93 32.17
N LEU D 104 -15.86 -19.08 31.16
CA LEU D 104 -14.89 -17.98 31.15
C LEU D 104 -15.45 -16.66 31.66
N ARG D 105 -16.75 -16.63 31.95
CA ARG D 105 -17.39 -15.47 32.58
C ARG D 105 -16.62 -15.06 33.82
N GLY D 106 -16.27 -13.79 33.89
CA GLY D 106 -15.56 -13.28 35.05
C GLY D 106 -14.04 -13.37 34.96
N GLN D 107 -13.53 -14.04 33.93
CA GLN D 107 -12.08 -14.14 33.72
C GLN D 107 -11.61 -14.01 32.28
N ARG D 108 -12.52 -13.78 31.34
CA ARG D 108 -12.13 -13.70 29.93
C ARG D 108 -10.88 -12.84 29.70
N GLU D 109 -10.79 -11.73 30.40
CA GLU D 109 -9.67 -10.81 30.22
C GLU D 109 -8.32 -11.45 30.49
N HIS D 110 -8.29 -12.49 31.32
CA HIS D 110 -7.03 -13.21 31.56
C HIS D 110 -6.50 -13.89 30.30
N TRP D 111 -7.41 -14.37 29.46
CA TRP D 111 -7.11 -15.35 28.42
C TRP D 111 -6.88 -14.80 27.02
N VAL D 112 -5.82 -15.28 26.39
CA VAL D 112 -5.65 -15.19 24.95
C VAL D 112 -6.36 -16.40 24.32
N ILE D 113 -7.45 -16.16 23.61
CA ILE D 113 -8.22 -17.26 23.01
C ILE D 113 -7.84 -17.46 21.56
N VAL D 114 -7.54 -18.72 21.19
CA VAL D 114 -7.36 -19.11 19.80
C VAL D 114 -8.53 -19.95 19.37
N SER D 115 -9.15 -19.59 18.26
CA SER D 115 -10.19 -20.44 17.66
C SER D 115 -9.95 -20.59 16.16
N LYS D 116 -10.86 -21.27 15.47
CA LYS D 116 -10.62 -21.65 14.09
C LYS D 116 -11.86 -21.53 13.23
N VAL D 117 -11.66 -21.52 11.92
CA VAL D 117 -12.77 -21.48 10.96
C VAL D 117 -12.54 -22.49 9.89
N GLY D 118 -13.62 -23.11 9.44
CA GLY D 118 -13.57 -23.89 8.22
C GLY D 118 -13.91 -25.34 8.36
N GLU D 119 -13.76 -25.91 9.54
CA GLU D 119 -14.11 -27.30 9.74
C GLU D 119 -15.32 -27.35 10.62
N GLU D 120 -16.22 -28.28 10.36
CA GLU D 120 -17.51 -28.25 11.00
C GLU D 120 -17.90 -29.56 11.71
N PHE D 121 -17.33 -30.70 11.37
CA PHE D 121 -17.70 -31.93 12.11
C PHE D 121 -19.22 -32.07 12.43
N VAL D 122 -20.03 -32.42 11.43
CA VAL D 122 -21.49 -32.32 11.56
C VAL D 122 -22.30 -33.48 12.16
N ASP D 123 -22.52 -34.53 11.38
CA ASP D 123 -23.26 -35.66 11.92
C ASP D 123 -22.17 -36.64 12.24
N GLY D 124 -21.80 -37.40 11.21
CA GLY D 124 -20.81 -38.43 11.35
C GLY D 124 -19.42 -37.82 11.22
N GLN D 125 -19.28 -36.94 10.22
CA GLN D 125 -17.98 -36.63 9.63
C GLN D 125 -17.61 -35.15 9.65
N SER D 126 -16.32 -34.88 9.38
CA SER D 126 -15.79 -33.52 9.07
C SER D 126 -16.32 -32.95 7.74
N VAL D 127 -16.79 -31.70 7.79
CA VAL D 127 -17.29 -30.95 6.62
C VAL D 127 -16.51 -29.63 6.58
N PHE D 128 -16.02 -29.26 5.40
CA PHE D 128 -15.23 -28.05 5.26
C PHE D 128 -15.89 -27.01 4.36
N ASP D 129 -15.79 -25.74 4.75
CA ASP D 129 -16.35 -24.64 3.99
C ASP D 129 -15.44 -23.44 4.22
N PHE D 130 -14.76 -23.00 3.16
CA PHE D 130 -13.84 -21.87 3.25
C PHE D 130 -14.36 -20.63 2.53
N SER D 131 -15.67 -20.57 2.34
CA SER D 131 -16.32 -19.41 1.74
C SER D 131 -16.31 -18.22 2.70
N ALA D 132 -16.34 -17.02 2.14
CA ALA D 132 -16.37 -15.81 2.94
C ALA D 132 -17.63 -15.78 3.77
N ALA D 133 -18.75 -16.20 3.20
CA ALA D 133 -20.04 -16.26 3.92
C ALA D 133 -19.92 -17.10 5.18
N HIS D 134 -19.35 -18.29 5.02
CA HIS D 134 -19.20 -19.17 6.17
C HIS D 134 -18.14 -18.68 7.17
N THR D 135 -17.04 -18.15 6.66
CA THR D 135 -15.99 -17.63 7.53
C THR D 135 -16.57 -16.59 8.47
N ARG D 136 -17.32 -15.67 7.89
CA ARG D 136 -17.91 -14.56 8.62
C ARG D 136 -19.00 -15.05 9.57
N ARG D 137 -19.74 -16.06 9.13
CA ARG D 137 -20.84 -16.59 9.91
C ARG D 137 -20.29 -17.36 11.12
N SER D 138 -19.18 -18.08 10.92
CA SER D 138 -18.53 -18.88 11.97
C SER D 138 -17.91 -18.03 13.08
N VAL D 139 -17.18 -16.99 12.68
CA VAL D 139 -16.56 -16.09 13.63
C VAL D 139 -17.60 -15.34 14.46
N GLU D 140 -18.67 -14.87 13.81
CA GLU D 140 -19.78 -14.22 14.51
C GLU D 140 -20.33 -15.18 15.57
N ARG D 141 -20.56 -16.42 15.18
CA ARG D 141 -21.08 -17.44 16.09
C ARG D 141 -20.09 -17.74 17.20
N SER D 142 -18.80 -17.77 16.89
CA SER D 142 -17.77 -18.05 17.90
C SER D 142 -17.72 -16.97 18.97
N LEU D 143 -17.83 -15.71 18.54
CA LEU D 143 -17.91 -14.54 19.45
C LEU D 143 -19.16 -14.65 20.34
N LYS D 144 -20.26 -15.08 19.74
CA LYS D 144 -21.53 -15.24 20.45
C LYS D 144 -21.42 -16.34 21.52
N ARG D 145 -20.96 -17.51 21.09
CA ARG D 145 -20.73 -18.65 21.99
C ARG D 145 -19.77 -18.37 23.13
N LEU D 146 -18.70 -17.63 22.84
CA LEU D 146 -17.71 -17.27 23.84
C LEU D 146 -18.07 -16.03 24.66
N GLU D 147 -19.20 -15.38 24.34
CA GLU D 147 -19.71 -14.25 25.10
C GLU D 147 -18.68 -13.15 25.19
N THR D 148 -18.21 -12.74 24.02
CA THR D 148 -17.13 -11.77 23.91
C THR D 148 -17.18 -11.03 22.57
N ASP D 149 -16.59 -9.83 22.54
CA ASP D 149 -16.68 -8.95 21.37
C ASP D 149 -15.49 -9.13 20.44
N ARG D 150 -14.56 -10.00 20.83
CA ARG D 150 -13.37 -10.22 19.99
C ARG D 150 -12.60 -11.47 20.40
N ILE D 151 -11.91 -12.09 19.43
CA ILE D 151 -11.08 -13.29 19.66
C ILE D 151 -9.66 -12.97 19.26
N GLU D 152 -8.70 -13.28 20.11
CA GLU D 152 -7.32 -12.87 19.86
C GLU D 152 -6.76 -13.45 18.56
N LEU D 153 -6.98 -14.74 18.34
CA LEU D 153 -6.41 -15.39 17.16
C LEU D 153 -7.40 -16.39 16.54
N VAL D 154 -7.64 -16.24 15.23
CA VAL D 154 -8.45 -17.21 14.53
C VAL D 154 -7.63 -17.84 13.41
N LEU D 155 -7.50 -19.16 13.45
CA LEU D 155 -6.71 -19.90 12.49
C LEU D 155 -7.59 -20.68 11.52
N VAL D 156 -7.16 -20.73 10.26
CA VAL D 156 -7.84 -21.54 9.24
C VAL D 156 -7.66 -23.02 9.58
N HIS D 157 -8.76 -23.75 9.62
CA HIS D 157 -8.74 -25.15 10.03
C HIS D 157 -8.65 -26.06 8.81
N SER D 158 -7.44 -26.32 8.35
CA SER D 158 -7.23 -26.95 7.04
C SER D 158 -7.61 -28.42 6.99
N ASP D 159 -8.10 -28.86 5.82
CA ASP D 159 -8.36 -30.28 5.53
C ASP D 159 -7.10 -31.01 5.09
N GLY D 160 -6.01 -30.25 4.93
CA GLY D 160 -4.74 -30.81 4.49
C GLY D 160 -4.26 -30.08 3.24
N ASN D 161 -5.22 -29.61 2.46
CA ASN D 161 -4.94 -28.96 1.20
C ASN D 161 -4.63 -27.50 1.43
N ASP D 162 -3.62 -27.23 2.27
CA ASP D 162 -3.38 -25.86 2.76
C ASP D 162 -3.28 -24.84 1.64
N LEU D 163 -2.37 -25.11 0.72
CA LEU D 163 -1.96 -24.14 -0.27
C LEU D 163 -3.10 -23.75 -1.19
N ASP D 164 -3.91 -24.73 -1.56
CA ASP D 164 -5.07 -24.47 -2.41
C ASP D 164 -6.13 -23.63 -1.70
N ILE D 165 -6.37 -23.93 -0.42
CA ILE D 165 -7.29 -23.16 0.39
C ILE D 165 -6.81 -21.71 0.48
N LEU D 166 -5.54 -21.51 0.84
CA LEU D 166 -5.00 -20.15 1.01
C LEU D 166 -4.92 -19.35 -0.29
N GLU D 167 -4.92 -20.02 -1.44
CA GLU D 167 -4.80 -19.34 -2.75
C GLU D 167 -6.10 -19.16 -3.49
N ASN D 168 -6.97 -20.17 -3.47
CA ASN D 168 -8.16 -20.21 -4.31
C ASN D 168 -9.49 -20.16 -3.56
N SER D 169 -9.46 -19.86 -2.26
CA SER D 169 -10.69 -19.68 -1.47
C SER D 169 -10.72 -18.28 -0.91
N GLU D 170 -11.85 -17.94 -0.30
CA GLU D 170 -12.14 -16.58 0.16
C GLU D 170 -11.77 -16.39 1.65
N VAL D 171 -11.37 -17.47 2.33
CA VAL D 171 -11.16 -17.45 3.80
C VAL D 171 -10.09 -16.46 4.33
N TYR D 172 -8.92 -16.46 3.72
CA TYR D 172 -7.83 -15.63 4.25
C TYR D 172 -8.13 -14.13 4.10
N PRO D 173 -8.57 -13.69 2.91
CA PRO D 173 -8.95 -12.28 2.80
C PRO D 173 -10.11 -11.87 3.72
N THR D 174 -11.07 -12.78 3.93
CA THR D 174 -12.17 -12.53 4.86
C THR D 174 -11.66 -12.36 6.29
N LEU D 175 -10.77 -13.25 6.72
CA LEU D 175 -10.14 -13.11 8.04
C LEU D 175 -9.41 -11.76 8.15
N ALA D 176 -8.72 -11.36 7.08
CA ALA D 176 -8.01 -10.08 7.05
C ALA D 176 -8.98 -8.93 7.30
N ALA D 177 -10.17 -9.01 6.69
CA ALA D 177 -11.21 -8.01 6.86
C ALA D 177 -11.67 -7.98 8.30
N LEU D 178 -12.02 -9.16 8.80
CA LEU D 178 -12.44 -9.34 10.19
C LEU D 178 -11.40 -8.80 11.19
N LYS D 179 -10.12 -8.84 10.81
CA LYS D 179 -9.06 -8.26 11.63
C LYS D 179 -9.16 -6.73 11.65
N ARG D 180 -9.31 -6.13 10.47
CA ARG D 180 -9.52 -4.68 10.35
C ARG D 180 -10.75 -4.25 11.11
N GLU D 181 -11.82 -5.02 10.99
CA GLU D 181 -13.06 -4.69 11.65
C GLU D 181 -13.00 -4.77 13.17
N GLY D 182 -11.92 -5.36 13.70
CA GLY D 182 -11.71 -5.48 15.15
C GLY D 182 -12.31 -6.72 15.80
N LEU D 183 -13.04 -7.52 15.03
CA LEU D 183 -13.64 -8.77 15.54
C LEU D 183 -12.61 -9.83 15.92
N ILE D 184 -11.47 -9.85 15.24
CA ILE D 184 -10.38 -10.73 15.65
C ILE D 184 -9.10 -9.93 15.79
N GLY D 185 -8.18 -10.40 16.63
CA GLY D 185 -6.92 -9.70 16.87
C GLY D 185 -5.82 -10.06 15.88
N ALA D 186 -5.85 -11.31 15.40
CA ALA D 186 -4.85 -11.82 14.46
C ALA D 186 -5.41 -13.02 13.73
N TYR D 187 -4.79 -13.42 12.62
CA TYR D 187 -5.25 -14.62 11.89
C TYR D 187 -4.09 -15.47 11.38
N GLY D 188 -4.40 -16.69 10.99
CA GLY D 188 -3.37 -17.61 10.58
C GLY D 188 -3.91 -18.93 10.08
N LEU D 189 -3.04 -19.93 10.02
CA LEU D 189 -3.36 -21.28 9.53
C LEU D 189 -3.02 -22.34 10.57
N SER D 190 -3.92 -23.29 10.79
CA SER D 190 -3.56 -24.54 11.45
C SER D 190 -3.42 -25.55 10.35
N GLY D 191 -2.20 -25.70 9.86
CA GLY D 191 -1.96 -26.46 8.65
C GLY D 191 -1.48 -27.87 8.88
N LYS D 192 -1.20 -28.54 7.77
CA LYS D 192 -0.60 -29.86 7.77
C LYS D 192 0.61 -30.00 6.82
N THR D 193 0.92 -28.96 6.05
CA THR D 193 1.97 -29.07 5.03
C THR D 193 2.94 -27.92 5.20
N VAL D 194 4.19 -28.13 4.81
CA VAL D 194 5.22 -27.12 5.02
C VAL D 194 4.99 -25.93 4.10
N GLU D 195 4.50 -26.21 2.91
CA GLU D 195 4.27 -25.19 1.89
C GLU D 195 3.11 -24.28 2.31
N GLY D 196 2.12 -24.87 2.98
CA GLY D 196 0.98 -24.12 3.48
C GLY D 196 1.34 -23.21 4.64
N GLY D 197 2.11 -23.74 5.57
CA GLY D 197 2.59 -22.97 6.70
C GLY D 197 3.38 -21.75 6.25
N LEU D 198 4.16 -21.91 5.18
CA LEU D 198 4.99 -20.83 4.68
C LEU D 198 4.14 -19.71 4.08
N ARG D 199 3.14 -20.07 3.28
CA ARG D 199 2.20 -19.09 2.71
C ARG D 199 1.42 -18.33 3.76
N ALA D 200 0.92 -19.06 4.76
CA ALA D 200 0.12 -18.45 5.82
C ALA D 200 0.87 -17.30 6.46
N LEU D 201 2.19 -17.43 6.52
CA LEU D 201 3.05 -16.46 7.17
C LEU D 201 3.41 -15.26 6.29
N ARG D 202 3.22 -15.41 4.97
CA ARG D 202 3.49 -14.35 3.99
C ARG D 202 2.56 -13.16 4.22
N GLU D 203 1.26 -13.43 4.31
CA GLU D 203 0.25 -12.39 4.58
C GLU D 203 -0.25 -12.41 6.03
N GLY D 204 -0.43 -13.62 6.57
CA GLY D 204 -1.02 -13.79 7.90
C GLY D 204 -0.01 -13.67 9.02
N ASP D 205 -0.50 -13.86 10.24
CA ASP D 205 0.23 -13.53 11.45
C ASP D 205 0.90 -14.72 12.12
N CYS D 206 0.38 -15.91 11.87
CA CYS D 206 0.73 -17.07 12.70
C CYS D 206 0.42 -18.42 12.07
N ALA D 207 1.22 -19.42 12.40
CA ALA D 207 1.00 -20.79 11.94
C ALA D 207 1.00 -21.76 13.11
N MET D 208 0.00 -22.63 13.15
CA MET D 208 -0.02 -23.71 14.11
C MET D 208 0.45 -24.95 13.39
N VAL D 209 1.56 -25.53 13.84
CA VAL D 209 2.24 -26.61 13.12
C VAL D 209 2.48 -27.80 14.03
N THR D 210 2.53 -29.00 13.45
CA THR D 210 2.85 -30.21 14.20
C THR D 210 4.36 -30.29 14.35
N TYR D 211 4.83 -30.61 15.54
CA TYR D 211 6.27 -30.76 15.80
C TYR D 211 6.50 -31.59 17.05
N ASN D 212 6.96 -32.81 16.87
CA ASN D 212 7.17 -33.73 17.97
C ASN D 212 8.28 -34.73 17.62
N LEU D 213 8.60 -35.63 18.55
CA LEU D 213 9.78 -36.48 18.40
C LEU D 213 9.68 -37.34 17.12
N ASN D 214 8.47 -37.75 16.75
CA ASN D 214 8.25 -38.54 15.53
C ASN D 214 8.11 -37.74 14.22
N GLU D 215 7.66 -36.49 14.31
CA GLU D 215 7.27 -35.72 13.11
C GLU D 215 7.92 -34.34 13.11
N ARG D 216 8.89 -34.14 12.22
CA ARG D 216 9.64 -32.89 12.21
C ARG D 216 9.68 -32.23 10.84
N ALA D 217 8.80 -32.66 9.95
CA ALA D 217 8.73 -32.11 8.60
C ALA D 217 8.41 -30.60 8.50
N GLU D 218 7.72 -30.03 9.48
CA GLU D 218 7.32 -28.62 9.45
C GLU D 218 8.37 -27.68 10.10
N ARG D 219 9.55 -28.20 10.35
CA ARG D 219 10.63 -27.40 10.94
C ARG D 219 10.94 -26.12 10.17
N PRO D 220 10.99 -26.18 8.82
CA PRO D 220 11.22 -24.99 8.01
C PRO D 220 10.24 -23.85 8.28
N VAL D 221 8.97 -24.17 8.52
CA VAL D 221 7.99 -23.15 8.85
C VAL D 221 8.39 -22.43 10.15
N ILE D 222 8.92 -23.19 11.12
CA ILE D 222 9.33 -22.63 12.39
C ILE D 222 10.57 -21.76 12.18
N GLU D 223 11.47 -22.24 11.35
CA GLU D 223 12.70 -21.50 11.08
C GLU D 223 12.41 -20.17 10.36
N TYR D 224 11.53 -20.24 9.34
CA TYR D 224 11.10 -19.04 8.62
C TYR D 224 10.46 -18.00 9.54
N ALA D 225 9.56 -18.46 10.42
CA ALA D 225 8.87 -17.58 11.38
C ALA D 225 9.88 -16.88 12.27
N ALA D 226 10.83 -17.67 12.76
CA ALA D 226 11.90 -17.18 13.63
C ALA D 226 12.67 -16.05 12.96
N ALA D 227 12.87 -16.15 11.66
CA ALA D 227 13.58 -15.13 10.90
C ALA D 227 12.75 -13.87 10.65
N HIS D 228 11.43 -13.98 10.57
CA HIS D 228 10.60 -12.84 10.17
C HIS D 228 9.57 -12.40 11.23
N ALA D 229 9.88 -12.58 12.51
CA ALA D 229 9.03 -12.11 13.61
C ALA D 229 7.58 -12.51 13.40
N LYS D 230 7.37 -13.82 13.23
CA LYS D 230 6.02 -14.39 13.01
C LYS D 230 5.70 -15.47 14.03
N GLY D 231 4.41 -15.61 14.36
CA GLY D 231 3.93 -16.50 15.42
C GLY D 231 3.89 -17.98 15.05
N ILE D 232 4.39 -18.83 15.94
CA ILE D 232 4.29 -20.26 15.79
C ILE D 232 3.70 -20.88 17.05
N LEU D 233 2.62 -21.65 16.87
CA LEU D 233 2.07 -22.47 17.94
C LEU D 233 2.29 -23.89 17.49
N VAL D 234 2.73 -24.75 18.41
CA VAL D 234 2.94 -26.15 18.10
C VAL D 234 1.78 -26.96 18.64
N LYS D 235 1.24 -27.81 17.78
CA LYS D 235 0.26 -28.80 18.18
C LYS D 235 0.89 -30.19 18.18
N LYS D 236 0.29 -31.11 18.92
CA LYS D 236 0.75 -32.49 19.02
C LYS D 236 2.19 -32.64 19.52
N ALA D 237 2.61 -31.76 20.43
CA ALA D 237 3.98 -31.84 20.96
C ALA D 237 4.27 -33.17 21.64
N LEU D 238 3.25 -33.77 22.25
CA LEU D 238 3.44 -34.98 23.06
C LEU D 238 2.84 -36.25 22.39
N ALA D 239 3.51 -36.77 21.36
CA ALA D 239 3.12 -38.04 20.66
C ALA D 239 4.38 -38.83 20.25
N SER D 240 4.43 -40.12 20.58
CA SER D 240 5.73 -40.82 20.64
C SER D 240 5.86 -42.23 20.07
N GLY D 241 7.13 -42.63 19.86
CA GLY D 241 7.46 -44.03 19.62
C GLY D 241 8.97 -44.28 19.63
N GLN D 249 15.00 -38.86 31.69
CA GLN D 249 14.44 -39.22 30.38
C GLN D 249 12.91 -39.40 30.42
N ASP D 250 12.22 -38.42 31.01
CA ASP D 250 10.76 -38.31 30.97
C ASP D 250 10.40 -37.98 29.53
N PRO D 251 9.39 -38.67 28.96
CA PRO D 251 9.02 -38.42 27.56
C PRO D 251 8.49 -36.99 27.32
N VAL D 252 7.71 -36.48 28.26
CA VAL D 252 7.20 -35.13 28.16
C VAL D 252 8.35 -34.12 28.15
N ARG D 253 9.33 -34.32 29.02
CA ARG D 253 10.46 -33.42 29.07
C ARG D 253 11.31 -33.48 27.80
N ALA D 254 11.49 -34.68 27.26
CA ALA D 254 12.22 -34.85 26.00
C ALA D 254 11.49 -34.14 24.86
N SER D 255 10.16 -34.27 24.84
CA SER D 255 9.33 -33.60 23.85
C SER D 255 9.47 -32.11 23.96
N PHE D 256 9.37 -31.57 25.17
CA PHE D 256 9.44 -30.13 25.35
C PHE D 256 10.85 -29.59 25.07
N GLU D 257 11.87 -30.41 25.31
CA GLU D 257 13.24 -30.00 24.99
C GLU D 257 13.42 -29.82 23.50
N LEU D 258 12.90 -30.77 22.73
CA LEU D 258 12.93 -30.70 21.27
C LEU D 258 12.21 -29.49 20.76
N VAL D 259 10.97 -29.29 21.21
CA VAL D 259 10.12 -28.16 20.77
C VAL D 259 10.72 -26.79 21.12
N PHE D 260 11.15 -26.61 22.35
CA PHE D 260 11.68 -25.31 22.76
C PHE D 260 13.14 -25.06 22.36
N ASP D 261 13.82 -26.07 21.83
CA ASP D 261 15.09 -25.85 21.14
C ASP D 261 14.95 -25.03 19.84
N GLN D 262 13.78 -25.06 19.23
CA GLN D 262 13.48 -24.16 18.12
C GLN D 262 13.14 -22.77 18.65
N PRO D 263 13.95 -21.76 18.29
CA PRO D 263 13.67 -20.39 18.77
C PRO D 263 12.34 -19.84 18.26
N GLY D 264 11.88 -20.34 17.10
CA GLY D 264 10.63 -19.88 16.51
C GLY D 264 9.34 -20.15 17.29
N VAL D 265 9.35 -21.12 18.19
CA VAL D 265 8.12 -21.56 18.84
C VAL D 265 7.71 -20.65 20.01
N ALA D 266 6.48 -20.17 19.98
CA ALA D 266 5.92 -19.33 21.06
C ALA D 266 5.29 -20.19 22.14
N ALA D 267 4.44 -21.13 21.72
CA ALA D 267 3.76 -21.99 22.68
C ALA D 267 3.43 -23.33 22.08
N ALA D 268 3.30 -24.33 22.95
CA ALA D 268 2.81 -25.65 22.57
C ALA D 268 1.44 -25.87 23.22
N ILE D 269 0.48 -26.35 22.46
CA ILE D 269 -0.84 -26.60 23.00
C ILE D 269 -0.85 -28.02 23.51
N VAL D 270 -1.33 -28.23 24.74
CA VAL D 270 -1.41 -29.57 25.34
C VAL D 270 -2.87 -29.96 25.54
N GLY D 271 -3.17 -31.24 25.31
CA GLY D 271 -4.57 -31.69 25.31
C GLY D 271 -5.11 -32.28 26.61
N THR D 272 -4.32 -32.25 27.68
CA THR D 272 -4.67 -33.00 28.87
C THR D 272 -5.80 -32.38 29.70
N ILE D 273 -6.66 -33.23 30.24
CA ILE D 273 -7.69 -32.78 31.19
C ILE D 273 -7.46 -33.29 32.64
N ASN D 274 -6.42 -34.11 32.81
CA ASN D 274 -6.04 -34.59 34.13
C ASN D 274 -5.19 -33.57 34.88
N PRO D 275 -5.72 -32.96 35.95
CA PRO D 275 -5.03 -31.84 36.60
C PRO D 275 -3.61 -32.18 37.02
N LEU D 276 -3.39 -33.41 37.44
CA LEU D 276 -2.06 -33.83 37.86
C LEU D 276 -1.11 -33.86 36.66
N HIS D 277 -1.56 -34.42 35.53
CA HIS D 277 -0.75 -34.43 34.29
C HIS D 277 -0.52 -32.99 33.81
N LEU D 278 -1.47 -32.08 34.05
CA LEU D 278 -1.30 -30.68 33.64
C LEU D 278 -0.20 -30.01 34.47
N ALA D 279 -0.23 -30.23 35.78
CA ALA D 279 0.77 -29.65 36.67
C ALA D 279 2.15 -30.19 36.32
N HIS D 280 2.19 -31.48 36.00
CA HIS D 280 3.41 -32.14 35.60
C HIS D 280 3.90 -31.57 34.29
N ASN D 281 3.03 -31.51 33.28
CA ASN D 281 3.40 -30.93 31.99
C ASN D 281 4.01 -29.55 32.16
N VAL D 282 3.39 -28.73 33.01
CA VAL D 282 3.88 -27.38 33.24
C VAL D 282 5.26 -27.41 33.88
N ALA D 283 5.46 -28.32 34.83
CA ALA D 283 6.73 -28.44 35.52
C ALA D 283 7.81 -28.76 34.51
N MET D 284 7.56 -29.76 33.66
CA MET D 284 8.54 -30.18 32.68
C MET D 284 8.86 -29.07 31.69
N ALA D 285 7.87 -28.27 31.34
CA ALA D 285 8.08 -27.17 30.39
C ALA D 285 8.94 -26.07 31.01
N ALA D 286 8.75 -25.82 32.30
CA ALA D 286 9.58 -24.85 33.02
C ALA D 286 11.05 -25.33 33.10
N GLN D 287 11.22 -26.64 33.32
CA GLN D 287 12.56 -27.26 33.37
C GLN D 287 13.27 -27.22 32.01
N ALA D 288 12.51 -27.45 30.94
CA ALA D 288 13.06 -27.43 29.59
C ALA D 288 13.54 -26.05 29.20
N LEU D 289 12.87 -25.02 29.71
CA LEU D 289 13.20 -23.64 29.38
C LEU D 289 14.24 -23.03 30.34
N LYS D 290 14.56 -23.74 31.42
CA LYS D 290 15.49 -23.27 32.48
C LYS D 290 15.56 -21.76 32.67
N PHE E 20 -10.08 -26.12 43.69
CA PHE E 20 -9.49 -26.95 42.58
C PHE E 20 -8.43 -27.96 43.06
N GLN E 21 -8.06 -27.91 44.35
CA GLN E 21 -7.13 -28.89 44.92
C GLN E 21 -7.88 -30.23 45.09
N SER E 22 -8.60 -30.62 44.05
CA SER E 22 -9.12 -31.97 43.90
C SER E 22 -8.49 -32.53 42.61
N MET E 23 -7.16 -32.65 42.72
CA MET E 23 -6.29 -33.17 41.67
C MET E 23 -6.07 -34.65 41.85
N ILE E 24 -6.12 -35.14 43.08
CA ILE E 24 -5.74 -36.52 43.33
C ILE E 24 -6.94 -37.40 43.02
N ARG E 25 -7.05 -37.79 41.77
CA ARG E 25 -8.11 -38.69 41.36
C ARG E 25 -7.84 -40.11 41.89
N ASP E 26 -6.57 -40.46 42.07
CA ASP E 26 -6.16 -41.85 42.38
C ASP E 26 -5.30 -42.02 43.63
N THR E 27 -5.76 -42.87 44.55
CA THR E 27 -5.03 -43.17 45.77
C THR E 27 -4.91 -44.68 45.97
N LEU E 28 -4.21 -45.09 47.02
CA LEU E 28 -3.95 -46.51 47.28
C LEU E 28 -4.78 -47.09 48.42
N HIS E 29 -5.76 -46.33 48.91
CA HIS E 29 -6.51 -46.70 50.13
C HIS E 29 -7.12 -48.11 50.11
N ASP E 30 -7.63 -48.50 48.94
CA ASP E 30 -8.30 -49.79 48.81
C ASP E 30 -7.41 -50.89 48.21
N LEU E 31 -6.09 -50.68 48.18
CA LEU E 31 -5.16 -51.61 47.55
C LEU E 31 -4.16 -52.21 48.55
N HIS E 32 -4.38 -51.97 49.84
CA HIS E 32 -3.50 -52.53 50.87
C HIS E 32 -3.46 -54.05 50.76
N ARG E 33 -2.30 -54.62 51.06
CA ARG E 33 -2.03 -56.05 50.84
C ARG E 33 -1.26 -56.56 52.05
N PRO E 34 -1.41 -57.87 52.40
CA PRO E 34 -0.62 -58.37 53.51
C PRO E 34 0.84 -58.60 53.15
N LEU E 35 1.73 -58.37 54.12
CA LEU E 35 3.16 -58.59 53.95
C LEU E 35 3.50 -59.98 54.45
N GLY E 36 3.38 -60.96 53.56
CA GLY E 36 3.59 -62.37 53.91
C GLY E 36 2.65 -62.81 55.03
N ASP E 37 3.19 -63.63 55.94
CA ASP E 37 2.45 -64.08 57.12
C ASP E 37 2.77 -63.27 58.37
N THR E 38 3.20 -62.02 58.23
CA THR E 38 3.50 -61.19 59.43
C THR E 38 2.27 -60.62 60.11
N GLY E 39 1.14 -60.59 59.41
CA GLY E 39 -0.07 -59.96 59.94
C GLY E 39 -0.07 -58.44 59.80
N LEU E 40 0.88 -57.91 59.04
CA LEU E 40 0.91 -56.50 58.69
C LEU E 40 0.27 -56.31 57.32
N ALA E 41 -0.56 -55.29 57.19
CA ALA E 41 -1.15 -54.90 55.92
C ALA E 41 -0.45 -53.62 55.47
N VAL E 42 -0.05 -53.56 54.20
CA VAL E 42 0.72 -52.43 53.72
C VAL E 42 0.24 -51.93 52.37
N SER E 43 0.35 -50.63 52.16
CA SER E 43 0.13 -50.04 50.86
C SER E 43 1.15 -50.60 49.87
N PRO E 44 0.77 -50.74 48.61
CA PRO E 44 1.70 -51.27 47.58
C PRO E 44 2.85 -50.35 47.27
N LEU E 45 2.79 -49.10 47.73
CA LEU E 45 3.96 -48.23 47.72
C LEU E 45 4.32 -47.84 49.14
N GLY E 46 5.61 -47.79 49.39
CA GLY E 46 6.14 -47.34 50.65
C GLY E 46 7.04 -46.14 50.42
N LEU E 47 7.10 -45.26 51.38
CA LEU E 47 7.85 -44.05 51.28
C LEU E 47 9.19 -44.24 51.86
N GLY E 48 10.21 -44.09 51.05
CA GLY E 48 11.56 -44.28 51.48
C GLY E 48 12.08 -42.98 51.97
N THR E 49 12.95 -43.02 52.95
CA THR E 49 13.41 -41.79 53.52
C THR E 49 14.88 -41.56 53.51
N VAL E 50 15.61 -42.12 52.59
CA VAL E 50 17.03 -41.90 52.48
C VAL E 50 17.38 -40.42 52.39
N LYS E 51 16.60 -39.69 51.61
CA LYS E 51 16.92 -38.35 51.32
C LYS E 51 16.55 -37.45 52.43
N PHE E 52 15.92 -37.98 53.47
CA PHE E 52 15.67 -37.20 54.69
C PHE E 52 16.99 -36.92 55.44
N GLY E 53 18.04 -37.69 55.17
CA GLY E 53 19.37 -37.47 55.76
C GLY E 53 20.54 -37.60 54.79
N ARG E 54 20.33 -38.26 53.66
CA ARG E 54 21.34 -38.46 52.56
C ARG E 54 22.74 -39.06 52.67
N ASP E 55 22.78 -40.37 52.90
CA ASP E 55 24.08 -41.09 52.99
C ASP E 55 24.95 -40.80 51.74
N THR E 65 19.56 -32.47 47.48
CA THR E 65 19.16 -31.52 48.52
C THR E 65 18.10 -32.11 49.46
N ILE E 66 18.20 -31.74 50.74
CA ILE E 66 17.43 -32.34 51.82
C ILE E 66 16.19 -31.51 52.18
N PRO E 67 15.04 -32.17 52.37
CA PRO E 67 13.87 -31.42 52.74
C PRO E 67 13.95 -30.72 54.10
N ASP E 68 13.58 -29.45 54.06
CA ASP E 68 13.06 -28.67 55.17
C ASP E 68 12.06 -29.44 56.05
N ASP E 69 12.12 -29.27 57.37
CA ASP E 69 11.15 -29.92 58.28
C ASP E 69 9.70 -29.72 57.79
N ARG E 70 9.47 -28.59 57.13
CA ARG E 70 8.17 -28.23 56.60
C ARG E 70 7.84 -29.14 55.41
N GLU E 71 8.76 -29.16 54.46
CA GLU E 71 8.63 -30.01 53.27
C GLU E 71 8.48 -31.49 53.62
N ALA E 72 9.17 -31.94 54.67
CA ALA E 72 9.12 -33.34 55.08
C ALA E 72 7.78 -33.67 55.71
N ALA E 73 7.25 -32.76 56.53
CA ALA E 73 5.93 -32.98 57.18
C ALA E 73 4.83 -33.00 56.12
N ASP E 74 5.03 -32.20 55.08
CA ASP E 74 4.07 -32.10 53.98
C ASP E 74 4.10 -33.39 53.13
N LEU E 75 5.27 -33.94 52.94
CA LEU E 75 5.42 -35.16 52.16
C LEU E 75 4.77 -36.34 52.88
N LEU E 76 4.92 -36.40 54.20
CA LEU E 76 4.26 -37.43 55.01
C LEU E 76 2.75 -37.24 54.96
N ALA E 77 2.30 -36.00 55.10
CA ALA E 77 0.87 -35.71 55.12
C ALA E 77 0.23 -36.09 53.79
N LEU E 78 0.88 -35.75 52.69
CA LEU E 78 0.39 -36.10 51.38
C LEU E 78 0.41 -37.61 51.17
N ALA E 79 1.47 -38.26 51.65
CA ALA E 79 1.61 -39.72 51.51
C ALA E 79 0.43 -40.41 52.15
N ARG E 80 0.09 -39.91 53.32
CA ARG E 80 -1.01 -40.45 54.09
C ARG E 80 -2.32 -40.35 53.33
N ASP E 81 -2.65 -39.13 52.88
CA ASP E 81 -3.87 -38.89 52.09
C ASP E 81 -3.84 -39.59 50.75
N LEU E 82 -2.67 -40.05 50.30
CA LEU E 82 -2.54 -40.84 49.07
C LEU E 82 -2.74 -42.33 49.35
N GLY E 83 -2.97 -42.68 50.62
CA GLY E 83 -3.17 -44.07 51.01
C GLY E 83 -1.91 -44.87 51.32
N ILE E 84 -0.78 -44.20 51.51
CA ILE E 84 0.46 -44.87 51.91
C ILE E 84 0.50 -45.01 53.43
N ASN E 85 0.85 -46.20 53.91
CA ASN E 85 1.06 -46.44 55.34
C ASN E 85 2.37 -47.17 55.64
N LEU E 86 3.29 -47.17 54.67
CA LEU E 86 4.55 -47.87 54.80
C LEU E 86 5.67 -46.88 54.66
N ILE E 87 6.62 -46.93 55.59
CA ILE E 87 7.76 -46.02 55.57
C ILE E 87 9.05 -46.79 55.84
N ASP E 88 10.11 -46.45 55.11
CA ASP E 88 11.36 -47.21 55.10
C ASP E 88 12.49 -46.31 55.53
N THR E 89 13.28 -46.74 56.49
CA THR E 89 14.43 -45.94 56.95
C THR E 89 15.59 -46.81 57.35
N ALA E 90 16.67 -46.19 57.81
CA ALA E 90 17.84 -46.93 58.26
C ALA E 90 18.80 -46.05 59.07
N PRO E 91 19.55 -46.65 60.00
CA PRO E 91 20.63 -45.96 60.67
C PRO E 91 21.62 -45.31 59.70
N ALA E 92 21.88 -45.99 58.59
CA ALA E 92 22.82 -45.53 57.57
C ALA E 92 22.35 -44.32 56.78
N TYR E 93 21.05 -44.02 56.80
CA TYR E 93 20.52 -42.87 56.04
C TYR E 93 20.70 -41.56 56.80
N GLY E 94 21.90 -41.25 57.21
CA GLY E 94 22.14 -40.06 57.97
C GLY E 94 21.30 -39.90 59.20
N ARG E 95 20.60 -38.79 59.35
CA ARG E 95 19.62 -38.69 60.41
C ARG E 95 18.22 -38.89 60.00
N SER E 96 17.94 -39.75 59.06
CA SER E 96 16.62 -40.00 58.70
C SER E 96 15.92 -40.45 59.94
N GLU E 97 16.40 -41.48 60.60
CA GLU E 97 15.79 -42.00 61.81
C GLU E 97 15.52 -40.91 62.83
N GLU E 98 16.55 -40.15 63.16
CA GLU E 98 16.45 -39.11 64.17
C GLU E 98 15.36 -38.10 63.89
N ARG E 99 15.24 -37.67 62.62
CA ARG E 99 14.23 -36.71 62.17
C ARG E 99 12.82 -37.26 62.21
N LEU E 100 12.68 -38.55 61.93
CA LEU E 100 11.36 -39.17 61.80
C LEU E 100 10.59 -39.23 63.13
N GLY E 101 11.32 -39.35 64.23
CA GLY E 101 10.69 -39.43 65.55
C GLY E 101 9.74 -38.28 65.81
N PRO E 102 10.25 -37.05 65.81
CA PRO E 102 9.48 -35.82 65.90
C PRO E 102 8.40 -35.67 64.83
N LEU E 103 8.77 -35.92 63.57
CA LEU E 103 7.86 -35.79 62.44
C LEU E 103 6.66 -36.74 62.49
N LEU E 104 6.83 -37.89 63.16
CA LEU E 104 5.76 -38.90 63.27
C LEU E 104 4.92 -38.77 64.55
N ARG E 105 5.33 -37.86 65.46
CA ARG E 105 4.55 -37.58 66.66
C ARG E 105 3.10 -37.28 66.32
N GLY E 106 2.18 -38.00 66.98
CA GLY E 106 0.76 -37.82 66.74
C GLY E 106 0.19 -38.69 65.63
N GLN E 107 1.06 -39.37 64.86
CA GLN E 107 0.59 -40.24 63.79
C GLN E 107 1.31 -41.59 63.67
N ARG E 108 2.23 -41.89 64.57
CA ARG E 108 2.98 -43.14 64.49
C ARG E 108 2.10 -44.38 64.25
N GLU E 109 0.95 -44.44 64.89
CA GLU E 109 0.07 -45.59 64.77
C GLU E 109 -0.40 -45.80 63.36
N HIS E 110 -0.42 -44.78 62.53
CA HIS E 110 -0.76 -44.97 61.12
C HIS E 110 0.21 -45.86 60.38
N TRP E 111 1.49 -45.75 60.76
CA TRP E 111 2.62 -46.21 59.94
C TRP E 111 3.19 -47.57 60.31
N VAL E 112 3.40 -48.39 59.29
CA VAL E 112 4.25 -49.56 59.37
C VAL E 112 5.69 -49.10 59.08
N ILE E 113 6.55 -49.13 60.10
CA ILE E 113 7.91 -48.66 59.93
C ILE E 113 8.88 -49.81 59.66
N VAL E 114 9.67 -49.68 58.60
CA VAL E 114 10.76 -50.60 58.35
C VAL E 114 12.07 -49.87 58.64
N SER E 115 12.93 -50.51 59.42
CA SER E 115 14.29 -50.02 59.57
C SER E 115 15.30 -51.16 59.44
N LYS E 116 16.58 -50.87 59.70
CA LYS E 116 17.63 -51.82 59.37
C LYS E 116 18.71 -51.81 60.44
N VAL E 117 19.51 -52.86 60.45
CA VAL E 117 20.69 -52.97 61.32
C VAL E 117 21.89 -53.40 60.53
N GLY E 118 23.05 -52.90 60.92
CA GLY E 118 24.30 -53.45 60.44
C GLY E 118 25.17 -52.51 59.62
N GLU E 119 24.60 -51.50 58.99
CA GLU E 119 25.40 -50.54 58.25
C GLU E 119 25.38 -49.22 58.99
N GLU E 120 26.51 -48.51 58.98
CA GLU E 120 26.67 -47.38 59.87
C GLU E 120 27.14 -46.03 59.26
N PHE E 121 27.94 -45.93 58.21
CA PHE E 121 28.27 -44.56 57.69
C PHE E 121 28.95 -43.58 58.71
N VAL E 122 30.18 -43.87 59.13
CA VAL E 122 30.84 -43.16 60.25
C VAL E 122 31.07 -41.68 59.83
N ASP E 123 31.97 -41.44 58.87
CA ASP E 123 32.23 -40.05 58.41
C ASP E 123 32.47 -40.03 56.89
N GLY E 124 33.47 -40.77 56.41
CA GLY E 124 33.58 -40.86 54.98
C GLY E 124 32.66 -41.96 54.51
N GLN E 125 32.82 -43.13 55.12
CA GLN E 125 32.47 -44.39 54.48
C GLN E 125 31.49 -45.23 55.28
N SER E 126 30.99 -46.25 54.60
CA SER E 126 30.13 -47.28 55.19
C SER E 126 30.97 -48.19 56.08
N VAL E 127 30.42 -48.51 57.26
CA VAL E 127 31.03 -49.42 58.23
C VAL E 127 29.97 -50.47 58.57
N PHE E 128 30.38 -51.74 58.63
CA PHE E 128 29.42 -52.83 58.97
C PHE E 128 29.76 -53.58 60.26
N ASP E 129 28.74 -53.92 61.04
CA ASP E 129 28.92 -54.65 62.28
C ASP E 129 27.69 -55.50 62.48
N PHE E 130 27.86 -56.81 62.42
CA PHE E 130 26.74 -57.74 62.55
C PHE E 130 26.78 -58.53 63.83
N SER E 131 27.49 -57.97 64.82
CA SER E 131 27.56 -58.55 66.16
C SER E 131 26.23 -58.41 66.86
N ALA E 132 25.97 -59.31 67.80
CA ALA E 132 24.75 -59.28 68.62
C ALA E 132 24.71 -58.00 69.42
N ALA E 133 25.86 -57.64 69.99
CA ALA E 133 26.02 -56.41 70.78
C ALA E 133 25.55 -55.19 69.98
N HIS E 134 26.03 -55.08 68.77
CA HIS E 134 25.66 -53.95 67.92
C HIS E 134 24.22 -54.04 67.44
N THR E 135 23.79 -55.24 67.07
CA THR E 135 22.42 -55.41 66.60
C THR E 135 21.46 -54.87 67.65
N ARG E 136 21.69 -55.28 68.90
CA ARG E 136 20.82 -54.93 70.02
C ARG E 136 20.94 -53.43 70.36
N ARG E 137 22.15 -52.90 70.22
CA ARG E 137 22.42 -51.51 70.54
C ARG E 137 21.76 -50.60 69.48
N SER E 138 21.76 -51.03 68.23
CA SER E 138 21.19 -50.28 67.10
C SER E 138 19.66 -50.20 67.18
N VAL E 139 19.04 -51.33 67.46
CA VAL E 139 17.58 -51.41 67.54
C VAL E 139 17.06 -50.63 68.75
N GLU E 140 17.78 -50.67 69.87
CA GLU E 140 17.46 -49.83 71.02
C GLU E 140 17.49 -48.36 70.62
N ARG E 141 18.57 -47.97 69.95
CA ARG E 141 18.74 -46.60 69.49
C ARG E 141 17.70 -46.20 68.45
N SER E 142 17.31 -47.11 67.58
CA SER E 142 16.29 -46.83 66.57
C SER E 142 14.92 -46.55 67.21
N LEU E 143 14.55 -47.36 68.20
CA LEU E 143 13.32 -47.17 68.97
C LEU E 143 13.35 -45.82 69.70
N LYS E 144 14.53 -45.45 70.23
CA LYS E 144 14.71 -44.20 70.94
C LYS E 144 14.53 -43.03 69.99
N ARG E 145 15.24 -43.07 68.86
CA ARG E 145 15.17 -42.03 67.85
C ARG E 145 13.78 -41.86 67.28
N LEU E 146 13.08 -42.97 67.06
CA LEU E 146 11.73 -42.95 66.49
C LEU E 146 10.64 -42.68 67.53
N GLU E 147 11.02 -42.61 68.81
CA GLU E 147 10.08 -42.28 69.90
C GLU E 147 8.93 -43.26 69.96
N THR E 148 9.28 -44.53 70.05
CA THR E 148 8.33 -45.61 69.98
C THR E 148 8.87 -46.86 70.67
N ASP E 149 7.97 -47.74 71.10
CA ASP E 149 8.34 -48.92 71.88
C ASP E 149 8.53 -50.17 71.01
N ARG E 150 8.31 -50.01 69.70
CA ARG E 150 8.46 -51.14 68.80
C ARG E 150 8.52 -50.73 67.31
N ILE E 151 9.20 -51.55 66.51
CA ILE E 151 9.36 -51.30 65.07
C ILE E 151 8.80 -52.50 64.32
N GLU E 152 7.93 -52.26 63.36
CA GLU E 152 7.23 -53.34 62.69
C GLU E 152 8.20 -54.33 62.05
N LEU E 153 9.18 -53.81 61.30
CA LEU E 153 10.08 -54.67 60.53
C LEU E 153 11.50 -54.14 60.58
N VAL E 154 12.45 -54.98 60.98
CA VAL E 154 13.87 -54.61 60.93
C VAL E 154 14.63 -55.59 60.06
N LEU E 155 15.28 -55.05 59.03
CA LEU E 155 15.98 -55.84 58.02
C LEU E 155 17.49 -55.71 58.18
N VAL E 156 18.19 -56.83 57.98
CA VAL E 156 19.66 -56.86 57.99
C VAL E 156 20.17 -56.04 56.80
N HIS E 157 21.05 -55.08 57.05
CA HIS E 157 21.52 -54.19 56.00
C HIS E 157 22.84 -54.69 55.41
N SER E 158 22.75 -55.57 54.42
CA SER E 158 23.90 -56.34 53.95
C SER E 158 24.96 -55.53 53.20
N ASP E 159 26.22 -55.93 53.34
CA ASP E 159 27.33 -55.36 52.53
C ASP E 159 27.47 -56.01 51.16
N GLY E 160 26.66 -57.05 50.92
CA GLY E 160 26.67 -57.81 49.67
C GLY E 160 26.89 -59.26 49.98
N ASN E 161 27.59 -59.52 51.09
CA ASN E 161 27.97 -60.85 51.50
C ASN E 161 26.84 -61.50 52.30
N ASP E 162 25.66 -61.56 51.70
CA ASP E 162 24.46 -61.96 52.43
C ASP E 162 24.63 -63.27 53.19
N LEU E 163 25.01 -64.29 52.44
CA LEU E 163 24.95 -65.67 52.93
C LEU E 163 25.90 -65.88 54.10
N ASP E 164 27.09 -65.29 54.01
CA ASP E 164 28.08 -65.38 55.07
C ASP E 164 27.61 -64.66 56.34
N ILE E 165 26.99 -63.50 56.18
CA ILE E 165 26.38 -62.76 57.30
C ILE E 165 25.26 -63.57 57.95
N LEU E 166 24.36 -64.09 57.15
CA LEU E 166 23.25 -64.86 57.72
C LEU E 166 23.70 -66.17 58.40
N GLU E 167 24.86 -66.70 58.00
CA GLU E 167 25.34 -68.01 58.51
C GLU E 167 26.32 -67.89 59.68
N ASN E 168 27.28 -66.98 59.55
CA ASN E 168 28.43 -66.92 60.44
C ASN E 168 28.51 -65.69 61.33
N SER E 169 27.43 -64.92 61.40
CA SER E 169 27.37 -63.78 62.31
C SER E 169 26.20 -63.96 63.26
N GLU E 170 26.12 -63.07 64.25
CA GLU E 170 25.17 -63.21 65.35
C GLU E 170 23.83 -62.46 65.07
N VAL E 171 23.78 -61.66 64.00
CA VAL E 171 22.67 -60.74 63.73
C VAL E 171 21.26 -61.37 63.62
N TYR E 172 21.13 -62.44 62.84
CA TYR E 172 19.81 -63.02 62.59
C TYR E 172 19.21 -63.64 63.87
N PRO E 173 19.98 -64.46 64.59
CA PRO E 173 19.44 -64.95 65.87
C PRO E 173 19.12 -63.86 66.88
N THR E 174 19.93 -62.80 66.93
CA THR E 174 19.64 -61.65 67.76
C THR E 174 18.30 -60.99 67.37
N LEU E 175 18.11 -60.72 66.08
CA LEU E 175 16.82 -60.19 65.62
C LEU E 175 15.68 -61.12 66.04
N ALA E 176 15.88 -62.43 65.94
CA ALA E 176 14.86 -63.39 66.36
C ALA E 176 14.50 -63.24 67.86
N ALA E 177 15.53 -62.96 68.67
CA ALA E 177 15.34 -62.71 70.09
C ALA E 177 14.55 -61.45 70.29
N LEU E 178 15.01 -60.37 69.64
CA LEU E 178 14.32 -59.08 69.69
C LEU E 178 12.85 -59.17 69.26
N LYS E 179 12.54 -60.11 68.36
CA LYS E 179 11.16 -60.36 67.95
C LYS E 179 10.32 -60.98 69.07
N ARG E 180 10.87 -62.00 69.72
CA ARG E 180 10.25 -62.60 70.90
C ARG E 180 10.04 -61.56 72.02
N GLU E 181 11.05 -60.74 72.25
CA GLU E 181 10.99 -59.75 73.30
C GLU E 181 9.96 -58.66 73.03
N GLY E 182 9.45 -58.59 71.80
CA GLY E 182 8.40 -57.61 71.43
C GLY E 182 8.90 -56.28 70.91
N LEU E 183 10.23 -56.09 70.94
CA LEU E 183 10.85 -54.85 70.45
C LEU E 183 10.69 -54.67 68.94
N ILE E 184 10.66 -55.76 68.17
CA ILE E 184 10.37 -55.67 66.75
C ILE E 184 9.24 -56.62 66.40
N GLY E 185 8.51 -56.31 65.33
CA GLY E 185 7.36 -57.11 64.91
C GLY E 185 7.71 -58.24 63.97
N ALA E 186 8.75 -58.03 63.18
CA ALA E 186 9.22 -59.02 62.23
C ALA E 186 10.67 -58.70 61.84
N TYR E 187 11.37 -59.64 61.21
CA TYR E 187 12.75 -59.40 60.76
C TYR E 187 13.02 -59.99 59.39
N GLY E 188 14.13 -59.59 58.80
CA GLY E 188 14.48 -60.05 57.47
C GLY E 188 15.81 -59.55 56.96
N LEU E 189 15.99 -59.63 55.64
CA LEU E 189 17.21 -59.19 54.98
C LEU E 189 16.94 -58.15 53.89
N SER E 190 17.74 -57.08 53.84
CA SER E 190 17.83 -56.24 52.65
C SER E 190 19.07 -56.66 51.94
N GLY E 191 18.91 -57.60 51.02
CA GLY E 191 20.04 -58.28 50.42
C GLY E 191 20.43 -57.79 49.03
N LYS E 192 21.48 -58.41 48.50
CA LYS E 192 21.94 -58.13 47.14
C LYS E 192 22.10 -59.38 46.30
N THR E 193 21.95 -60.56 46.90
CA THR E 193 22.20 -61.82 46.19
C THR E 193 20.98 -62.72 46.30
N VAL E 194 20.79 -63.59 45.30
CA VAL E 194 19.60 -64.45 45.26
C VAL E 194 19.71 -65.50 46.36
N GLU E 195 20.93 -65.96 46.62
CA GLU E 195 21.15 -67.02 47.58
C GLU E 195 20.88 -66.50 48.99
N GLY E 196 21.19 -65.24 49.22
CA GLY E 196 20.98 -64.59 50.50
C GLY E 196 19.51 -64.36 50.78
N GLY E 197 18.81 -63.88 49.76
CA GLY E 197 17.38 -63.67 49.85
C GLY E 197 16.63 -64.94 50.19
N LEU E 198 17.10 -66.06 49.64
CA LEU E 198 16.46 -67.35 49.88
C LEU E 198 16.65 -67.82 51.33
N ARG E 199 17.86 -67.68 51.86
CA ARG E 199 18.14 -68.02 53.26
C ARG E 199 17.36 -67.17 54.24
N ALA E 200 17.32 -65.87 53.97
CA ALA E 200 16.61 -64.95 54.83
C ALA E 200 15.20 -65.44 55.09
N LEU E 201 14.60 -66.04 54.06
CA LEU E 201 13.20 -66.46 54.09
C LEU E 201 12.99 -67.82 54.75
N ARG E 202 14.07 -68.57 54.92
CA ARG E 202 14.02 -69.89 55.56
C ARG E 202 13.64 -69.75 57.03
N GLU E 203 14.32 -68.85 57.74
CA GLU E 203 14.04 -68.58 59.15
C GLU E 203 13.28 -67.26 59.37
N GLY E 204 13.66 -66.25 58.59
CA GLY E 204 13.12 -64.90 58.75
C GLY E 204 11.81 -64.68 58.02
N ASP E 205 11.31 -63.46 58.12
CA ASP E 205 9.96 -63.14 57.72
C ASP E 205 9.88 -62.51 56.34
N CYS E 206 10.94 -61.85 55.92
CA CYS E 206 10.84 -60.96 54.78
C CYS E 206 12.16 -60.68 54.07
N ALA E 207 12.11 -60.43 52.78
CA ALA E 207 13.28 -60.04 52.03
C ALA E 207 12.98 -58.77 51.23
N MET E 208 13.88 -57.80 51.31
CA MET E 208 13.83 -56.61 50.46
C MET E 208 14.83 -56.84 49.33
N VAL E 209 14.33 -56.85 48.10
CA VAL E 209 15.12 -57.27 46.94
C VAL E 209 15.03 -56.22 45.85
N THR E 210 16.06 -56.16 45.00
CA THR E 210 16.09 -55.27 43.85
C THR E 210 15.32 -55.92 42.74
N TYR E 211 14.48 -55.15 42.05
CA TYR E 211 13.72 -55.67 40.91
C TYR E 211 13.20 -54.51 40.06
N ASN E 212 13.78 -54.37 38.88
CA ASN E 212 13.43 -53.30 37.97
C ASN E 212 13.68 -53.72 36.54
N LEU E 213 13.39 -52.84 35.58
CA LEU E 213 13.47 -53.21 34.16
C LEU E 213 14.87 -53.67 33.73
N ASN E 214 15.92 -53.11 34.33
CA ASN E 214 17.32 -53.52 34.05
C ASN E 214 17.83 -54.74 34.85
N GLU E 215 17.27 -54.99 36.05
CA GLU E 215 17.85 -55.96 36.98
C GLU E 215 16.78 -56.91 37.50
N ARG E 216 16.83 -58.17 37.06
CA ARG E 216 15.80 -59.15 37.40
C ARG E 216 16.36 -60.44 37.96
N ALA E 217 17.62 -60.43 38.35
CA ALA E 217 18.28 -61.61 38.89
C ALA E 217 17.63 -62.18 40.18
N GLU E 218 16.98 -61.32 40.99
CA GLU E 218 16.41 -61.74 42.27
C GLU E 218 14.96 -62.21 42.14
N ARG E 219 14.54 -62.48 40.91
CA ARG E 219 13.19 -63.00 40.67
C ARG E 219 12.86 -64.29 41.46
N PRO E 220 13.82 -65.24 41.51
CA PRO E 220 13.60 -66.48 42.26
C PRO E 220 13.21 -66.26 43.73
N VAL E 221 13.80 -65.25 44.37
CA VAL E 221 13.47 -64.96 45.76
C VAL E 221 11.99 -64.55 45.84
N ILE E 222 11.52 -63.82 44.84
CA ILE E 222 10.13 -63.37 44.84
C ILE E 222 9.22 -64.57 44.62
N GLU E 223 9.63 -65.44 43.71
CA GLU E 223 8.85 -66.63 43.38
C GLU E 223 8.76 -67.57 44.58
N TYR E 224 9.89 -67.80 45.23
CA TYR E 224 9.92 -68.61 46.46
C TYR E 224 8.97 -68.04 47.52
N ALA E 225 9.08 -66.73 47.77
CA ALA E 225 8.25 -66.07 48.79
C ALA E 225 6.77 -66.27 48.49
N ALA E 226 6.41 -66.10 47.22
CA ALA E 226 5.04 -66.30 46.73
C ALA E 226 4.53 -67.71 47.06
N ALA E 227 5.42 -68.69 46.96
CA ALA E 227 5.05 -70.07 47.25
C ALA E 227 4.87 -70.32 48.76
N HIS E 228 5.63 -69.62 49.61
CA HIS E 228 5.65 -69.96 51.03
C HIS E 228 5.11 -68.87 51.99
N ALA E 229 4.18 -68.03 51.51
CA ALA E 229 3.57 -67.01 52.33
C ALA E 229 4.64 -66.19 53.08
N LYS E 230 5.57 -65.62 52.31
CA LYS E 230 6.66 -64.79 52.88
C LYS E 230 6.69 -63.39 52.27
N GLY E 231 7.12 -62.40 53.05
CA GLY E 231 7.11 -61.00 52.63
C GLY E 231 8.22 -60.58 51.67
N ILE E 232 7.84 -59.84 50.63
CA ILE E 232 8.81 -59.25 49.69
C ILE E 232 8.54 -57.76 49.55
N LEU E 233 9.58 -56.97 49.78
CA LEU E 233 9.55 -55.54 49.49
C LEU E 233 10.55 -55.35 48.37
N VAL E 234 10.19 -54.57 47.37
CA VAL E 234 11.08 -54.30 46.25
C VAL E 234 11.72 -52.95 46.41
N LYS E 235 13.03 -52.89 46.30
CA LYS E 235 13.76 -51.62 46.27
C LYS E 235 14.21 -51.35 44.84
N LYS E 236 14.52 -50.08 44.56
CA LYS E 236 15.00 -49.64 43.26
C LYS E 236 14.08 -49.99 42.11
N ALA E 237 12.77 -49.97 42.34
CA ALA E 237 11.82 -50.31 41.27
C ALA E 237 11.92 -49.37 40.07
N LEU E 238 12.29 -48.12 40.30
CA LEU E 238 12.33 -47.10 39.24
C LEU E 238 13.78 -46.71 38.81
N ALA E 239 14.42 -47.58 38.01
CA ALA E 239 15.77 -47.27 37.46
C ALA E 239 16.05 -47.97 36.09
N SER E 240 15.62 -47.30 35.00
CA SER E 240 15.61 -47.87 33.63
C SER E 240 16.69 -47.31 32.64
N GLY E 241 16.97 -48.07 31.57
CA GLY E 241 17.87 -47.72 30.43
C GLY E 241 17.35 -48.40 29.16
N GLN E 249 3.34 -45.49 27.51
CA GLN E 249 4.74 -45.80 27.81
C GLN E 249 5.34 -44.83 28.86
N ASP E 250 4.61 -44.53 29.95
CA ASP E 250 5.22 -43.83 31.09
C ASP E 250 6.23 -44.82 31.71
N PRO E 251 7.47 -44.38 31.94
CA PRO E 251 8.48 -45.31 32.50
C PRO E 251 8.09 -45.83 33.89
N VAL E 252 7.54 -44.95 34.73
CA VAL E 252 7.09 -45.33 36.06
C VAL E 252 5.96 -46.37 35.99
N ARG E 253 5.04 -46.20 35.05
CA ARG E 253 3.98 -47.15 34.88
C ARG E 253 4.49 -48.50 34.37
N ALA E 254 5.44 -48.46 33.45
CA ALA E 254 6.05 -49.68 32.93
C ALA E 254 6.76 -50.44 34.05
N SER E 255 7.50 -49.69 34.88
CA SER E 255 8.21 -50.26 36.01
C SER E 255 7.22 -50.93 36.96
N PHE E 256 6.16 -50.23 37.31
CA PHE E 256 5.20 -50.78 38.26
C PHE E 256 4.45 -51.94 37.68
N GLU E 257 4.26 -51.95 36.37
CA GLU E 257 3.60 -53.10 35.71
C GLU E 257 4.44 -54.36 35.87
N LEU E 258 5.74 -54.22 35.64
CA LEU E 258 6.69 -55.32 35.78
C LEU E 258 6.69 -55.86 37.18
N VAL E 259 6.88 -54.96 38.15
CA VAL E 259 6.95 -55.31 39.57
C VAL E 259 5.69 -55.98 40.09
N PHE E 260 4.53 -55.40 39.82
CA PHE E 260 3.27 -55.97 40.33
C PHE E 260 2.72 -57.14 39.51
N ASP E 261 3.33 -57.43 38.37
CA ASP E 261 3.06 -58.71 37.69
C ASP E 261 3.56 -59.92 38.49
N GLN E 262 4.56 -59.73 39.35
CA GLN E 262 4.97 -60.79 40.28
C GLN E 262 4.01 -60.84 41.46
N PRO E 263 3.30 -61.97 41.63
CA PRO E 263 2.34 -62.06 42.74
C PRO E 263 3.00 -61.97 44.12
N GLY E 264 4.29 -62.33 44.20
CA GLY E 264 5.05 -62.31 45.47
C GLY E 264 5.27 -60.94 46.11
N VAL E 265 5.17 -59.86 45.34
CA VAL E 265 5.53 -58.53 45.82
C VAL E 265 4.40 -57.91 46.67
N ALA E 266 4.75 -57.45 47.87
CA ALA E 266 3.82 -56.76 48.74
C ALA E 266 3.86 -55.26 48.48
N ALA E 267 5.06 -54.68 48.49
CA ALA E 267 5.21 -53.25 48.26
C ALA E 267 6.52 -52.92 47.58
N ALA E 268 6.53 -51.79 46.90
CA ALA E 268 7.75 -51.23 46.32
C ALA E 268 8.06 -49.94 47.07
N ILE E 269 9.31 -49.76 47.48
CA ILE E 269 9.72 -48.54 48.18
C ILE E 269 10.15 -47.54 47.13
N VAL E 270 9.66 -46.31 47.21
CA VAL E 270 10.02 -45.25 46.26
C VAL E 270 10.79 -44.15 46.99
N GLY E 271 11.80 -43.58 46.33
CA GLY E 271 12.69 -42.64 46.99
C GLY E 271 12.36 -41.16 46.85
N THR E 272 11.24 -40.82 46.22
CA THR E 272 11.00 -39.44 45.82
C THR E 272 10.65 -38.51 46.98
N ILE E 273 11.14 -37.28 46.94
CA ILE E 273 10.73 -36.25 47.90
C ILE E 273 9.91 -35.12 47.24
N ASN E 274 9.76 -35.17 45.93
CA ASN E 274 8.93 -34.20 45.22
C ASN E 274 7.45 -34.58 45.30
N PRO E 275 6.64 -33.77 46.01
CA PRO E 275 5.24 -34.16 46.23
C PRO E 275 4.46 -34.47 44.95
N LEU E 276 4.75 -33.73 43.88
CA LEU E 276 4.08 -33.96 42.61
C LEU E 276 4.48 -35.31 42.03
N HIS E 277 5.78 -35.64 42.05
CA HIS E 277 6.23 -36.97 41.59
C HIS E 277 5.66 -38.07 42.47
N LEU E 278 5.45 -37.80 43.77
CA LEU E 278 4.85 -38.82 44.68
C LEU E 278 3.40 -39.10 44.31
N ALA E 279 2.63 -38.04 44.06
CA ALA E 279 1.24 -38.17 43.69
C ALA E 279 1.12 -38.90 42.37
N HIS E 280 2.04 -38.57 41.46
CA HIS E 280 2.12 -39.25 40.18
C HIS E 280 2.48 -40.72 40.34
N ASN E 281 3.55 -41.01 41.09
CA ASN E 281 3.94 -42.40 41.35
C ASN E 281 2.77 -43.22 41.89
N VAL E 282 2.00 -42.63 42.82
CA VAL E 282 0.85 -43.30 43.41
C VAL E 282 -0.21 -43.54 42.36
N ALA E 283 -0.44 -42.56 41.49
CA ALA E 283 -1.42 -42.71 40.43
C ALA E 283 -1.07 -43.86 39.51
N MET E 284 0.18 -43.92 39.09
CA MET E 284 0.63 -44.98 38.20
C MET E 284 0.54 -46.35 38.85
N ALA E 285 0.80 -46.42 40.15
CA ALA E 285 0.73 -47.70 40.86
C ALA E 285 -0.69 -48.21 40.95
N ALA E 286 -1.64 -47.29 41.15
CA ALA E 286 -3.06 -47.63 41.20
C ALA E 286 -3.53 -48.14 39.84
N GLN E 287 -3.05 -47.51 38.77
CA GLN E 287 -3.37 -47.92 37.41
C GLN E 287 -2.80 -49.29 37.05
N ALA E 288 -1.56 -49.55 37.49
CA ALA E 288 -0.88 -50.84 37.24
C ALA E 288 -1.60 -51.99 37.94
N LEU E 289 -2.22 -51.71 39.09
CA LEU E 289 -2.92 -52.73 39.85
C LEU E 289 -4.41 -52.85 39.49
N LYS E 290 -4.92 -51.95 38.63
CA LYS E 290 -6.35 -51.88 38.22
C LYS E 290 -7.30 -52.47 39.24
N PHE F 20 -4.69 13.60 1.98
CA PHE F 20 -5.99 14.03 2.58
C PHE F 20 -5.76 14.81 3.91
N GLN F 21 -5.58 14.11 5.05
CA GLN F 21 -5.58 14.73 6.41
C GLN F 21 -4.18 14.79 7.04
N SER F 22 -3.14 14.88 6.21
CA SER F 22 -1.78 15.20 6.69
C SER F 22 -1.58 16.73 6.77
N MET F 23 -2.31 17.32 7.72
CA MET F 23 -2.11 18.69 8.20
C MET F 23 -1.01 18.72 9.28
N ILE F 24 -0.44 17.56 9.62
CA ILE F 24 0.51 17.46 10.73
C ILE F 24 1.92 17.25 10.20
N ARG F 25 2.35 18.14 9.31
CA ARG F 25 3.74 18.21 8.85
C ARG F 25 4.75 18.07 10.00
N ASP F 26 4.64 18.95 11.00
CA ASP F 26 5.67 19.12 12.04
C ASP F 26 5.39 18.30 13.30
N THR F 27 6.30 17.39 13.63
CA THR F 27 6.20 16.56 14.83
C THR F 27 7.47 16.64 15.66
N LEU F 28 7.49 15.97 16.79
CA LEU F 28 8.61 16.04 17.72
C LEU F 28 9.46 14.77 17.72
N HIS F 29 9.22 13.85 16.79
CA HIS F 29 9.86 12.52 16.81
C HIS F 29 11.40 12.55 16.93
N ASP F 30 12.01 13.51 16.24
CA ASP F 30 13.46 13.63 16.21
C ASP F 30 14.02 14.71 17.14
N LEU F 31 13.24 15.07 18.16
CA LEU F 31 13.65 16.10 19.11
C LEU F 31 13.66 15.59 20.55
N HIS F 32 13.53 14.28 20.76
CA HIS F 32 13.58 13.73 22.10
C HIS F 32 14.91 14.10 22.79
N ARG F 33 14.86 14.28 24.10
CA ARG F 33 16.00 14.77 24.87
C ARG F 33 16.06 13.98 26.18
N PRO F 34 17.26 13.81 26.73
CA PRO F 34 17.32 13.13 28.03
C PRO F 34 16.86 14.04 29.20
N LEU F 35 16.20 13.43 30.19
CA LEU F 35 15.74 14.12 31.38
C LEU F 35 16.81 13.96 32.44
N GLY F 36 17.76 14.88 32.45
CA GLY F 36 18.87 14.82 33.38
C GLY F 36 19.65 13.52 33.26
N ASP F 37 20.05 12.97 34.40
CA ASP F 37 20.80 11.70 34.44
C ASP F 37 19.91 10.50 34.79
N THR F 38 18.61 10.61 34.51
CA THR F 38 17.69 9.52 34.86
C THR F 38 17.73 8.37 33.88
N GLY F 39 18.28 8.63 32.68
CA GLY F 39 18.26 7.64 31.59
C GLY F 39 16.93 7.57 30.85
N LEU F 40 16.02 8.50 31.15
CA LEU F 40 14.77 8.61 30.41
C LEU F 40 14.96 9.63 29.28
N ALA F 41 14.46 9.30 28.09
CA ALA F 41 14.43 10.22 26.96
C ALA F 41 12.98 10.68 26.79
N VAL F 42 12.78 11.99 26.64
CA VAL F 42 11.44 12.54 26.58
C VAL F 42 11.29 13.54 25.45
N SER F 43 10.10 13.58 24.86
CA SER F 43 9.72 14.65 23.94
C SER F 43 9.75 16.00 24.66
N PRO F 44 10.12 17.08 23.96
CA PRO F 44 10.17 18.41 24.55
C PRO F 44 8.82 18.97 24.99
N LEU F 45 7.73 18.34 24.56
CA LEU F 45 6.43 18.65 25.10
C LEU F 45 5.90 17.39 25.73
N GLY F 46 5.24 17.57 26.87
CA GLY F 46 4.53 16.53 27.56
C GLY F 46 3.05 16.88 27.63
N LEU F 47 2.24 15.86 27.71
CA LEU F 47 0.83 16.03 27.80
C LEU F 47 0.36 16.04 29.22
N GLY F 48 -0.26 17.12 29.63
CA GLY F 48 -0.77 17.23 30.96
C GLY F 48 -2.19 16.77 31.05
N THR F 49 -2.55 16.26 32.20
CA THR F 49 -3.82 15.59 32.34
C THR F 49 -4.75 16.15 33.37
N VAL F 50 -4.63 17.41 33.67
CA VAL F 50 -5.45 17.99 34.67
C VAL F 50 -6.90 17.94 34.29
N LYS F 51 -7.18 18.18 33.03
CA LYS F 51 -8.49 18.33 32.51
C LYS F 51 -9.16 17.02 32.25
N PHE F 52 -8.45 15.93 32.37
CA PHE F 52 -9.02 14.61 32.33
C PHE F 52 -9.78 14.28 33.60
N GLY F 53 -9.47 14.93 34.70
CA GLY F 53 -10.24 14.85 35.96
C GLY F 53 -11.25 16.00 36.14
N ARG F 54 -11.06 17.08 35.36
CA ARG F 54 -12.06 18.14 35.03
C ARG F 54 -11.50 19.57 34.76
N THR F 65 -14.68 21.90 30.81
CA THR F 65 -15.38 20.67 30.45
C THR F 65 -14.39 19.50 30.23
N ILE F 66 -14.83 18.30 30.61
CA ILE F 66 -14.01 17.10 30.61
C ILE F 66 -14.18 16.26 29.34
N PRO F 67 -13.07 15.79 28.78
CA PRO F 67 -13.19 14.89 27.64
C PRO F 67 -13.92 13.57 27.91
N ASP F 68 -14.88 13.30 27.04
CA ASP F 68 -15.35 11.96 26.68
C ASP F 68 -14.25 10.88 26.46
N ASP F 69 -14.46 9.67 26.96
CA ASP F 69 -13.46 8.59 26.80
C ASP F 69 -12.96 8.51 25.36
N ARG F 70 -13.83 8.88 24.43
CA ARG F 70 -13.53 8.88 23.00
C ARG F 70 -12.55 10.01 22.70
N GLU F 71 -12.92 11.22 23.13
CA GLU F 71 -12.07 12.41 22.96
C GLU F 71 -10.66 12.22 23.57
N ALA F 72 -10.61 11.56 24.72
CA ALA F 72 -9.38 11.34 25.45
C ALA F 72 -8.47 10.35 24.72
N ALA F 73 -9.05 9.26 24.23
CA ALA F 73 -8.28 8.26 23.49
C ALA F 73 -7.73 8.87 22.21
N ASP F 74 -8.51 9.78 21.59
CA ASP F 74 -8.12 10.49 20.37
C ASP F 74 -6.99 11.49 20.63
N LEU F 75 -7.01 12.13 21.79
CA LEU F 75 -5.97 13.09 22.17
C LEU F 75 -4.63 12.37 22.41
N LEU F 76 -4.69 11.22 23.07
CA LEU F 76 -3.51 10.40 23.27
C LEU F 76 -2.97 9.92 21.93
N ALA F 77 -3.87 9.43 21.07
CA ALA F 77 -3.48 8.88 19.77
C ALA F 77 -2.80 9.94 18.91
N LEU F 78 -3.38 11.14 18.90
CA LEU F 78 -2.80 12.27 18.17
C LEU F 78 -1.47 12.71 18.78
N ALA F 79 -1.38 12.71 20.11
CA ALA F 79 -0.15 13.09 20.83
C ALA F 79 0.98 12.18 20.39
N ARG F 80 0.65 10.90 20.30
CA ARG F 80 1.61 9.87 19.92
C ARG F 80 2.19 10.08 18.51
N ASP F 81 1.30 10.28 17.54
CA ASP F 81 1.66 10.58 16.15
C ASP F 81 2.34 11.94 16.01
N LEU F 82 2.21 12.79 17.04
CA LEU F 82 2.84 14.10 17.03
C LEU F 82 4.25 13.98 17.61
N GLY F 83 4.62 12.78 18.06
CA GLY F 83 5.93 12.53 18.65
C GLY F 83 6.05 12.75 20.16
N ILE F 84 4.93 12.88 20.86
CA ILE F 84 4.95 13.06 22.31
C ILE F 84 4.98 11.69 22.97
N ASN F 85 5.86 11.51 23.95
CA ASN F 85 5.91 10.27 24.74
C ASN F 85 5.94 10.55 26.25
N LEU F 86 5.61 11.79 26.64
CA LEU F 86 5.64 12.21 28.02
C LEU F 86 4.23 12.57 28.44
N ILE F 87 3.81 12.06 29.60
CA ILE F 87 2.48 12.33 30.14
C ILE F 87 2.57 12.61 31.64
N ASP F 88 1.82 13.61 32.08
CA ASP F 88 1.90 14.15 33.43
C ASP F 88 0.56 14.00 34.09
N THR F 89 0.52 13.42 35.28
CA THR F 89 -0.74 13.27 36.02
C THR F 89 -0.49 13.39 37.53
N ALA F 90 -1.56 13.25 38.31
CA ALA F 90 -1.46 13.32 39.76
C ALA F 90 -2.72 12.76 40.42
N PRO F 91 -2.57 12.26 41.67
CA PRO F 91 -3.71 11.93 42.52
C PRO F 91 -4.69 13.08 42.67
N ALA F 92 -4.15 14.29 42.77
CA ALA F 92 -4.96 15.50 42.96
C ALA F 92 -5.81 15.91 41.75
N TYR F 93 -5.47 15.43 40.56
CA TYR F 93 -6.22 15.80 39.36
C TYR F 93 -7.49 14.93 39.21
N GLY F 94 -8.34 14.95 40.23
CA GLY F 94 -9.59 14.19 40.21
C GLY F 94 -9.33 12.73 39.89
N ARG F 95 -9.84 12.28 38.76
CA ARG F 95 -9.69 10.90 38.35
C ARG F 95 -8.77 10.67 37.21
N SER F 96 -7.99 11.68 36.90
CA SER F 96 -7.04 11.56 35.83
C SER F 96 -6.33 10.19 35.92
N GLU F 97 -5.74 9.89 37.06
CA GLU F 97 -5.02 8.64 37.26
C GLU F 97 -5.89 7.44 36.92
N GLU F 98 -7.06 7.39 37.54
CA GLU F 98 -7.98 6.28 37.36
C GLU F 98 -8.34 6.02 35.90
N ARG F 99 -8.62 7.10 35.18
CA ARG F 99 -8.99 7.02 33.77
C ARG F 99 -7.84 6.59 32.87
N LEU F 100 -6.62 7.01 33.22
CA LEU F 100 -5.46 6.75 32.37
C LEU F 100 -5.09 5.26 32.27
N GLY F 101 -5.35 4.49 33.33
CA GLY F 101 -5.02 3.08 33.31
C GLY F 101 -5.60 2.39 32.08
N PRO F 102 -6.94 2.38 31.99
CA PRO F 102 -7.69 1.82 30.84
C PRO F 102 -7.28 2.42 29.52
N LEU F 103 -7.21 3.75 29.47
CA LEU F 103 -6.86 4.46 28.25
C LEU F 103 -5.48 4.12 27.70
N LEU F 104 -4.56 3.75 28.59
CA LEU F 104 -3.17 3.43 28.20
C LEU F 104 -2.91 1.94 27.96
N ARG F 105 -3.92 1.11 28.22
CA ARG F 105 -3.85 -0.32 27.89
C ARG F 105 -3.43 -0.52 26.45
N GLY F 106 -2.39 -1.33 26.24
CA GLY F 106 -1.91 -1.64 24.91
C GLY F 106 -0.85 -0.69 24.40
N GLN F 107 -0.62 0.41 25.12
CA GLN F 107 0.43 1.38 24.73
C GLN F 107 1.30 1.92 25.86
N ARG F 108 1.07 1.48 27.11
CA ARG F 108 1.85 1.98 28.25
C ARG F 108 3.36 2.08 27.95
N GLU F 109 3.91 1.08 27.27
CA GLU F 109 5.34 1.06 26.99
C GLU F 109 5.82 2.25 26.18
N HIS F 110 4.93 2.88 25.41
CA HIS F 110 5.30 4.10 24.69
C HIS F 110 5.63 5.24 25.64
N TRP F 111 4.95 5.29 26.79
CA TRP F 111 4.88 6.49 27.62
C TRP F 111 5.80 6.55 28.82
N VAL F 112 6.47 7.70 28.97
CA VAL F 112 7.11 8.09 30.22
C VAL F 112 6.06 8.77 31.07
N ILE F 113 5.64 8.15 32.17
CA ILE F 113 4.59 8.71 33.01
C ILE F 113 5.19 9.45 34.21
N VAL F 114 4.73 10.68 34.42
CA VAL F 114 5.05 11.43 35.62
C VAL F 114 3.82 11.52 36.49
N SER F 115 3.95 11.13 37.75
CA SER F 115 2.88 11.37 38.72
C SER F 115 3.41 11.98 40.01
N LYS F 116 2.54 12.15 41.01
CA LYS F 116 2.89 12.96 42.17
C LYS F 116 2.37 12.37 43.48
N VAL F 117 2.96 12.75 44.59
CA VAL F 117 2.48 12.35 45.90
C VAL F 117 2.34 13.55 46.79
N GLY F 118 1.33 13.54 47.64
CA GLY F 118 1.26 14.48 48.73
C GLY F 118 0.03 15.33 48.77
N GLU F 119 -0.56 15.61 47.60
CA GLU F 119 -1.76 16.42 47.54
C GLU F 119 -2.93 15.49 47.24
N GLU F 120 -4.09 15.79 47.82
CA GLU F 120 -5.20 14.86 47.79
C GLU F 120 -6.53 15.55 47.47
N GLY F 124 -14.09 19.47 49.23
CA GLY F 124 -14.04 20.83 48.75
C GLY F 124 -12.62 21.18 48.35
N GLN F 125 -11.67 20.85 49.22
CA GLN F 125 -10.37 21.51 49.26
C GLN F 125 -9.16 20.62 49.18
N SER F 126 -8.04 21.34 49.14
CA SER F 126 -6.69 20.86 49.45
C SER F 126 -6.56 19.96 50.68
N VAL F 127 -5.89 18.82 50.53
CA VAL F 127 -5.36 18.15 51.71
C VAL F 127 -3.96 17.62 51.42
N PHE F 128 -3.00 17.93 52.29
CA PHE F 128 -1.63 17.48 52.11
C PHE F 128 -1.17 16.52 53.19
N ASP F 129 -0.45 15.48 52.79
CA ASP F 129 0.11 14.49 53.72
C ASP F 129 1.46 14.02 53.17
N PHE F 130 2.55 14.35 53.88
CA PHE F 130 3.88 13.98 53.43
C PHE F 130 4.50 12.90 54.28
N SER F 131 3.66 12.15 54.99
CA SER F 131 4.12 11.01 55.78
C SER F 131 4.54 9.85 54.90
N ALA F 132 5.46 9.03 55.41
CA ALA F 132 5.98 7.86 54.70
C ALA F 132 4.85 6.89 54.42
N ALA F 133 3.96 6.70 55.41
CA ALA F 133 2.78 5.84 55.27
C ALA F 133 1.91 6.24 54.08
N HIS F 134 1.62 7.54 53.97
CA HIS F 134 0.82 8.03 52.86
C HIS F 134 1.60 7.98 51.54
N THR F 135 2.87 8.36 51.57
CA THR F 135 3.69 8.36 50.36
C THR F 135 3.65 6.99 49.71
N ARG F 136 3.84 5.98 50.53
CA ARG F 136 3.88 4.60 50.10
C ARG F 136 2.50 4.11 49.68
N ARG F 137 1.47 4.58 50.37
CA ARG F 137 0.10 4.17 50.07
C ARG F 137 -0.39 4.79 48.77
N SER F 138 0.07 6.01 48.48
CA SER F 138 -0.31 6.75 47.26
C SER F 138 0.31 6.16 46.01
N VAL F 139 1.60 5.87 46.10
CA VAL F 139 2.33 5.30 44.96
C VAL F 139 1.82 3.89 44.64
N GLU F 140 1.52 3.10 45.66
CA GLU F 140 0.91 1.79 45.42
C GLU F 140 -0.40 1.98 44.64
N ARG F 141 -1.23 2.91 45.10
CA ARG F 141 -2.53 3.19 44.49
C ARG F 141 -2.38 3.75 43.08
N SER F 142 -1.35 4.57 42.87
CA SER F 142 -1.09 5.11 41.53
C SER F 142 -0.71 4.01 40.52
N LEU F 143 0.12 3.06 40.97
CA LEU F 143 0.48 1.89 40.16
C LEU F 143 -0.76 1.07 39.83
N LYS F 144 -1.62 0.90 40.82
CA LYS F 144 -2.84 0.11 40.68
C LYS F 144 -3.76 0.77 39.65
N ARG F 145 -4.04 2.05 39.87
CA ARG F 145 -4.89 2.84 38.97
C ARG F 145 -4.38 2.87 37.54
N LEU F 146 -3.07 2.99 37.37
CA LEU F 146 -2.46 3.06 36.04
C LEU F 146 -2.25 1.68 35.43
N GLU F 147 -2.53 0.61 36.19
CA GLU F 147 -2.39 -0.77 35.70
C GLU F 147 -0.98 -1.02 35.19
N THR F 148 -0.01 -0.80 36.08
CA THR F 148 1.39 -0.92 35.74
C THR F 148 2.22 -1.22 36.98
N ASP F 149 3.42 -1.77 36.78
CA ASP F 149 4.26 -2.23 37.89
C ASP F 149 5.28 -1.16 38.29
N ARG F 150 5.30 -0.04 37.57
CA ARG F 150 6.26 1.01 37.84
C ARG F 150 5.92 2.36 37.15
N ILE F 151 6.33 3.47 37.78
CA ILE F 151 6.11 4.81 37.25
C ILE F 151 7.46 5.48 37.06
N GLU F 152 7.69 6.04 35.89
CA GLU F 152 9.00 6.56 35.55
C GLU F 152 9.45 7.66 36.50
N LEU F 153 8.55 8.60 36.80
CA LEU F 153 8.91 9.75 37.65
C LEU F 153 7.78 10.10 38.61
N VAL F 154 8.09 10.18 39.90
CA VAL F 154 7.11 10.63 40.89
C VAL F 154 7.63 11.88 41.59
N LEU F 155 6.89 12.98 41.48
CA LEU F 155 7.31 14.25 42.05
C LEU F 155 6.52 14.58 43.32
N VAL F 156 7.18 15.19 44.30
CA VAL F 156 6.52 15.67 45.50
C VAL F 156 5.60 16.82 45.13
N HIS F 157 4.34 16.76 45.53
CA HIS F 157 3.35 17.76 45.15
C HIS F 157 3.21 18.85 46.22
N SER F 158 4.07 19.88 46.15
CA SER F 158 4.20 20.80 47.28
C SER F 158 3.00 21.72 47.52
N ASP F 159 2.78 22.08 48.78
CA ASP F 159 1.78 23.11 49.13
C ASP F 159 2.34 24.51 48.99
N GLY F 160 3.65 24.61 48.76
CA GLY F 160 4.34 25.89 48.66
C GLY F 160 5.48 25.93 49.62
N ASN F 161 5.38 25.15 50.68
CA ASN F 161 6.39 25.11 51.71
C ASN F 161 7.46 24.07 51.37
N ASP F 162 8.08 24.21 50.20
CA ASP F 162 8.98 23.19 49.66
C ASP F 162 10.04 22.76 50.66
N LEU F 163 10.81 23.73 51.13
CA LEU F 163 12.02 23.45 51.87
C LEU F 163 11.73 22.71 53.17
N ASP F 164 10.66 23.11 53.84
CA ASP F 164 10.27 22.47 55.08
C ASP F 164 9.83 21.03 54.84
N ILE F 165 9.07 20.81 53.77
CA ILE F 165 8.64 19.48 53.37
C ILE F 165 9.86 18.59 53.08
N LEU F 166 10.75 19.07 52.24
CA LEU F 166 11.94 18.29 51.90
C LEU F 166 12.88 17.99 53.10
N GLU F 167 12.83 18.82 54.14
CA GLU F 167 13.76 18.70 55.28
C GLU F 167 13.17 17.96 56.49
N ASN F 168 11.91 18.26 56.81
CA ASN F 168 11.31 17.82 58.06
C ASN F 168 10.15 16.84 57.89
N SER F 169 9.99 16.29 56.70
CA SER F 169 8.96 15.26 56.47
C SER F 169 9.64 14.00 55.94
N GLU F 170 8.86 12.92 55.84
CA GLU F 170 9.40 11.60 55.54
C GLU F 170 9.34 11.31 54.02
N VAL F 171 8.69 12.19 53.24
CA VAL F 171 8.39 11.93 51.81
C VAL F 171 9.60 11.64 50.93
N TYR F 172 10.63 12.47 51.01
CA TYR F 172 11.74 12.36 50.08
C TYR F 172 12.55 11.08 50.30
N PRO F 173 12.89 10.77 51.56
CA PRO F 173 13.53 9.45 51.82
C PRO F 173 12.66 8.25 51.40
N THR F 174 11.35 8.33 51.64
CA THR F 174 10.41 7.27 51.24
C THR F 174 10.43 7.05 49.72
N LEU F 175 10.37 8.15 48.97
CA LEU F 175 10.52 8.09 47.51
C LEU F 175 11.86 7.44 47.13
N ALA F 176 12.93 7.77 47.84
CA ALA F 176 14.26 7.19 47.56
C ALA F 176 14.22 5.66 47.75
N ALA F 177 13.47 5.20 48.75
CA ALA F 177 13.32 3.77 49.03
C ALA F 177 12.54 3.11 47.92
N LEU F 178 11.41 3.73 47.57
CA LEU F 178 10.56 3.29 46.47
C LEU F 178 11.36 3.18 45.17
N LYS F 179 12.34 4.06 44.97
CA LYS F 179 13.21 4.02 43.79
C LYS F 179 14.11 2.78 43.80
N ARG F 180 14.74 2.53 44.94
CA ARG F 180 15.54 1.32 45.14
C ARG F 180 14.68 0.05 44.93
N GLU F 181 13.47 0.07 45.47
CA GLU F 181 12.58 -1.07 45.36
C GLU F 181 12.11 -1.32 43.93
N GLY F 182 12.34 -0.38 43.03
CA GLY F 182 11.96 -0.52 41.62
C GLY F 182 10.55 -0.04 41.26
N LEU F 183 9.75 0.31 42.27
CA LEU F 183 8.39 0.82 42.07
C LEU F 183 8.36 2.15 41.31
N ILE F 184 9.38 2.99 41.45
CA ILE F 184 9.48 4.19 40.64
C ILE F 184 10.87 4.32 40.03
N GLY F 185 10.96 4.97 38.88
CA GLY F 185 12.21 5.08 38.13
C GLY F 185 13.05 6.26 38.57
N ALA F 186 12.40 7.32 39.05
CA ALA F 186 13.09 8.52 39.49
C ALA F 186 12.14 9.32 40.38
N TYR F 187 12.68 10.26 41.18
CA TYR F 187 11.84 11.11 42.02
C TYR F 187 12.29 12.55 42.01
N GLY F 188 11.44 13.41 42.52
CA GLY F 188 11.73 14.86 42.50
C GLY F 188 10.62 15.70 43.12
N LEU F 189 10.67 16.99 42.83
CA LEU F 189 9.77 17.98 43.42
C LEU F 189 9.03 18.71 42.32
N SER F 190 7.72 18.91 42.51
CA SER F 190 6.96 19.92 41.76
C SER F 190 6.77 21.07 42.72
N GLY F 191 7.71 22.00 42.70
CA GLY F 191 7.79 23.04 43.72
C GLY F 191 7.20 24.37 43.31
N LYS F 192 7.33 25.33 44.22
CA LYS F 192 6.92 26.70 43.97
C LYS F 192 7.98 27.72 44.32
N THR F 193 9.08 27.28 44.93
CA THR F 193 10.10 28.20 45.44
C THR F 193 11.46 27.83 44.90
N VAL F 194 12.33 28.83 44.74
CA VAL F 194 13.64 28.56 44.14
C VAL F 194 14.48 27.72 45.10
N GLU F 195 14.33 27.98 46.39
CA GLU F 195 15.14 27.32 47.40
C GLU F 195 14.74 25.85 47.48
N GLY F 196 13.47 25.57 47.27
CA GLY F 196 12.98 24.20 47.27
C GLY F 196 13.43 23.41 46.07
N GLY F 197 13.37 24.04 44.90
CA GLY F 197 13.84 23.44 43.68
C GLY F 197 15.31 23.07 43.77
N LEU F 198 16.09 23.90 44.43
CA LEU F 198 17.52 23.65 44.56
C LEU F 198 17.79 22.43 45.46
N ARG F 199 17.08 22.31 46.57
CA ARG F 199 17.22 21.16 47.47
C ARG F 199 16.81 19.86 46.81
N ALA F 200 15.68 19.90 46.10
CA ALA F 200 15.16 18.73 45.43
C ALA F 200 16.23 18.09 44.54
N LEU F 201 17.08 18.95 43.97
CA LEU F 201 18.11 18.52 43.04
C LEU F 201 19.41 18.04 43.71
N ARG F 202 19.57 18.34 44.99
CA ARG F 202 20.72 17.90 45.77
C ARG F 202 20.72 16.38 45.91
N GLU F 203 19.59 15.83 46.35
CA GLU F 203 19.44 14.38 46.53
C GLU F 203 18.61 13.73 45.42
N GLY F 204 17.59 14.45 44.97
CA GLY F 204 16.63 13.93 44.00
C GLY F 204 17.07 14.13 42.57
N ASP F 205 16.23 13.68 41.65
CA ASP F 205 16.59 13.53 40.24
C ASP F 205 16.11 14.66 39.38
N CYS F 206 15.05 15.34 39.81
CA CYS F 206 14.33 16.23 38.92
C CYS F 206 13.46 17.27 39.64
N ALA F 207 13.32 18.44 39.01
CA ALA F 207 12.45 19.49 39.52
C ALA F 207 11.48 19.94 38.44
N MET F 208 10.20 20.03 38.79
CA MET F 208 9.20 20.66 37.91
C MET F 208 8.97 22.07 38.40
N VAL F 209 9.26 23.05 37.53
CA VAL F 209 9.32 24.45 37.91
C VAL F 209 8.42 25.27 36.99
N THR F 210 7.92 26.39 37.49
CA THR F 210 7.17 27.34 36.69
C THR F 210 8.13 28.24 35.94
N TYR F 211 7.87 28.43 34.65
CA TYR F 211 8.72 29.33 33.85
C TYR F 211 7.95 29.79 32.61
N ASN F 212 7.63 31.08 32.58
CA ASN F 212 6.86 31.65 31.50
C ASN F 212 7.15 33.13 31.38
N LEU F 213 6.54 33.79 30.41
CA LEU F 213 6.88 35.19 30.10
C LEU F 213 6.67 36.14 31.29
N ASN F 214 5.65 35.86 32.11
CA ASN F 214 5.39 36.63 33.33
C ASN F 214 6.22 36.24 34.56
N GLU F 215 6.62 34.96 34.66
CA GLU F 215 7.20 34.43 35.90
C GLU F 215 8.53 33.72 35.63
N ARG F 216 9.62 34.32 36.07
CA ARG F 216 10.95 33.80 35.79
C ARG F 216 11.82 33.66 37.03
N ALA F 217 11.20 33.72 38.21
CA ALA F 217 11.94 33.63 39.47
C ALA F 217 12.71 32.30 39.69
N GLU F 218 12.23 31.20 39.08
CA GLU F 218 12.82 29.88 39.26
C GLU F 218 13.92 29.58 38.24
N ARG F 219 14.38 30.61 37.53
CA ARG F 219 15.47 30.45 36.58
C ARG F 219 16.73 29.81 37.17
N PRO F 220 17.12 30.20 38.39
CA PRO F 220 18.31 29.61 39.02
C PRO F 220 18.25 28.10 39.15
N VAL F 221 17.06 27.56 39.42
CA VAL F 221 16.90 26.11 39.52
C VAL F 221 17.22 25.46 38.18
N ILE F 222 16.85 26.12 37.09
CA ILE F 222 17.09 25.60 35.75
C ILE F 222 18.58 25.67 35.46
N GLU F 223 19.19 26.79 35.84
CA GLU F 223 20.62 27.00 35.61
C GLU F 223 21.47 25.99 36.39
N TYR F 224 21.12 25.76 37.65
CA TYR F 224 21.78 24.77 38.48
C TYR F 224 21.68 23.39 37.86
N ALA F 225 20.47 23.01 37.45
CA ALA F 225 20.22 21.69 36.85
C ALA F 225 21.10 21.48 35.60
N ALA F 226 21.14 22.53 34.78
CA ALA F 226 21.97 22.55 33.58
C ALA F 226 23.45 22.26 33.89
N ALA F 227 23.92 22.78 35.01
CA ALA F 227 25.32 22.58 35.43
C ALA F 227 25.59 21.20 36.02
N HIS F 228 24.59 20.53 36.59
CA HIS F 228 24.83 19.26 37.27
C HIS F 228 24.04 18.06 36.71
N ALA F 229 23.76 18.06 35.39
CA ALA F 229 23.11 16.91 34.73
C ALA F 229 21.86 16.43 35.48
N LYS F 230 20.95 17.37 35.74
CA LYS F 230 19.71 17.12 36.49
C LYS F 230 18.48 17.49 35.68
N GLY F 231 17.37 16.80 35.92
CA GLY F 231 16.15 16.99 35.13
C GLY F 231 15.30 18.21 35.50
N ILE F 232 14.83 18.92 34.47
CA ILE F 232 13.90 20.03 34.63
C ILE F 232 12.70 19.83 33.71
N LEU F 233 11.50 19.84 34.30
CA LEU F 233 10.27 19.91 33.55
C LEU F 233 9.66 21.26 33.87
N VAL F 234 9.18 21.97 32.85
CA VAL F 234 8.55 23.25 33.06
C VAL F 234 7.03 23.09 33.03
N LYS F 235 6.38 23.67 34.03
CA LYS F 235 4.93 23.77 34.06
C LYS F 235 4.53 25.21 33.81
N LYS F 236 3.28 25.41 33.38
CA LYS F 236 2.69 26.74 33.11
C LYS F 236 3.48 27.55 32.10
N ALA F 237 4.06 26.88 31.10
CA ALA F 237 4.85 27.60 30.07
C ALA F 237 4.01 28.61 29.30
N LEU F 238 2.72 28.35 29.13
CA LEU F 238 1.84 29.19 28.33
C LEU F 238 0.79 29.97 29.18
N ALA F 239 1.26 30.94 29.96
CA ALA F 239 0.36 31.93 30.59
C ALA F 239 1.04 33.28 30.43
N SER F 240 0.26 34.33 30.12
CA SER F 240 0.91 35.62 29.81
C SER F 240 0.05 36.91 29.95
N GLY F 241 0.71 38.07 29.82
CA GLY F 241 0.10 39.39 29.91
C GLY F 241 1.01 40.46 29.30
N GLN F 249 4.92 36.49 15.53
CA GLN F 249 4.83 36.78 16.97
C GLN F 249 3.57 36.12 17.58
N ASP F 250 3.55 34.81 17.41
CA ASP F 250 2.60 33.93 18.06
C ASP F 250 2.99 33.85 19.54
N PRO F 251 2.01 33.96 20.47
CA PRO F 251 2.35 33.93 21.89
C PRO F 251 2.94 32.58 22.32
N VAL F 252 2.39 31.50 21.77
CA VAL F 252 2.89 30.14 22.07
C VAL F 252 4.34 29.98 21.60
N ARG F 253 4.65 30.52 20.42
CA ARG F 253 6.01 30.44 19.91
C ARG F 253 6.97 31.28 20.76
N ALA F 254 6.53 32.46 21.17
CA ALA F 254 7.34 33.32 22.04
C ALA F 254 7.60 32.62 23.37
N SER F 255 6.58 31.99 23.93
CA SER F 255 6.72 31.24 25.16
C SER F 255 7.72 30.11 25.03
N PHE F 256 7.59 29.33 23.96
CA PHE F 256 8.50 28.20 23.75
C PHE F 256 9.90 28.66 23.43
N GLU F 257 10.04 29.83 22.81
CA GLU F 257 11.38 30.37 22.55
C GLU F 257 12.11 30.68 23.86
N LEU F 258 11.39 31.34 24.78
CA LEU F 258 11.91 31.65 26.10
C LEU F 258 12.33 30.39 26.85
N VAL F 259 11.41 29.42 26.94
CA VAL F 259 11.62 28.19 27.68
C VAL F 259 12.80 27.40 27.14
N PHE F 260 12.84 27.18 25.83
CA PHE F 260 13.91 26.36 25.25
C PHE F 260 15.22 27.07 25.01
N ASP F 261 15.26 28.39 25.22
CA ASP F 261 16.53 29.10 25.34
C ASP F 261 17.33 28.69 26.58
N GLN F 262 16.66 28.20 27.62
CA GLN F 262 17.37 27.63 28.77
C GLN F 262 17.83 26.19 28.45
N PRO F 263 19.14 25.96 28.47
CA PRO F 263 19.63 24.63 28.11
C PRO F 263 19.17 23.56 29.08
N GLY F 264 18.88 23.96 30.31
CA GLY F 264 18.47 23.02 31.37
C GLY F 264 17.14 22.31 31.17
N VAL F 265 16.28 22.85 30.32
CA VAL F 265 14.92 22.34 30.21
C VAL F 265 14.84 21.12 29.31
N ALA F 266 14.26 20.04 29.82
CA ALA F 266 14.03 18.81 29.07
C ALA F 266 12.68 18.89 28.33
N ALA F 267 11.61 19.20 29.06
CA ALA F 267 10.29 19.26 28.44
C ALA F 267 9.40 20.27 29.13
N ALA F 268 8.42 20.77 28.38
CA ALA F 268 7.39 21.63 28.92
C ALA F 268 6.06 20.87 28.90
N ILE F 269 5.31 20.88 29.99
CA ILE F 269 4.02 20.19 30.03
C ILE F 269 2.96 21.14 29.58
N VAL F 270 2.12 20.73 28.61
CA VAL F 270 1.04 21.59 28.08
C VAL F 270 -0.33 21.03 28.45
N GLY F 271 -1.26 21.91 28.81
CA GLY F 271 -2.52 21.48 29.37
C GLY F 271 -3.68 21.28 28.41
N THR F 272 -3.45 21.45 27.12
CA THR F 272 -4.53 21.56 26.15
C THR F 272 -5.23 20.22 25.87
N ILE F 273 -6.54 20.27 25.68
CA ILE F 273 -7.31 19.08 25.24
C ILE F 273 -7.87 19.25 23.82
N ASN F 274 -7.72 20.44 23.24
CA ASN F 274 -8.18 20.70 21.86
C ASN F 274 -7.16 20.18 20.84
N PRO F 275 -7.52 19.16 20.06
CA PRO F 275 -6.53 18.53 19.19
C PRO F 275 -5.84 19.48 18.23
N LEU F 276 -6.58 20.47 17.76
CA LEU F 276 -6.00 21.45 16.85
C LEU F 276 -4.97 22.31 17.58
N HIS F 277 -5.28 22.74 18.81
CA HIS F 277 -4.32 23.52 19.62
C HIS F 277 -3.10 22.65 19.95
N LEU F 278 -3.29 21.35 20.13
CA LEU F 278 -2.18 20.46 20.43
C LEU F 278 -1.24 20.35 19.24
N ALA F 279 -1.82 20.19 18.05
CA ALA F 279 -1.03 20.10 16.83
C ALA F 279 -0.27 21.39 16.57
N HIS F 280 -0.94 22.49 16.84
CA HIS F 280 -0.32 23.79 16.74
C HIS F 280 0.81 23.95 17.75
N ASN F 281 0.53 23.66 19.02
CA ASN F 281 1.56 23.74 20.07
C ASN F 281 2.81 22.96 19.66
N VAL F 282 2.62 21.75 19.15
CA VAL F 282 3.73 20.93 18.72
C VAL F 282 4.50 21.60 17.58
N ALA F 283 3.78 22.18 16.63
CA ALA F 283 4.40 22.85 15.49
C ALA F 283 5.31 23.96 15.99
N MET F 284 4.76 24.80 16.86
CA MET F 284 5.51 25.95 17.38
C MET F 284 6.73 25.51 18.17
N ALA F 285 6.62 24.39 18.89
CA ALA F 285 7.75 23.88 19.67
C ALA F 285 8.86 23.40 18.75
N ALA F 286 8.49 22.76 17.65
CA ALA F 286 9.46 22.30 16.65
C ALA F 286 10.19 23.48 16.02
N GLN F 287 9.44 24.54 15.74
CA GLN F 287 10.00 25.76 15.16
C GLN F 287 10.94 26.49 16.12
N ALA F 288 10.59 26.50 17.41
CA ALA F 288 11.42 27.15 18.43
C ALA F 288 12.74 26.41 18.61
N LEU F 289 12.75 25.10 18.41
CA LEU F 289 13.96 24.29 18.56
C LEU F 289 14.78 24.17 17.26
N LYS F 290 14.24 24.64 16.13
CA LYS F 290 14.87 24.53 14.79
C LYS F 290 15.81 23.33 14.63
#